data_6V6R
# 
_entry.id   6V6R 
# 
_audit_conform.dict_name       mmcif_pdbx.dic 
_audit_conform.dict_version    5.387 
_audit_conform.dict_location   http://mmcif.pdb.org/dictionaries/ascii/mmcif_pdbx.dic 
# 
loop_
_database_2.database_id 
_database_2.database_code 
_database_2.pdbx_database_accession 
_database_2.pdbx_DOI 
PDB   6V6R         pdb_00006v6r 10.2210/pdb6v6r/pdb 
WWPDB D_1000245852 ?            ?                   
# 
loop_
_pdbx_audit_revision_history.ordinal 
_pdbx_audit_revision_history.data_content_type 
_pdbx_audit_revision_history.major_revision 
_pdbx_audit_revision_history.minor_revision 
_pdbx_audit_revision_history.revision_date 
1 'Structure model' 1 0 2020-12-09 
2 'Structure model' 1 1 2021-02-24 
3 'Structure model' 1 2 2021-03-10 
4 'Structure model' 1 3 2024-03-06 
# 
_pdbx_audit_revision_details.ordinal             1 
_pdbx_audit_revision_details.revision_ordinal    1 
_pdbx_audit_revision_details.data_content_type   'Structure model' 
_pdbx_audit_revision_details.provider            repository 
_pdbx_audit_revision_details.type                'Initial release' 
_pdbx_audit_revision_details.description         ? 
_pdbx_audit_revision_details.details             ? 
# 
loop_
_pdbx_audit_revision_group.ordinal 
_pdbx_audit_revision_group.revision_ordinal 
_pdbx_audit_revision_group.data_content_type 
_pdbx_audit_revision_group.group 
1 2 'Structure model' 'Database references' 
2 3 'Structure model' 'Database references' 
3 4 'Structure model' 'Data collection'     
4 4 'Structure model' 'Database references' 
# 
loop_
_pdbx_audit_revision_category.ordinal 
_pdbx_audit_revision_category.revision_ordinal 
_pdbx_audit_revision_category.data_content_type 
_pdbx_audit_revision_category.category 
1 2 'Structure model' citation        
2 2 'Structure model' citation_author 
3 3 'Structure model' citation        
4 4 'Structure model' chem_comp_atom  
5 4 'Structure model' chem_comp_bond  
6 4 'Structure model' database_2      
# 
loop_
_pdbx_audit_revision_item.ordinal 
_pdbx_audit_revision_item.revision_ordinal 
_pdbx_audit_revision_item.data_content_type 
_pdbx_audit_revision_item.item 
1  2 'Structure model' '_citation.country'                   
2  2 'Structure model' '_citation.journal_abbrev'            
3  2 'Structure model' '_citation.journal_id_ASTM'           
4  2 'Structure model' '_citation.journal_id_CSD'            
5  2 'Structure model' '_citation.journal_id_ISSN'           
6  2 'Structure model' '_citation.pdbx_database_id_DOI'      
7  2 'Structure model' '_citation.pdbx_database_id_PubMed'   
8  2 'Structure model' '_citation.title'                     
9  2 'Structure model' '_citation.year'                      
10 3 'Structure model' '_citation.journal_volume'            
11 3 'Structure model' '_citation.page_first'                
12 3 'Structure model' '_citation.page_last'                 
13 4 'Structure model' '_database_2.pdbx_DOI'                
14 4 'Structure model' '_database_2.pdbx_database_accession' 
# 
_pdbx_database_status.status_code                     REL 
_pdbx_database_status.status_code_sf                  REL 
_pdbx_database_status.status_code_mr                  ? 
_pdbx_database_status.entry_id                        6V6R 
_pdbx_database_status.recvd_initial_deposition_date   2019-12-05 
_pdbx_database_status.SG_entry                        N 
_pdbx_database_status.deposit_site                    RCSB 
_pdbx_database_status.process_site                    RCSB 
_pdbx_database_status.status_code_cs                  ? 
_pdbx_database_status.methods_development_category    ? 
_pdbx_database_status.pdb_format_compatible           Y 
_pdbx_database_status.status_code_nmr_data            ? 
# 
loop_
_pdbx_database_related.db_name 
_pdbx_database_related.details 
_pdbx_database_related.db_id 
_pdbx_database_related.content_type 
PDB . 6U40 unspecified 
PDB . 6UEF unspecified 
PDB . 6UDN unspecified 
PDB . 6UAL unspecified 
# 
loop_
_audit_author.name 
_audit_author.pdbx_ordinal 
_audit_author.identifier_ORCID 
'Simmons, C.R.'      1 ? 
'MacCulloch, T.'     2 ? 
'Stephanopoulos, N.' 3 ? 
'Yan, H.'            4 ? 
# 
_citation.abstract                  ? 
_citation.abstract_id_CAS           ? 
_citation.book_id_ISBN              ? 
_citation.book_publisher            ? 
_citation.book_publisher_city       ? 
_citation.book_title                ? 
_citation.coordinate_linkage        ? 
_citation.country                   GE 
_citation.database_id_Medline       ? 
_citation.details                   ? 
_citation.id                        primary 
_citation.journal_abbrev            Angew.Chem.Int.Ed.Engl. 
_citation.journal_id_ASTM           ACIEAY 
_citation.journal_id_CSD            0179 
_citation.journal_id_ISSN           1521-3773 
_citation.journal_full              ? 
_citation.journal_issue             ? 
_citation.journal_volume            59 
_citation.language                  ? 
_citation.page_first                18619 
_citation.page_last                 18626 
_citation.title                     
'A Self-Assembled Rhombohedral DNA Crystal Scaffold with Tunable Cavity Sizes and High-Resolution Structural Detail.' 
_citation.year                      2020 
_citation.database_id_CSD           ? 
_citation.pdbx_database_id_DOI      10.1002/anie.202005505 
_citation.pdbx_database_id_PubMed   32533629 
_citation.unpublished_flag          ? 
# 
loop_
_citation_author.citation_id 
_citation_author.name 
_citation_author.ordinal 
_citation_author.identifier_ORCID 
primary 'Simmons, C.R.'      1 0000-0002-2290-6132 
primary 'MacCulloch, T.'     2 0000-0001-5875-3361 
primary 'Zhang, F.'          3 0000-0002-3177-7547 
primary 'Liu, Y.'            4 ?                   
primary 'Stephanopoulos, N.' 5 0000-0001-7859-410X 
primary 'Yan, H.'            6 0000-0001-7397-9852 
# 
loop_
_entity.id 
_entity.type 
_entity.src_method 
_entity.pdbx_description 
_entity.formula_weight 
_entity.pdbx_number_of_molecules 
_entity.pdbx_ec 
_entity.pdbx_mutation 
_entity.pdbx_fragment 
_entity.details 
1 polymer     syn 
;DNA (5'-D(*CP*AP*CP*TP*GP*AP*CP*TP*CP*AP*TP*GP*CP*TP*CP*AP*TP*CP*TP*GP*A)-3')
;
6358.123 1 ? ? ? ? 
2 polymer     syn 
;DNA (5'-D(P*AP*GP*CP*AP*TP*GP*A)-3')
;
2146.449 1 ? ? ? ? 
3 polymer     syn 
;DNA (5'-D(*TP*GP*TP*CP*AP*GP*AP*TP*G)-3')
;
2770.834 1 ? ? ? ? 
4 polymer     syn 
;DNA (5'-D(P*GP*TP*CP*AP*G)-3')
;
1520.036 1 ? ? ? ? 
5 non-polymer syn 'CACODYLATE ION'                                                                136.989  2 ? ? ? ? 
# 
loop_
_entity_poly.entity_id 
_entity_poly.type 
_entity_poly.nstd_linkage 
_entity_poly.nstd_monomer 
_entity_poly.pdbx_seq_one_letter_code 
_entity_poly.pdbx_seq_one_letter_code_can 
_entity_poly.pdbx_strand_id 
_entity_poly.pdbx_target_identifier 
1 polydeoxyribonucleotide no no 
;(DC)(DA)(DC)(DT)(DG)(DA)(DC)(DT)(DC)(DA)(DT)(DG)(DC)(DT)(DC)(DA)(DT)(DC)(DT)(DG)
(DA)
;
CACTGACTCATGCTCATCTGA B ? 
2 polydeoxyribonucleotide no no '(DA)(DG)(DC)(DA)(DT)(DG)(DA)'                                                          AGCATGA A 
? 
3 polydeoxyribonucleotide no no '(DT)(DG)(DT)(DC)(DA)(DG)(DA)(DT)(DG)'                                                  TGTCAGATG 
C ? 
4 polydeoxyribonucleotide no no '(DG)(DT)(DC)(DA)(DG)'                                                                  GTCAG D ? 
# 
_pdbx_entity_nonpoly.entity_id   5 
_pdbx_entity_nonpoly.name        'CACODYLATE ION' 
_pdbx_entity_nonpoly.comp_id     CAC 
# 
loop_
_entity_poly_seq.entity_id 
_entity_poly_seq.num 
_entity_poly_seq.mon_id 
_entity_poly_seq.hetero 
1 1  DC n 
1 2  DA n 
1 3  DC n 
1 4  DT n 
1 5  DG n 
1 6  DA n 
1 7  DC n 
1 8  DT n 
1 9  DC n 
1 10 DA n 
1 11 DT n 
1 12 DG n 
1 13 DC n 
1 14 DT n 
1 15 DC n 
1 16 DA n 
1 17 DT n 
1 18 DC n 
1 19 DT n 
1 20 DG n 
1 21 DA n 
2 1  DA n 
2 2  DG n 
2 3  DC n 
2 4  DA n 
2 5  DT n 
2 6  DG n 
2 7  DA n 
3 1  DT n 
3 2  DG n 
3 3  DT n 
3 4  DC n 
3 5  DA n 
3 6  DG n 
3 7  DA n 
3 8  DT n 
3 9  DG n 
4 1  DG n 
4 2  DT n 
4 3  DC n 
4 4  DA n 
4 5  DG n 
# 
loop_
_pdbx_entity_src_syn.entity_id 
_pdbx_entity_src_syn.pdbx_src_id 
_pdbx_entity_src_syn.pdbx_alt_source_flag 
_pdbx_entity_src_syn.pdbx_beg_seq_num 
_pdbx_entity_src_syn.pdbx_end_seq_num 
_pdbx_entity_src_syn.organism_scientific 
_pdbx_entity_src_syn.organism_common_name 
_pdbx_entity_src_syn.ncbi_taxonomy_id 
_pdbx_entity_src_syn.details 
1 1 sample 1 21 'synthetic construct' ? 32630 ? 
2 1 sample 1 7  'synthetic construct' ? 32630 ? 
3 1 sample 1 9  'synthetic construct' ? 32630 ? 
4 1 sample 1 5  'synthetic construct' ? 32630 ? 
# 
loop_
_chem_comp.id 
_chem_comp.type 
_chem_comp.mon_nstd_flag 
_chem_comp.name 
_chem_comp.pdbx_synonyms 
_chem_comp.formula 
_chem_comp.formula_weight 
CAC non-polymer   . 'CACODYLATE ION'                     dimethylarsinate 'C2 H6 As O2 -1'  136.989 
DA  'DNA linking' y "2'-DEOXYADENOSINE-5'-MONOPHOSPHATE" ?                'C10 H14 N5 O6 P' 331.222 
DC  'DNA linking' y "2'-DEOXYCYTIDINE-5'-MONOPHOSPHATE"  ?                'C9 H14 N3 O7 P'  307.197 
DG  'DNA linking' y "2'-DEOXYGUANOSINE-5'-MONOPHOSPHATE" ?                'C10 H14 N5 O7 P' 347.221 
DT  'DNA linking' y "THYMIDINE-5'-MONOPHOSPHATE"         ?                'C10 H15 N2 O8 P' 322.208 
# 
loop_
_pdbx_poly_seq_scheme.asym_id 
_pdbx_poly_seq_scheme.entity_id 
_pdbx_poly_seq_scheme.seq_id 
_pdbx_poly_seq_scheme.mon_id 
_pdbx_poly_seq_scheme.ndb_seq_num 
_pdbx_poly_seq_scheme.pdb_seq_num 
_pdbx_poly_seq_scheme.auth_seq_num 
_pdbx_poly_seq_scheme.pdb_mon_id 
_pdbx_poly_seq_scheme.auth_mon_id 
_pdbx_poly_seq_scheme.pdb_strand_id 
_pdbx_poly_seq_scheme.pdb_ins_code 
_pdbx_poly_seq_scheme.hetero 
A 1 1  DC 1  5  5  DC DC B . n 
A 1 2  DA 2  6  6  DA DA B . n 
A 1 3  DC 3  7  7  DC DC B . n 
A 1 4  DT 4  8  8  DT DT B . n 
A 1 5  DG 5  9  9  DG DG B . n 
A 1 6  DA 6  10 10 DA DA B . n 
A 1 7  DC 7  11 11 DC DC B . n 
A 1 8  DT 8  12 12 DT DT B . n 
A 1 9  DC 9  13 13 DC DC B . n 
A 1 10 DA 10 14 14 DA DA B . n 
A 1 11 DT 11 15 15 DT DT B . n 
A 1 12 DG 12 16 16 DG DG B . n 
A 1 13 DC 13 17 17 DC DC B . n 
A 1 14 DT 14 18 18 DT DT B . n 
A 1 15 DC 15 19 19 DC DC B . n 
A 1 16 DA 16 20 20 DA DA B . n 
A 1 17 DT 17 21 21 DT DT B . n 
A 1 18 DC 18 22 22 DC DC B . n 
A 1 19 DT 19 23 23 DT DT B . n 
A 1 20 DG 20 24 24 DG DG B . n 
A 1 21 DA 21 25 25 DA DA B . n 
B 2 1  DA 1  65 65 DA DA A . n 
B 2 2  DG 2  66 66 DG DG A . n 
B 2 3  DC 3  67 67 DC DC A . n 
B 2 4  DA 4  68 68 DA DA A . n 
B 2 5  DT 5  69 69 DT DT A . n 
B 2 6  DG 6  70 70 DG DG A . n 
B 2 7  DA 7  71 71 DA DA A . n 
C 3 1  DT 1  56 56 DT DT C . n 
C 3 2  DG 2  57 57 DG DG C . n 
C 3 3  DT 3  58 58 DT DT C . n 
C 3 4  DC 4  59 59 DC DC C . n 
C 3 5  DA 5  60 60 DA DA C . n 
C 3 6  DG 6  61 61 DG DG C . n 
C 3 7  DA 7  62 62 DA DA C . n 
C 3 8  DT 8  63 63 DT DT C . n 
C 3 9  DG 9  64 64 DG DG C . n 
D 4 1  DG 1  72 72 DG DG D . n 
D 4 2  DT 2  73 73 DT DT D . n 
D 4 3  DC 3  74 74 DC DC D . n 
D 4 4  DA 4  75 75 DA DA D . n 
D 4 5  DG 5  76 76 DG DG D . n 
# 
loop_
_pdbx_nonpoly_scheme.asym_id 
_pdbx_nonpoly_scheme.entity_id 
_pdbx_nonpoly_scheme.mon_id 
_pdbx_nonpoly_scheme.ndb_seq_num 
_pdbx_nonpoly_scheme.pdb_seq_num 
_pdbx_nonpoly_scheme.auth_seq_num 
_pdbx_nonpoly_scheme.pdb_mon_id 
_pdbx_nonpoly_scheme.auth_mon_id 
_pdbx_nonpoly_scheme.pdb_strand_id 
_pdbx_nonpoly_scheme.pdb_ins_code 
E 5 CAC 1 101 4 CAC AS A . 
F 5 CAC 1 101 3 CAC AS D . 
# 
loop_
_pdbx_unobs_or_zero_occ_atoms.id 
_pdbx_unobs_or_zero_occ_atoms.PDB_model_num 
_pdbx_unobs_or_zero_occ_atoms.polymer_flag 
_pdbx_unobs_or_zero_occ_atoms.occupancy_flag 
_pdbx_unobs_or_zero_occ_atoms.auth_asym_id 
_pdbx_unobs_or_zero_occ_atoms.auth_comp_id 
_pdbx_unobs_or_zero_occ_atoms.auth_seq_id 
_pdbx_unobs_or_zero_occ_atoms.PDB_ins_code 
_pdbx_unobs_or_zero_occ_atoms.auth_atom_id 
_pdbx_unobs_or_zero_occ_atoms.label_alt_id 
_pdbx_unobs_or_zero_occ_atoms.label_asym_id 
_pdbx_unobs_or_zero_occ_atoms.label_comp_id 
_pdbx_unobs_or_zero_occ_atoms.label_seq_id 
_pdbx_unobs_or_zero_occ_atoms.label_atom_id 
1 1 N 1 A CAC 101 ? O1 ? E CAC 1 O1 
2 1 N 1 A CAC 101 ? O2 ? E CAC 1 O2 
3 1 N 1 A CAC 101 ? C1 ? E CAC 1 C1 
4 1 N 1 A CAC 101 ? C2 ? E CAC 1 C2 
5 1 N 1 D CAC 101 ? O1 ? F CAC 1 O1 
6 1 N 1 D CAC 101 ? O2 ? F CAC 1 O2 
7 1 N 1 D CAC 101 ? C1 ? F CAC 1 C1 
8 1 N 1 D CAC 101 ? C2 ? F CAC 1 C2 
# 
loop_
_software.citation_id 
_software.classification 
_software.compiler_name 
_software.compiler_version 
_software.contact_author 
_software.contact_author_email 
_software.date 
_software.description 
_software.dependencies 
_software.hardware 
_software.language 
_software.location 
_software.mods 
_software.name 
_software.os 
_software.os_version 
_software.type 
_software.version 
_software.pdbx_ordinal 
? 'data reduction'  ? ? ? ? ? ? ? ? ? ? ? HKL-2000    ? ? ? .           1 
? 'data scaling'    ? ? ? ? ? ? ? ? ? ? ? HKL-2000    ? ? ? .           2 
? refinement        ? ? ? ? ? ? ? ? ? ? ? PHENIX      ? ? ? 1.11.1_2575 3 
? 'data extraction' ? ? ? ? ? ? ? ? ? ? ? PDB_EXTRACT ? ? ? 3.25        4 
? phasing           ? ? ? ? ? ? ? ? ? ? ? HKL2Map     ? ? ? .           5 
# 
_cell.angle_alpha                  90.000 
_cell.angle_alpha_esd              ? 
_cell.angle_beta                   90.000 
_cell.angle_beta_esd               ? 
_cell.angle_gamma                  120.000 
_cell.angle_gamma_esd              ? 
_cell.entry_id                     6V6R 
_cell.details                      ? 
_cell.formula_units_Z              ? 
_cell.length_a                     115.806 
_cell.length_a_esd                 ? 
_cell.length_b                     115.806 
_cell.length_b_esd                 ? 
_cell.length_c                     44.748 
_cell.length_c_esd                 ? 
_cell.volume                       ? 
_cell.volume_esd                   ? 
_cell.Z_PDB                        9 
_cell.reciprocal_angle_alpha       ? 
_cell.reciprocal_angle_beta        ? 
_cell.reciprocal_angle_gamma       ? 
_cell.reciprocal_angle_alpha_esd   ? 
_cell.reciprocal_angle_beta_esd    ? 
_cell.reciprocal_angle_gamma_esd   ? 
_cell.reciprocal_length_a          ? 
_cell.reciprocal_length_b          ? 
_cell.reciprocal_length_c          ? 
_cell.reciprocal_length_a_esd      ? 
_cell.reciprocal_length_b_esd      ? 
_cell.reciprocal_length_c_esd      ? 
_cell.pdbx_unique_axis             ? 
# 
_symmetry.entry_id                         6V6R 
_symmetry.cell_setting                     ? 
_symmetry.Int_Tables_number                146 
_symmetry.space_group_name_Hall            ? 
_symmetry.space_group_name_H-M             'H 3' 
_symmetry.pdbx_full_space_group_name_H-M   ? 
# 
_exptl.absorpt_coefficient_mu     ? 
_exptl.absorpt_correction_T_max   ? 
_exptl.absorpt_correction_T_min   ? 
_exptl.absorpt_correction_type    ? 
_exptl.absorpt_process_details    ? 
_exptl.entry_id                   6V6R 
_exptl.crystals_number            1 
_exptl.details                    ? 
_exptl.method                     'X-RAY DIFFRACTION' 
_exptl.method_details             ? 
# 
_exptl_crystal.colour                      ? 
_exptl_crystal.density_diffrn              ? 
_exptl_crystal.density_Matthews            4.51 
_exptl_crystal.density_method              ? 
_exptl_crystal.density_percent_sol         72.75 
_exptl_crystal.description                 ? 
_exptl_crystal.F_000                       ? 
_exptl_crystal.id                          1 
_exptl_crystal.preparation                 ? 
_exptl_crystal.size_max                    ? 
_exptl_crystal.size_mid                    ? 
_exptl_crystal.size_min                    ? 
_exptl_crystal.size_rad                    ? 
_exptl_crystal.colour_lustre               ? 
_exptl_crystal.colour_modifier             ? 
_exptl_crystal.colour_primary              ? 
_exptl_crystal.density_meas                ? 
_exptl_crystal.density_meas_esd            ? 
_exptl_crystal.density_meas_gt             ? 
_exptl_crystal.density_meas_lt             ? 
_exptl_crystal.density_meas_temp           ? 
_exptl_crystal.density_meas_temp_esd       ? 
_exptl_crystal.density_meas_temp_gt        ? 
_exptl_crystal.density_meas_temp_lt        ? 
_exptl_crystal.pdbx_crystal_image_url      ? 
_exptl_crystal.pdbx_crystal_image_format   ? 
_exptl_crystal.pdbx_mosaicity              ? 
_exptl_crystal.pdbx_mosaicity_esd          ? 
# 
_exptl_crystal_grow.apparatus       ? 
_exptl_crystal_grow.atmosphere      ? 
_exptl_crystal_grow.crystal_id      1 
_exptl_crystal_grow.details         ? 
_exptl_crystal_grow.method          'VAPOR DIFFUSION, SITTING DROP' 
_exptl_crystal_grow.method_ref      ? 
_exptl_crystal_grow.pH              ? 
_exptl_crystal_grow.pressure        ? 
_exptl_crystal_grow.pressure_esd    ? 
_exptl_crystal_grow.seeding         ? 
_exptl_crystal_grow.seeding_ref     ? 
_exptl_crystal_grow.temp            298 
_exptl_crystal_grow.temp_details    'temperature gradient generated from 60 to 25 C at 0.3 degrees per hour' 
_exptl_crystal_grow.temp_esd        ? 
_exptl_crystal_grow.time            ? 
_exptl_crystal_grow.pdbx_details    
;Crystallization conditions: 0.5 mL of 50 mM cacodylate pH 6.5 with 100 mM MgCl2, 1 mM cobalt hexamine, and 10% Ethanol was added to the reservoir with 2 uL added to the drop containing 4 uL of DNA stock.
;
_exptl_crystal_grow.pdbx_pH_range   ? 
# 
_diffrn.ambient_environment              ? 
_diffrn.ambient_temp                     100 
_diffrn.ambient_temp_details             ? 
_diffrn.ambient_temp_esd                 ? 
_diffrn.crystal_id                       1 
_diffrn.crystal_support                  ? 
_diffrn.crystal_treatment                ? 
_diffrn.details                          ? 
_diffrn.id                               1 
_diffrn.ambient_pressure                 ? 
_diffrn.ambient_pressure_esd             ? 
_diffrn.ambient_pressure_gt              ? 
_diffrn.ambient_pressure_lt              ? 
_diffrn.ambient_temp_gt                  ? 
_diffrn.ambient_temp_lt                  ? 
_diffrn.pdbx_serial_crystal_experiment   N 
# 
_diffrn_detector.details                      ? 
_diffrn_detector.detector                     PIXEL 
_diffrn_detector.diffrn_id                    1 
_diffrn_detector.type                         'DECTRIS PILATUS3 S 6M' 
_diffrn_detector.area_resol_mean              ? 
_diffrn_detector.dtime                        ? 
_diffrn_detector.pdbx_frames_total            ? 
_diffrn_detector.pdbx_collection_time_total   ? 
_diffrn_detector.pdbx_collection_date         2018-08-15 
_diffrn_detector.pdbx_frequency               ? 
# 
_diffrn_radiation.collimation                      ? 
_diffrn_radiation.diffrn_id                        1 
_diffrn_radiation.filter_edge                      ? 
_diffrn_radiation.inhomogeneity                    ? 
_diffrn_radiation.monochromator                    ? 
_diffrn_radiation.polarisn_norm                    ? 
_diffrn_radiation.polarisn_ratio                   ? 
_diffrn_radiation.probe                            ? 
_diffrn_radiation.type                             ? 
_diffrn_radiation.xray_symbol                      ? 
_diffrn_radiation.wavelength_id                    1 
_diffrn_radiation.pdbx_monochromatic_or_laue_m_l   M 
_diffrn_radiation.pdbx_wavelength_list             ? 
_diffrn_radiation.pdbx_wavelength                  ? 
_diffrn_radiation.pdbx_diffrn_protocol             'SINGLE WAVELENGTH' 
_diffrn_radiation.pdbx_analyzer                    ? 
_diffrn_radiation.pdbx_scattering_type             x-ray 
# 
_diffrn_radiation_wavelength.id           1 
_diffrn_radiation_wavelength.wavelength   0.92 
_diffrn_radiation_wavelength.wt           1.0 
# 
_diffrn_source.current                     ? 
_diffrn_source.details                     ? 
_diffrn_source.diffrn_id                   1 
_diffrn_source.power                       ? 
_diffrn_source.size                        ? 
_diffrn_source.source                      SYNCHROTRON 
_diffrn_source.target                      ? 
_diffrn_source.type                        'ALS BEAMLINE 5.0.2' 
_diffrn_source.voltage                     ? 
_diffrn_source.take-off_angle              ? 
_diffrn_source.pdbx_wavelength_list        0.92 
_diffrn_source.pdbx_wavelength             ? 
_diffrn_source.pdbx_synchrotron_beamline   5.0.2 
_diffrn_source.pdbx_synchrotron_site       ALS 
# 
_reflns.B_iso_Wilson_estimate            83.160 
_reflns.entry_id                         6V6R 
_reflns.data_reduction_details           ? 
_reflns.data_reduction_method            ? 
_reflns.d_resolution_high                2.700 
_reflns.d_resolution_low                 50.000 
_reflns.details                          ? 
_reflns.limit_h_max                      ? 
_reflns.limit_h_min                      ? 
_reflns.limit_k_max                      ? 
_reflns.limit_k_min                      ? 
_reflns.limit_l_max                      ? 
_reflns.limit_l_min                      ? 
_reflns.number_all                       ? 
_reflns.number_obs                       12116 
_reflns.observed_criterion               ? 
_reflns.observed_criterion_F_max         ? 
_reflns.observed_criterion_F_min         ? 
_reflns.observed_criterion_I_max         ? 
_reflns.observed_criterion_I_min         ? 
_reflns.observed_criterion_sigma_F       ? 
_reflns.observed_criterion_sigma_I       ? 
_reflns.percent_possible_obs             98.500 
_reflns.R_free_details                   ? 
_reflns.Rmerge_F_all                     ? 
_reflns.Rmerge_F_obs                     ? 
_reflns.Friedel_coverage                 ? 
_reflns.number_gt                        ? 
_reflns.threshold_expression             ? 
_reflns.pdbx_redundancy                  2.400 
_reflns.pdbx_Rmerge_I_obs                0.062 
_reflns.pdbx_Rmerge_I_all                ? 
_reflns.pdbx_Rsym_value                  ? 
_reflns.pdbx_netI_over_av_sigmaI         ? 
_reflns.pdbx_netI_over_sigmaI            18.100 
_reflns.pdbx_res_netI_over_av_sigmaI_2   ? 
_reflns.pdbx_res_netI_over_sigmaI_2      ? 
_reflns.pdbx_chi_squared                 4.404 
_reflns.pdbx_scaling_rejects             ? 
_reflns.pdbx_d_res_high_opt              ? 
_reflns.pdbx_d_res_low_opt               ? 
_reflns.pdbx_d_res_opt_method            ? 
_reflns.phase_calculation_details        ? 
_reflns.pdbx_Rrim_I_all                  0.079 
_reflns.pdbx_Rpim_I_all                  0.049 
_reflns.pdbx_d_opt                       ? 
_reflns.pdbx_number_measured_all         ? 
_reflns.pdbx_diffrn_id                   1 
_reflns.pdbx_ordinal                     1 
_reflns.pdbx_CC_half                     0.93 
_reflns.pdbx_CC_star                     ? 
_reflns.pdbx_R_split                     ? 
# 
loop_
_reflns_shell.d_res_high 
_reflns_shell.d_res_low 
_reflns_shell.meanI_over_sigI_all 
_reflns_shell.meanI_over_sigI_obs 
_reflns_shell.number_measured_all 
_reflns_shell.number_measured_obs 
_reflns_shell.number_possible 
_reflns_shell.number_unique_all 
_reflns_shell.number_unique_obs 
_reflns_shell.percent_possible_all 
_reflns_shell.percent_possible_obs 
_reflns_shell.Rmerge_F_all 
_reflns_shell.Rmerge_F_obs 
_reflns_shell.Rmerge_I_all 
_reflns_shell.Rmerge_I_obs 
_reflns_shell.meanI_over_sigI_gt 
_reflns_shell.meanI_over_uI_all 
_reflns_shell.meanI_over_uI_gt 
_reflns_shell.number_measured_gt 
_reflns_shell.number_unique_gt 
_reflns_shell.percent_possible_gt 
_reflns_shell.Rmerge_F_gt 
_reflns_shell.Rmerge_I_gt 
_reflns_shell.pdbx_redundancy 
_reflns_shell.pdbx_Rsym_value 
_reflns_shell.pdbx_chi_squared 
_reflns_shell.pdbx_netI_over_sigmaI_all 
_reflns_shell.pdbx_netI_over_sigmaI_obs 
_reflns_shell.pdbx_Rrim_I_all 
_reflns_shell.pdbx_Rpim_I_all 
_reflns_shell.pdbx_rejects 
_reflns_shell.pdbx_ordinal 
_reflns_shell.pdbx_diffrn_id 
_reflns_shell.pdbx_CC_half 
_reflns_shell.pdbx_CC_star 
_reflns_shell.pdbx_R_split 
2.700 2.750  ? ? ? ? ? ? 555 92.500  ? ? ? ? 0.637 ? ? ? ? ? ? ? ? 1.900 ? 0.547  ? ? 0.833 0.530 ? 1  1 0.621 ? ? 
2.750 2.800  ? ? ? ? ? ? 578 95.700  ? ? ? ? 0.383 ? ? ? ? ? ? ? ? 2.100 ? 0.578  ? ? 0.495 0.310 ? 2  1 0.788 ? ? 
2.800 2.850  ? ? ? ? ? ? 605 96.000  ? ? ? ? 0.390 ? ? ? ? ? ? ? ? 2.100 ? 0.635  ? ? 0.504 0.316 ? 3  1 0.752 ? ? 
2.850 2.910  ? ? ? ? ? ? 603 98.500  ? ? ? ? 0.276 ? ? ? ? ? ? ? ? 2.400 ? 0.552  ? ? 0.351 0.215 ? 4  1 0.876 ? ? 
2.910 2.970  ? ? ? ? ? ? 623 98.900  ? ? ? ? 0.189 ? ? ? ? ? ? ? ? 2.500 ? 0.845  ? ? 0.239 0.145 ? 5  1 0.915 ? ? 
2.970 3.040  ? ? ? ? ? ? 633 99.500  ? ? ? ? 0.154 ? ? ? ? ? ? ? ? 2.500 ? 0.983  ? ? 0.195 0.118 ? 6  1 0.975 ? ? 
3.040 3.120  ? ? ? ? ? ? 590 99.700  ? ? ? ? 0.116 ? ? ? ? ? ? ? ? 2.500 ? 2.087  ? ? 0.147 0.090 ? 7  1 0.875 ? ? 
3.120 3.200  ? ? ? ? ? ? 618 99.000  ? ? ? ? 0.086 ? ? ? ? ? ? ? ? 2.400 ? 2.445  ? ? 0.110 0.067 ? 8  1 0.989 ? ? 
3.200 3.300  ? ? ? ? ? ? 566 98.300  ? ? ? ? 0.074 ? ? ? ? ? ? ? ? 2.500 ? 3.674  ? ? 0.092 0.055 ? 9  1 0.987 ? ? 
3.300 3.400  ? ? ? ? ? ? 624 98.100  ? ? ? ? 0.112 ? ? ? ? ? ? ? ? 2.400 ? 4.604  ? ? 0.150 0.099 ? 10 1 0.656 ? ? 
3.400 3.520  ? ? ? ? ? ? 594 99.000  ? ? ? ? 0.063 ? ? ? ? ? ? ? ? 2.400 ? 4.400  ? ? 0.081 0.051 ? 11 1 0.994 ? ? 
3.520 3.660  ? ? ? ? ? ? 624 99.400  ? ? ? ? 0.081 ? ? ? ? ? ? ? ? 2.600 ? 5.728  ? ? 0.102 0.061 ? 12 1 0.988 ? ? 
3.660 3.830  ? ? ? ? ? ? 609 99.800  ? ? ? ? 0.086 ? ? ? ? ? ? ? ? 2.600 ? 6.178  ? ? 0.107 0.064 ? 13 1 0.982 ? ? 
3.830 4.030  ? ? ? ? ? ? 654 100.000 ? ? ? ? 0.065 ? ? ? ? ? ? ? ? 2.600 ? 5.431  ? ? 0.082 0.049 ? 14 1 0.988 ? ? 
4.030 4.290  ? ? ? ? ? ? 612 100.000 ? ? ? ? 0.056 ? ? ? ? ? ? ? ? 2.500 ? 4.568  ? ? 0.071 0.043 ? 15 1 0.988 ? ? 
4.290 4.620  ? ? ? ? ? ? 580 99.000  ? ? ? ? 0.062 ? ? ? ? ? ? ? ? 2.400 ? 6.832  ? ? 0.079 0.048 ? 16 1 0.988 ? ? 
4.620 5.080  ? ? ? ? ? ? 609 99.800  ? ? ? ? 0.056 ? ? ? ? ? ? ? ? 2.600 ? 6.382  ? ? 0.070 0.042 ? 17 1 0.991 ? ? 
5.080 5.810  ? ? ? ? ? ? 608 99.700  ? ? ? ? 0.055 ? ? ? ? ? ? ? ? 2.600 ? 7.914  ? ? 0.070 0.042 ? 18 1 0.991 ? ? 
5.810 7.320  ? ? ? ? ? ? 637 99.200  ? ? ? ? 0.051 ? ? ? ? ? ? ? ? 2.400 ? 10.027 ? ? 0.065 0.040 ? 19 1 0.992 ? ? 
7.320 50.000 ? ? ? ? ? ? 594 98.000  ? ? ? ? 0.049 ? ? ? ? ? ? ? ? 2.500 ? 8.554  ? ? 0.063 0.039 ? 20 1 0.992 ? ? 
# 
_refine.aniso_B[1][1]                            ? 
_refine.aniso_B[1][2]                            ? 
_refine.aniso_B[1][3]                            ? 
_refine.aniso_B[2][2]                            ? 
_refine.aniso_B[2][3]                            ? 
_refine.aniso_B[3][3]                            ? 
_refine.B_iso_max                                182.540 
_refine.B_iso_mean                               109.8962 
_refine.B_iso_min                                52.240 
_refine.correlation_coeff_Fo_to_Fc               ? 
_refine.correlation_coeff_Fo_to_Fc_free          ? 
_refine.details                                  ? 
_refine.diff_density_max                         ? 
_refine.diff_density_max_esd                     ? 
_refine.diff_density_min                         ? 
_refine.diff_density_min_esd                     ? 
_refine.diff_density_rms                         ? 
_refine.diff_density_rms_esd                     ? 
_refine.entry_id                                 6V6R 
_refine.pdbx_refine_id                           'X-RAY DIFFRACTION' 
_refine.ls_abs_structure_details                 ? 
_refine.ls_abs_structure_Flack                   ? 
_refine.ls_abs_structure_Flack_esd               ? 
_refine.ls_abs_structure_Rogers                  ? 
_refine.ls_abs_structure_Rogers_esd              ? 
_refine.ls_d_res_high                            2.7000 
_refine.ls_d_res_low                             40.8650 
_refine.ls_extinction_coef                       ? 
_refine.ls_extinction_coef_esd                   ? 
_refine.ls_extinction_expression                 ? 
_refine.ls_extinction_method                     ? 
_refine.ls_goodness_of_fit_all                   ? 
_refine.ls_goodness_of_fit_all_esd               ? 
_refine.ls_goodness_of_fit_obs                   ? 
_refine.ls_goodness_of_fit_obs_esd               ? 
_refine.ls_hydrogen_treatment                    ? 
_refine.ls_matrix_type                           ? 
_refine.ls_number_constraints                    ? 
_refine.ls_number_parameters                     ? 
_refine.ls_number_reflns_all                     ? 
_refine.ls_number_reflns_obs                     12050 
_refine.ls_number_reflns_R_free                  602 
_refine.ls_number_reflns_R_work                  ? 
_refine.ls_number_restraints                     ? 
_refine.ls_percent_reflns_obs                    97.9800 
_refine.ls_percent_reflns_R_free                 5.0000 
_refine.ls_R_factor_all                          ? 
_refine.ls_R_factor_obs                          0.2435 
_refine.ls_R_factor_R_free                       0.2786 
_refine.ls_R_factor_R_free_error                 ? 
_refine.ls_R_factor_R_free_error_details         ? 
_refine.ls_R_factor_R_work                       0.2416 
_refine.ls_R_Fsqd_factor_obs                     ? 
_refine.ls_R_I_factor_obs                        ? 
_refine.ls_redundancy_reflns_all                 ? 
_refine.ls_redundancy_reflns_obs                 ? 
_refine.ls_restrained_S_all                      ? 
_refine.ls_restrained_S_obs                      ? 
_refine.ls_shift_over_esd_max                    ? 
_refine.ls_shift_over_esd_mean                   ? 
_refine.ls_structure_factor_coef                 ? 
_refine.ls_weighting_details                     ? 
_refine.ls_weighting_scheme                      ? 
_refine.ls_wR_factor_all                         ? 
_refine.ls_wR_factor_obs                         ? 
_refine.ls_wR_factor_R_free                      ? 
_refine.ls_wR_factor_R_work                      ? 
_refine.occupancy_max                            ? 
_refine.occupancy_min                            ? 
_refine.solvent_model_details                    ? 
_refine.solvent_model_param_bsol                 ? 
_refine.solvent_model_param_ksol                 ? 
_refine.pdbx_R_complete                          ? 
_refine.ls_R_factor_gt                           ? 
_refine.ls_goodness_of_fit_gt                    ? 
_refine.ls_goodness_of_fit_ref                   ? 
_refine.ls_shift_over_su_max                     ? 
_refine.ls_shift_over_su_max_lt                  ? 
_refine.ls_shift_over_su_mean                    ? 
_refine.ls_shift_over_su_mean_lt                 ? 
_refine.pdbx_ls_sigma_I                          ? 
_refine.pdbx_ls_sigma_F                          1.960 
_refine.pdbx_ls_sigma_Fsqd                       ? 
_refine.pdbx_data_cutoff_high_absF               ? 
_refine.pdbx_data_cutoff_high_rms_absF           ? 
_refine.pdbx_data_cutoff_low_absF                ? 
_refine.pdbx_isotropic_thermal_model             ? 
_refine.pdbx_ls_cross_valid_method               THROUGHOUT 
_refine.pdbx_method_to_determine_struct          SAD 
_refine.pdbx_starting_model                      ? 
_refine.pdbx_stereochemistry_target_values       ? 
_refine.pdbx_R_Free_selection_details            ? 
_refine.pdbx_stereochem_target_val_spec_case     ? 
_refine.pdbx_overall_ESU_R                       ? 
_refine.pdbx_overall_ESU_R_Free                  ? 
_refine.pdbx_solvent_vdw_probe_radii             1.1100 
_refine.pdbx_solvent_ion_probe_radii             ? 
_refine.pdbx_solvent_shrinkage_radii             0.9000 
_refine.pdbx_real_space_R                        ? 
_refine.pdbx_density_correlation                 ? 
_refine.pdbx_pd_number_of_powder_patterns        ? 
_refine.pdbx_pd_number_of_points                 ? 
_refine.pdbx_pd_meas_number_of_points            ? 
_refine.pdbx_pd_proc_ls_prof_R_factor            ? 
_refine.pdbx_pd_proc_ls_prof_wR_factor           ? 
_refine.pdbx_pd_Marquardt_correlation_coeff      ? 
_refine.pdbx_pd_Fsqrd_R_factor                   ? 
_refine.pdbx_pd_ls_matrix_band_width             ? 
_refine.pdbx_overall_phase_error                 42.0200 
_refine.pdbx_overall_SU_R_free_Cruickshank_DPI   ? 
_refine.pdbx_overall_SU_R_free_Blow_DPI          ? 
_refine.pdbx_overall_SU_R_Blow_DPI               ? 
_refine.pdbx_TLS_residual_ADP_flag               ? 
_refine.pdbx_diffrn_id                           1 
_refine.overall_SU_B                             ? 
_refine.overall_SU_ML                            0.4600 
_refine.overall_SU_R_Cruickshank_DPI             ? 
_refine.overall_SU_R_free                        ? 
_refine.overall_FOM_free_R_set                   ? 
_refine.overall_FOM_work_R_set                   ? 
_refine.pdbx_average_fsc_overall                 ? 
_refine.pdbx_average_fsc_work                    ? 
_refine.pdbx_average_fsc_free                    ? 
# 
_refine_hist.pdbx_refine_id                   'X-RAY DIFFRACTION' 
_refine_hist.cycle_id                         final 
_refine_hist.details                          ? 
_refine_hist.d_res_high                       2.7000 
_refine_hist.d_res_low                        40.8650 
_refine_hist.number_atoms_solvent             0 
_refine_hist.number_atoms_total               857 
_refine_hist.number_reflns_all                ? 
_refine_hist.number_reflns_obs                ? 
_refine_hist.number_reflns_R_free             ? 
_refine_hist.number_reflns_R_work             ? 
_refine_hist.R_factor_all                     ? 
_refine_hist.R_factor_obs                     ? 
_refine_hist.R_factor_R_free                  ? 
_refine_hist.R_factor_R_work                  ? 
_refine_hist.pdbx_number_residues_total       42 
_refine_hist.pdbx_B_iso_mean_ligand           172.38 
_refine_hist.pdbx_B_iso_mean_solvent          ? 
_refine_hist.pdbx_number_atoms_protein        0 
_refine_hist.pdbx_number_atoms_nucleic_acid   855 
_refine_hist.pdbx_number_atoms_ligand         2 
_refine_hist.pdbx_number_atoms_lipid          ? 
_refine_hist.pdbx_number_atoms_carb           ? 
_refine_hist.pdbx_pseudo_atom_details         ? 
# 
loop_
_refine_ls_restr.pdbx_refine_id 
_refine_ls_restr.criterion 
_refine_ls_restr.dev_ideal 
_refine_ls_restr.dev_ideal_target 
_refine_ls_restr.number 
_refine_ls_restr.rejects 
_refine_ls_restr.type 
_refine_ls_restr.weight 
_refine_ls_restr.pdbx_restraint_function 
'X-RAY DIFFRACTION' ? 0.005  ? 956  ? f_bond_d           ? ? 
'X-RAY DIFFRACTION' ? 0.753  ? 1467 ? f_angle_d          ? ? 
'X-RAY DIFFRACTION' ? 0.040  ? 166  ? f_chiral_restr     ? ? 
'X-RAY DIFFRACTION' ? 0.004  ? 42   ? f_plane_restr      ? ? 
'X-RAY DIFFRACTION' ? 35.496 ? 406  ? f_dihedral_angle_d ? ? 
# 
loop_
_refine_ls_shell.pdbx_refine_id 
_refine_ls_shell.d_res_high 
_refine_ls_shell.d_res_low 
_refine_ls_shell.number_reflns_all 
_refine_ls_shell.number_reflns_obs 
_refine_ls_shell.number_reflns_R_free 
_refine_ls_shell.number_reflns_R_work 
_refine_ls_shell.percent_reflns_obs 
_refine_ls_shell.percent_reflns_R_free 
_refine_ls_shell.R_factor_all 
_refine_ls_shell.R_factor_obs 
_refine_ls_shell.R_factor_R_free 
_refine_ls_shell.R_factor_R_free_error 
_refine_ls_shell.R_factor_R_work 
_refine_ls_shell.redundancy_reflns_all 
_refine_ls_shell.redundancy_reflns_obs 
_refine_ls_shell.wR_factor_all 
_refine_ls_shell.wR_factor_obs 
_refine_ls_shell.wR_factor_R_free 
_refine_ls_shell.wR_factor_R_work 
_refine_ls_shell.pdbx_R_complete 
_refine_ls_shell.pdbx_total_number_of_bins_used 
_refine_ls_shell.pdbx_phase_error 
_refine_ls_shell.pdbx_fsc_work 
_refine_ls_shell.pdbx_fsc_free 
'X-RAY DIFFRACTION' 2.7    2.9716  . . 152 2800 96.0000  . . . 0.4594 0.0000 0.4255 . . . . . . . . . . . 
'X-RAY DIFFRACTION' 2.9716 3.4014  . . 140 2814 97.0000  . . . 0.2915 0.0000 0.2577 . . . . . . . . . . . 
'X-RAY DIFFRACTION' 3.4014 4.2846  . . 148 2943 100.0000 . . . 0.3327 0.0000 0.2807 . . . . . . . . . . . 
'X-RAY DIFFRACTION' 4.2846 40.8650 . . 162 2891 100.0000 . . . 0.2386 0.0000 0.2039 . . . . . . . . . . . 
# 
_struct.entry_id                     6V6R 
_struct.title                        
'Crystal Structure of a Bromine Derivatized Self-Assembling DNA Crystal Scaffold with Rhombohedral Symmetry.' 
_struct.pdbx_model_details           ? 
_struct.pdbx_formula_weight          ? 
_struct.pdbx_formula_weight_method   ? 
_struct.pdbx_model_type_details      ? 
_struct.pdbx_CASP_flag               N 
# 
_struct_keywords.entry_id        6V6R 
_struct_keywords.text            'Self-Assembly, DNA Nanotechnology, DNA Scaffold, Crystal Lattice, DNA, Bromine, SAD, Bromo-dU' 
_struct_keywords.pdbx_keywords   DNA 
# 
loop_
_struct_asym.id 
_struct_asym.pdbx_blank_PDB_chainid_flag 
_struct_asym.pdbx_modified 
_struct_asym.entity_id 
_struct_asym.details 
A N N 1 ? 
B N N 2 ? 
C N N 3 ? 
D N N 4 ? 
E N N 5 ? 
F N N 5 ? 
# 
loop_
_struct_ref.id 
_struct_ref.db_name 
_struct_ref.db_code 
_struct_ref.pdbx_db_accession 
_struct_ref.pdbx_db_isoform 
_struct_ref.entity_id 
_struct_ref.pdbx_seq_one_letter_code 
_struct_ref.pdbx_align_begin 
1 PDB 6V6R 6V6R ? 1 ? 1 
2 PDB 6V6R 6V6R ? 2 ? 1 
3 PDB 6V6R 6V6R ? 3 ? 1 
4 PDB 6V6R 6V6R ? 4 ? 1 
# 
loop_
_struct_ref_seq.align_id 
_struct_ref_seq.ref_id 
_struct_ref_seq.pdbx_PDB_id_code 
_struct_ref_seq.pdbx_strand_id 
_struct_ref_seq.seq_align_beg 
_struct_ref_seq.pdbx_seq_align_beg_ins_code 
_struct_ref_seq.seq_align_end 
_struct_ref_seq.pdbx_seq_align_end_ins_code 
_struct_ref_seq.pdbx_db_accession 
_struct_ref_seq.db_align_beg 
_struct_ref_seq.pdbx_db_align_beg_ins_code 
_struct_ref_seq.db_align_end 
_struct_ref_seq.pdbx_db_align_end_ins_code 
_struct_ref_seq.pdbx_auth_seq_align_beg 
_struct_ref_seq.pdbx_auth_seq_align_end 
1 1 6V6R B 1 ? 21 ? 6V6R 5  ? 25 ? 5  25 
2 2 6V6R A 1 ? 7  ? 6V6R 65 ? 71 ? 65 71 
3 3 6V6R C 1 ? 9  ? 6V6R 56 ? 64 ? 56 64 
4 4 6V6R D 1 ? 5  ? 6V6R 72 ? 76 ? 72 76 
# 
_pdbx_struct_assembly.id                   1 
_pdbx_struct_assembly.details              author_defined_assembly 
_pdbx_struct_assembly.method_details       ? 
_pdbx_struct_assembly.oligomeric_details   tetrameric 
_pdbx_struct_assembly.oligomeric_count     4 
# 
_pdbx_struct_assembly_gen.assembly_id       1 
_pdbx_struct_assembly_gen.oper_expression   1 
_pdbx_struct_assembly_gen.asym_id_list      A,B,C,D,E,F 
# 
_pdbx_struct_assembly_auth_evidence.id                     1 
_pdbx_struct_assembly_auth_evidence.assembly_id            1 
_pdbx_struct_assembly_auth_evidence.experimental_support   none 
_pdbx_struct_assembly_auth_evidence.details                ? 
# 
_pdbx_struct_oper_list.id                   1 
_pdbx_struct_oper_list.type                 'identity operation' 
_pdbx_struct_oper_list.name                 1_555 
_pdbx_struct_oper_list.symmetry_operation   x,y,z 
_pdbx_struct_oper_list.matrix[1][1]         1.0000000000 
_pdbx_struct_oper_list.matrix[1][2]         0.0000000000 
_pdbx_struct_oper_list.matrix[1][3]         0.0000000000 
_pdbx_struct_oper_list.vector[1]            0.0000000000 
_pdbx_struct_oper_list.matrix[2][1]         0.0000000000 
_pdbx_struct_oper_list.matrix[2][2]         1.0000000000 
_pdbx_struct_oper_list.matrix[2][3]         0.0000000000 
_pdbx_struct_oper_list.vector[2]            0.0000000000 
_pdbx_struct_oper_list.matrix[3][1]         0.0000000000 
_pdbx_struct_oper_list.matrix[3][2]         0.0000000000 
_pdbx_struct_oper_list.matrix[3][3]         1.0000000000 
_pdbx_struct_oper_list.vector[3]            0.0000000000 
# 
loop_
_struct_conn.id 
_struct_conn.conn_type_id 
_struct_conn.pdbx_leaving_atom_flag 
_struct_conn.pdbx_PDB_id 
_struct_conn.ptnr1_label_asym_id 
_struct_conn.ptnr1_label_comp_id 
_struct_conn.ptnr1_label_seq_id 
_struct_conn.ptnr1_label_atom_id 
_struct_conn.pdbx_ptnr1_label_alt_id 
_struct_conn.pdbx_ptnr1_PDB_ins_code 
_struct_conn.pdbx_ptnr1_standard_comp_id 
_struct_conn.ptnr1_symmetry 
_struct_conn.ptnr2_label_asym_id 
_struct_conn.ptnr2_label_comp_id 
_struct_conn.ptnr2_label_seq_id 
_struct_conn.ptnr2_label_atom_id 
_struct_conn.pdbx_ptnr2_label_alt_id 
_struct_conn.pdbx_ptnr2_PDB_ins_code 
_struct_conn.ptnr1_auth_asym_id 
_struct_conn.ptnr1_auth_comp_id 
_struct_conn.ptnr1_auth_seq_id 
_struct_conn.ptnr2_auth_asym_id 
_struct_conn.ptnr2_auth_comp_id 
_struct_conn.ptnr2_auth_seq_id 
_struct_conn.ptnr2_symmetry 
_struct_conn.pdbx_ptnr3_label_atom_id 
_struct_conn.pdbx_ptnr3_label_seq_id 
_struct_conn.pdbx_ptnr3_label_comp_id 
_struct_conn.pdbx_ptnr3_label_asym_id 
_struct_conn.pdbx_ptnr3_label_alt_id 
_struct_conn.pdbx_ptnr3_PDB_ins_code 
_struct_conn.details 
_struct_conn.pdbx_dist_value 
_struct_conn.pdbx_value_order 
_struct_conn.pdbx_role 
hydrog1  hydrog ? ? A DC 3  N3 ? ? ? 1_555 D DG 5 N2 ? ? B DC 7  D DG 76 1_555 ? ? ? ? ? ? 'DC-DG PAIR' ? ? ? 
hydrog2  hydrog ? ? A DT 4  N3 ? ? ? 1_555 D DA 4 N1 ? ? B DT 8  D DA 75 1_555 ? ? ? ? ? ? WATSON-CRICK ? ? ? 
hydrog3  hydrog ? ? A DT 4  O4 ? ? ? 1_555 D DA 4 N6 ? ? B DT 8  D DA 75 1_555 ? ? ? ? ? ? WATSON-CRICK ? ? ? 
hydrog4  hydrog ? ? A DG 5  N1 ? ? ? 1_555 D DC 3 N3 ? ? B DG 9  D DC 74 1_555 ? ? ? ? ? ? WATSON-CRICK ? ? ? 
hydrog5  hydrog ? ? A DG 5  N2 ? ? ? 1_555 D DC 3 O2 ? ? B DG 9  D DC 74 1_555 ? ? ? ? ? ? WATSON-CRICK ? ? ? 
hydrog6  hydrog ? ? A DG 5  O6 ? ? ? 1_555 D DC 3 N4 ? ? B DG 9  D DC 74 1_555 ? ? ? ? ? ? WATSON-CRICK ? ? ? 
hydrog7  hydrog ? ? A DA 6  N1 ? ? ? 1_555 D DT 2 N3 ? ? B DA 10 D DT 73 1_555 ? ? ? ? ? ? WATSON-CRICK ? ? ? 
hydrog8  hydrog ? ? A DA 6  N6 ? ? ? 1_555 D DT 2 O4 ? ? B DA 10 D DT 73 1_555 ? ? ? ? ? ? WATSON-CRICK ? ? ? 
hydrog9  hydrog ? ? A DC 7  N3 ? ? ? 1_555 D DG 1 N1 ? ? B DC 11 D DG 72 1_555 ? ? ? ? ? ? WATSON-CRICK ? ? ? 
hydrog10 hydrog ? ? A DC 7  N4 ? ? ? 1_555 D DG 1 O6 ? ? B DC 11 D DG 72 1_555 ? ? ? ? ? ? WATSON-CRICK ? ? ? 
hydrog11 hydrog ? ? A DC 7  O2 ? ? ? 1_555 D DG 1 N2 ? ? B DC 11 D DG 72 1_555 ? ? ? ? ? ? WATSON-CRICK ? ? ? 
hydrog12 hydrog ? ? A DT 8  N3 ? ? ? 1_555 B DA 7 N1 ? ? B DT 12 A DA 71 1_555 ? ? ? ? ? ? WATSON-CRICK ? ? ? 
hydrog13 hydrog ? ? A DT 8  O4 ? ? ? 1_555 B DA 7 N6 ? ? B DT 12 A DA 71 1_555 ? ? ? ? ? ? WATSON-CRICK ? ? ? 
hydrog14 hydrog ? ? A DC 9  N3 ? ? ? 1_555 B DG 6 N1 ? ? B DC 13 A DG 70 1_555 ? ? ? ? ? ? WATSON-CRICK ? ? ? 
hydrog15 hydrog ? ? A DC 9  N4 ? ? ? 1_555 B DG 6 O6 ? ? B DC 13 A DG 70 1_555 ? ? ? ? ? ? WATSON-CRICK ? ? ? 
hydrog16 hydrog ? ? A DC 9  O2 ? ? ? 1_555 B DG 6 N2 ? ? B DC 13 A DG 70 1_555 ? ? ? ? ? ? WATSON-CRICK ? ? ? 
hydrog17 hydrog ? ? A DA 10 N1 ? ? ? 1_555 B DT 5 N3 ? ? B DA 14 A DT 69 1_555 ? ? ? ? ? ? WATSON-CRICK ? ? ? 
hydrog18 hydrog ? ? A DA 10 N6 ? ? ? 1_555 B DT 5 O4 ? ? B DA 14 A DT 69 1_555 ? ? ? ? ? ? WATSON-CRICK ? ? ? 
hydrog19 hydrog ? ? A DT 11 N3 ? ? ? 1_555 B DA 4 N1 ? ? B DT 15 A DA 68 1_555 ? ? ? ? ? ? WATSON-CRICK ? ? ? 
hydrog20 hydrog ? ? A DT 11 O4 ? ? ? 1_555 B DA 4 N6 ? ? B DT 15 A DA 68 1_555 ? ? ? ? ? ? WATSON-CRICK ? ? ? 
hydrog21 hydrog ? ? A DG 12 N1 ? ? ? 1_555 B DC 3 N3 ? ? B DG 16 A DC 67 1_555 ? ? ? ? ? ? WATSON-CRICK ? ? ? 
hydrog22 hydrog ? ? A DG 12 N2 ? ? ? 1_555 B DC 3 O2 ? ? B DG 16 A DC 67 1_555 ? ? ? ? ? ? WATSON-CRICK ? ? ? 
hydrog23 hydrog ? ? A DG 12 O6 ? ? ? 1_555 B DC 3 N4 ? ? B DG 16 A DC 67 1_555 ? ? ? ? ? ? WATSON-CRICK ? ? ? 
hydrog24 hydrog ? ? A DC 13 N3 ? ? ? 1_555 B DG 2 N1 ? ? B DC 17 A DG 66 1_555 ? ? ? ? ? ? WATSON-CRICK ? ? ? 
hydrog25 hydrog ? ? A DC 13 N4 ? ? ? 1_555 B DG 2 O6 ? ? B DC 17 A DG 66 1_555 ? ? ? ? ? ? WATSON-CRICK ? ? ? 
hydrog26 hydrog ? ? A DC 13 O2 ? ? ? 1_555 B DG 2 N2 ? ? B DC 17 A DG 66 1_555 ? ? ? ? ? ? WATSON-CRICK ? ? ? 
hydrog27 hydrog ? ? A DT 14 N3 ? ? ? 1_555 B DA 1 N1 ? ? B DT 18 A DA 65 1_555 ? ? ? ? ? ? WATSON-CRICK ? ? ? 
hydrog28 hydrog ? ? A DT 14 O4 ? ? ? 1_555 B DA 1 N6 ? ? B DT 18 A DA 65 1_555 ? ? ? ? ? ? WATSON-CRICK ? ? ? 
hydrog29 hydrog ? ? A DC 15 N3 ? ? ? 1_555 C DG 9 N1 ? ? B DC 19 C DG 64 1_555 ? ? ? ? ? ? WATSON-CRICK ? ? ? 
hydrog30 hydrog ? ? A DC 15 N4 ? ? ? 1_555 C DG 9 O6 ? ? B DC 19 C DG 64 1_555 ? ? ? ? ? ? WATSON-CRICK ? ? ? 
hydrog31 hydrog ? ? A DC 15 O2 ? ? ? 1_555 C DG 9 N2 ? ? B DC 19 C DG 64 1_555 ? ? ? ? ? ? WATSON-CRICK ? ? ? 
hydrog32 hydrog ? ? A DA 16 N1 ? ? ? 1_555 C DT 8 N3 ? ? B DA 20 C DT 63 1_555 ? ? ? ? ? ? WATSON-CRICK ? ? ? 
hydrog33 hydrog ? ? A DA 16 N6 ? ? ? 1_555 C DT 8 O4 ? ? B DA 20 C DT 63 1_555 ? ? ? ? ? ? WATSON-CRICK ? ? ? 
hydrog34 hydrog ? ? A DT 17 N3 ? ? ? 1_555 C DA 7 N1 ? ? B DT 21 C DA 62 1_555 ? ? ? ? ? ? WATSON-CRICK ? ? ? 
hydrog35 hydrog ? ? A DT 17 O4 ? ? ? 1_555 C DA 7 N6 ? ? B DT 21 C DA 62 1_555 ? ? ? ? ? ? WATSON-CRICK ? ? ? 
hydrog36 hydrog ? ? A DC 18 N3 ? ? ? 1_555 C DG 6 N1 ? ? B DC 22 C DG 61 1_555 ? ? ? ? ? ? WATSON-CRICK ? ? ? 
hydrog37 hydrog ? ? A DC 18 N4 ? ? ? 1_555 C DG 6 O6 ? ? B DC 22 C DG 61 1_555 ? ? ? ? ? ? WATSON-CRICK ? ? ? 
hydrog38 hydrog ? ? A DC 18 O2 ? ? ? 1_555 C DG 6 N2 ? ? B DC 22 C DG 61 1_555 ? ? ? ? ? ? WATSON-CRICK ? ? ? 
hydrog39 hydrog ? ? A DT 19 N3 ? ? ? 1_555 C DA 5 N1 ? ? B DT 23 C DA 60 1_555 ? ? ? ? ? ? WATSON-CRICK ? ? ? 
hydrog40 hydrog ? ? A DT 19 O4 ? ? ? 1_555 C DA 5 N6 ? ? B DT 23 C DA 60 1_555 ? ? ? ? ? ? WATSON-CRICK ? ? ? 
hydrog41 hydrog ? ? A DG 20 N1 ? ? ? 1_555 C DC 4 N3 ? ? B DG 24 C DC 59 1_555 ? ? ? ? ? ? WATSON-CRICK ? ? ? 
hydrog42 hydrog ? ? A DG 20 N2 ? ? ? 1_555 C DC 4 O2 ? ? B DG 24 C DC 59 1_555 ? ? ? ? ? ? WATSON-CRICK ? ? ? 
hydrog43 hydrog ? ? A DG 20 O6 ? ? ? 1_555 C DC 4 N4 ? ? B DG 24 C DC 59 1_555 ? ? ? ? ? ? WATSON-CRICK ? ? ? 
hydrog44 hydrog ? ? A DA 21 N1 ? ? ? 1_555 C DT 3 N3 ? ? B DA 25 C DT 58 1_555 ? ? ? ? ? ? WATSON-CRICK ? ? ? 
hydrog45 hydrog ? ? A DA 21 N6 ? ? ? 1_555 C DT 3 O4 ? ? B DA 25 C DT 58 1_555 ? ? ? ? ? ? WATSON-CRICK ? ? ? 
# 
_struct_conn_type.id          hydrog 
_struct_conn_type.criteria    ? 
_struct_conn_type.reference   ? 
# 
_struct_site.id                   AC1 
_struct_site.pdbx_evidence_code   Software 
_struct_site.pdbx_auth_asym_id    D 
_struct_site.pdbx_auth_comp_id    CAC 
_struct_site.pdbx_auth_seq_id     101 
_struct_site.pdbx_auth_ins_code   ? 
_struct_site.pdbx_num_residues    1 
_struct_site.details              'binding site for residue CAC D 101' 
# 
_struct_site_gen.id                   1 
_struct_site_gen.site_id              AC1 
_struct_site_gen.pdbx_num_res         1 
_struct_site_gen.label_comp_id        DG 
_struct_site_gen.label_asym_id        C 
_struct_site_gen.label_seq_id         9 
_struct_site_gen.pdbx_auth_ins_code   ? 
_struct_site_gen.auth_comp_id         DG 
_struct_site_gen.auth_asym_id         C 
_struct_site_gen.auth_seq_id          64 
_struct_site_gen.label_atom_id        . 
_struct_site_gen.label_alt_id         ? 
_struct_site_gen.symmetry             8_754 
_struct_site_gen.details              ? 
# 
_pdbx_validate_rmsd_angle.id                         1 
_pdbx_validate_rmsd_angle.PDB_model_num              1 
_pdbx_validate_rmsd_angle.auth_atom_id_1             "O4'" 
_pdbx_validate_rmsd_angle.auth_asym_id_1             C 
_pdbx_validate_rmsd_angle.auth_comp_id_1             DG 
_pdbx_validate_rmsd_angle.auth_seq_id_1              64 
_pdbx_validate_rmsd_angle.PDB_ins_code_1             ? 
_pdbx_validate_rmsd_angle.label_alt_id_1             ? 
_pdbx_validate_rmsd_angle.auth_atom_id_2             "C1'" 
_pdbx_validate_rmsd_angle.auth_asym_id_2             C 
_pdbx_validate_rmsd_angle.auth_comp_id_2             DG 
_pdbx_validate_rmsd_angle.auth_seq_id_2              64 
_pdbx_validate_rmsd_angle.PDB_ins_code_2             ? 
_pdbx_validate_rmsd_angle.label_alt_id_2             ? 
_pdbx_validate_rmsd_angle.auth_atom_id_3             N9 
_pdbx_validate_rmsd_angle.auth_asym_id_3             C 
_pdbx_validate_rmsd_angle.auth_comp_id_3             DG 
_pdbx_validate_rmsd_angle.auth_seq_id_3              64 
_pdbx_validate_rmsd_angle.PDB_ins_code_3             ? 
_pdbx_validate_rmsd_angle.label_alt_id_3             ? 
_pdbx_validate_rmsd_angle.angle_value                110.55 
_pdbx_validate_rmsd_angle.angle_target_value         108.30 
_pdbx_validate_rmsd_angle.angle_deviation            2.25 
_pdbx_validate_rmsd_angle.angle_standard_deviation   0.30 
_pdbx_validate_rmsd_angle.linker_flag                N 
# 
_pdbx_entry_details.entry_id                 6V6R 
_pdbx_entry_details.has_ligand_of_interest   N 
_pdbx_entry_details.compound_details         ? 
_pdbx_entry_details.source_details           ? 
_pdbx_entry_details.nonpolymer_details       ? 
_pdbx_entry_details.sequence_details         ? 
# 
loop_
_chem_comp_atom.comp_id 
_chem_comp_atom.atom_id 
_chem_comp_atom.type_symbol 
_chem_comp_atom.pdbx_aromatic_flag 
_chem_comp_atom.pdbx_stereo_config 
_chem_comp_atom.pdbx_ordinal 
CAC AS     AS N N 1   
CAC O1     O  N N 2   
CAC O2     O  N N 3   
CAC C1     C  N N 4   
CAC C2     C  N N 5   
CAC H11    H  N N 6   
CAC H12    H  N N 7   
CAC H13    H  N N 8   
CAC H21    H  N N 9   
CAC H22    H  N N 10  
CAC H23    H  N N 11  
DA  OP3    O  N N 12  
DA  P      P  N N 13  
DA  OP1    O  N N 14  
DA  OP2    O  N N 15  
DA  "O5'"  O  N N 16  
DA  "C5'"  C  N N 17  
DA  "C4'"  C  N R 18  
DA  "O4'"  O  N N 19  
DA  "C3'"  C  N S 20  
DA  "O3'"  O  N N 21  
DA  "C2'"  C  N N 22  
DA  "C1'"  C  N R 23  
DA  N9     N  Y N 24  
DA  C8     C  Y N 25  
DA  N7     N  Y N 26  
DA  C5     C  Y N 27  
DA  C6     C  Y N 28  
DA  N6     N  N N 29  
DA  N1     N  Y N 30  
DA  C2     C  Y N 31  
DA  N3     N  Y N 32  
DA  C4     C  Y N 33  
DA  HOP3   H  N N 34  
DA  HOP2   H  N N 35  
DA  "H5'"  H  N N 36  
DA  "H5''" H  N N 37  
DA  "H4'"  H  N N 38  
DA  "H3'"  H  N N 39  
DA  "HO3'" H  N N 40  
DA  "H2'"  H  N N 41  
DA  "H2''" H  N N 42  
DA  "H1'"  H  N N 43  
DA  H8     H  N N 44  
DA  H61    H  N N 45  
DA  H62    H  N N 46  
DA  H2     H  N N 47  
DC  OP3    O  N N 48  
DC  P      P  N N 49  
DC  OP1    O  N N 50  
DC  OP2    O  N N 51  
DC  "O5'"  O  N N 52  
DC  "C5'"  C  N N 53  
DC  "C4'"  C  N R 54  
DC  "O4'"  O  N N 55  
DC  "C3'"  C  N S 56  
DC  "O3'"  O  N N 57  
DC  "C2'"  C  N N 58  
DC  "C1'"  C  N R 59  
DC  N1     N  N N 60  
DC  C2     C  N N 61  
DC  O2     O  N N 62  
DC  N3     N  N N 63  
DC  C4     C  N N 64  
DC  N4     N  N N 65  
DC  C5     C  N N 66  
DC  C6     C  N N 67  
DC  HOP3   H  N N 68  
DC  HOP2   H  N N 69  
DC  "H5'"  H  N N 70  
DC  "H5''" H  N N 71  
DC  "H4'"  H  N N 72  
DC  "H3'"  H  N N 73  
DC  "HO3'" H  N N 74  
DC  "H2'"  H  N N 75  
DC  "H2''" H  N N 76  
DC  "H1'"  H  N N 77  
DC  H41    H  N N 78  
DC  H42    H  N N 79  
DC  H5     H  N N 80  
DC  H6     H  N N 81  
DG  OP3    O  N N 82  
DG  P      P  N N 83  
DG  OP1    O  N N 84  
DG  OP2    O  N N 85  
DG  "O5'"  O  N N 86  
DG  "C5'"  C  N N 87  
DG  "C4'"  C  N R 88  
DG  "O4'"  O  N N 89  
DG  "C3'"  C  N S 90  
DG  "O3'"  O  N N 91  
DG  "C2'"  C  N N 92  
DG  "C1'"  C  N R 93  
DG  N9     N  Y N 94  
DG  C8     C  Y N 95  
DG  N7     N  Y N 96  
DG  C5     C  Y N 97  
DG  C6     C  N N 98  
DG  O6     O  N N 99  
DG  N1     N  N N 100 
DG  C2     C  N N 101 
DG  N2     N  N N 102 
DG  N3     N  N N 103 
DG  C4     C  Y N 104 
DG  HOP3   H  N N 105 
DG  HOP2   H  N N 106 
DG  "H5'"  H  N N 107 
DG  "H5''" H  N N 108 
DG  "H4'"  H  N N 109 
DG  "H3'"  H  N N 110 
DG  "HO3'" H  N N 111 
DG  "H2'"  H  N N 112 
DG  "H2''" H  N N 113 
DG  "H1'"  H  N N 114 
DG  H8     H  N N 115 
DG  H1     H  N N 116 
DG  H21    H  N N 117 
DG  H22    H  N N 118 
DT  OP3    O  N N 119 
DT  P      P  N N 120 
DT  OP1    O  N N 121 
DT  OP2    O  N N 122 
DT  "O5'"  O  N N 123 
DT  "C5'"  C  N N 124 
DT  "C4'"  C  N R 125 
DT  "O4'"  O  N N 126 
DT  "C3'"  C  N S 127 
DT  "O3'"  O  N N 128 
DT  "C2'"  C  N N 129 
DT  "C1'"  C  N R 130 
DT  N1     N  N N 131 
DT  C2     C  N N 132 
DT  O2     O  N N 133 
DT  N3     N  N N 134 
DT  C4     C  N N 135 
DT  O4     O  N N 136 
DT  C5     C  N N 137 
DT  C7     C  N N 138 
DT  C6     C  N N 139 
DT  HOP3   H  N N 140 
DT  HOP2   H  N N 141 
DT  "H5'"  H  N N 142 
DT  "H5''" H  N N 143 
DT  "H4'"  H  N N 144 
DT  "H3'"  H  N N 145 
DT  "HO3'" H  N N 146 
DT  "H2'"  H  N N 147 
DT  "H2''" H  N N 148 
DT  "H1'"  H  N N 149 
DT  H3     H  N N 150 
DT  H71    H  N N 151 
DT  H72    H  N N 152 
DT  H73    H  N N 153 
DT  H6     H  N N 154 
# 
loop_
_chem_comp_bond.comp_id 
_chem_comp_bond.atom_id_1 
_chem_comp_bond.atom_id_2 
_chem_comp_bond.value_order 
_chem_comp_bond.pdbx_aromatic_flag 
_chem_comp_bond.pdbx_stereo_config 
_chem_comp_bond.pdbx_ordinal 
CAC AS    O1     doub N N 1   
CAC AS    O2     sing N N 2   
CAC AS    C1     sing N N 3   
CAC AS    C2     sing N N 4   
CAC C1    H11    sing N N 5   
CAC C1    H12    sing N N 6   
CAC C1    H13    sing N N 7   
CAC C2    H21    sing N N 8   
CAC C2    H22    sing N N 9   
CAC C2    H23    sing N N 10  
DA  OP3   P      sing N N 11  
DA  OP3   HOP3   sing N N 12  
DA  P     OP1    doub N N 13  
DA  P     OP2    sing N N 14  
DA  P     "O5'"  sing N N 15  
DA  OP2   HOP2   sing N N 16  
DA  "O5'" "C5'"  sing N N 17  
DA  "C5'" "C4'"  sing N N 18  
DA  "C5'" "H5'"  sing N N 19  
DA  "C5'" "H5''" sing N N 20  
DA  "C4'" "O4'"  sing N N 21  
DA  "C4'" "C3'"  sing N N 22  
DA  "C4'" "H4'"  sing N N 23  
DA  "O4'" "C1'"  sing N N 24  
DA  "C3'" "O3'"  sing N N 25  
DA  "C3'" "C2'"  sing N N 26  
DA  "C3'" "H3'"  sing N N 27  
DA  "O3'" "HO3'" sing N N 28  
DA  "C2'" "C1'"  sing N N 29  
DA  "C2'" "H2'"  sing N N 30  
DA  "C2'" "H2''" sing N N 31  
DA  "C1'" N9     sing N N 32  
DA  "C1'" "H1'"  sing N N 33  
DA  N9    C8     sing Y N 34  
DA  N9    C4     sing Y N 35  
DA  C8    N7     doub Y N 36  
DA  C8    H8     sing N N 37  
DA  N7    C5     sing Y N 38  
DA  C5    C6     sing Y N 39  
DA  C5    C4     doub Y N 40  
DA  C6    N6     sing N N 41  
DA  C6    N1     doub Y N 42  
DA  N6    H61    sing N N 43  
DA  N6    H62    sing N N 44  
DA  N1    C2     sing Y N 45  
DA  C2    N3     doub Y N 46  
DA  C2    H2     sing N N 47  
DA  N3    C4     sing Y N 48  
DC  OP3   P      sing N N 49  
DC  OP3   HOP3   sing N N 50  
DC  P     OP1    doub N N 51  
DC  P     OP2    sing N N 52  
DC  P     "O5'"  sing N N 53  
DC  OP2   HOP2   sing N N 54  
DC  "O5'" "C5'"  sing N N 55  
DC  "C5'" "C4'"  sing N N 56  
DC  "C5'" "H5'"  sing N N 57  
DC  "C5'" "H5''" sing N N 58  
DC  "C4'" "O4'"  sing N N 59  
DC  "C4'" "C3'"  sing N N 60  
DC  "C4'" "H4'"  sing N N 61  
DC  "O4'" "C1'"  sing N N 62  
DC  "C3'" "O3'"  sing N N 63  
DC  "C3'" "C2'"  sing N N 64  
DC  "C3'" "H3'"  sing N N 65  
DC  "O3'" "HO3'" sing N N 66  
DC  "C2'" "C1'"  sing N N 67  
DC  "C2'" "H2'"  sing N N 68  
DC  "C2'" "H2''" sing N N 69  
DC  "C1'" N1     sing N N 70  
DC  "C1'" "H1'"  sing N N 71  
DC  N1    C2     sing N N 72  
DC  N1    C6     sing N N 73  
DC  C2    O2     doub N N 74  
DC  C2    N3     sing N N 75  
DC  N3    C4     doub N N 76  
DC  C4    N4     sing N N 77  
DC  C4    C5     sing N N 78  
DC  N4    H41    sing N N 79  
DC  N4    H42    sing N N 80  
DC  C5    C6     doub N N 81  
DC  C5    H5     sing N N 82  
DC  C6    H6     sing N N 83  
DG  OP3   P      sing N N 84  
DG  OP3   HOP3   sing N N 85  
DG  P     OP1    doub N N 86  
DG  P     OP2    sing N N 87  
DG  P     "O5'"  sing N N 88  
DG  OP2   HOP2   sing N N 89  
DG  "O5'" "C5'"  sing N N 90  
DG  "C5'" "C4'"  sing N N 91  
DG  "C5'" "H5'"  sing N N 92  
DG  "C5'" "H5''" sing N N 93  
DG  "C4'" "O4'"  sing N N 94  
DG  "C4'" "C3'"  sing N N 95  
DG  "C4'" "H4'"  sing N N 96  
DG  "O4'" "C1'"  sing N N 97  
DG  "C3'" "O3'"  sing N N 98  
DG  "C3'" "C2'"  sing N N 99  
DG  "C3'" "H3'"  sing N N 100 
DG  "O3'" "HO3'" sing N N 101 
DG  "C2'" "C1'"  sing N N 102 
DG  "C2'" "H2'"  sing N N 103 
DG  "C2'" "H2''" sing N N 104 
DG  "C1'" N9     sing N N 105 
DG  "C1'" "H1'"  sing N N 106 
DG  N9    C8     sing Y N 107 
DG  N9    C4     sing Y N 108 
DG  C8    N7     doub Y N 109 
DG  C8    H8     sing N N 110 
DG  N7    C5     sing Y N 111 
DG  C5    C6     sing N N 112 
DG  C5    C4     doub Y N 113 
DG  C6    O6     doub N N 114 
DG  C6    N1     sing N N 115 
DG  N1    C2     sing N N 116 
DG  N1    H1     sing N N 117 
DG  C2    N2     sing N N 118 
DG  C2    N3     doub N N 119 
DG  N2    H21    sing N N 120 
DG  N2    H22    sing N N 121 
DG  N3    C4     sing N N 122 
DT  OP3   P      sing N N 123 
DT  OP3   HOP3   sing N N 124 
DT  P     OP1    doub N N 125 
DT  P     OP2    sing N N 126 
DT  P     "O5'"  sing N N 127 
DT  OP2   HOP2   sing N N 128 
DT  "O5'" "C5'"  sing N N 129 
DT  "C5'" "C4'"  sing N N 130 
DT  "C5'" "H5'"  sing N N 131 
DT  "C5'" "H5''" sing N N 132 
DT  "C4'" "O4'"  sing N N 133 
DT  "C4'" "C3'"  sing N N 134 
DT  "C4'" "H4'"  sing N N 135 
DT  "O4'" "C1'"  sing N N 136 
DT  "C3'" "O3'"  sing N N 137 
DT  "C3'" "C2'"  sing N N 138 
DT  "C3'" "H3'"  sing N N 139 
DT  "O3'" "HO3'" sing N N 140 
DT  "C2'" "C1'"  sing N N 141 
DT  "C2'" "H2'"  sing N N 142 
DT  "C2'" "H2''" sing N N 143 
DT  "C1'" N1     sing N N 144 
DT  "C1'" "H1'"  sing N N 145 
DT  N1    C2     sing N N 146 
DT  N1    C6     sing N N 147 
DT  C2    O2     doub N N 148 
DT  C2    N3     sing N N 149 
DT  N3    C4     sing N N 150 
DT  N3    H3     sing N N 151 
DT  C4    O4     doub N N 152 
DT  C4    C5     sing N N 153 
DT  C5    C7     sing N N 154 
DT  C5    C6     doub N N 155 
DT  C7    H71    sing N N 156 
DT  C7    H72    sing N N 157 
DT  C7    H73    sing N N 158 
DT  C6    H6     sing N N 159 
# 
loop_
_ndb_struct_conf_na.entry_id 
_ndb_struct_conf_na.feature 
6V6R 'double helix'        
6V6R 'a-form double helix' 
6V6R 'b-form double helix' 
# 
loop_
_ndb_struct_na_base_pair.model_number 
_ndb_struct_na_base_pair.i_label_asym_id 
_ndb_struct_na_base_pair.i_label_comp_id 
_ndb_struct_na_base_pair.i_label_seq_id 
_ndb_struct_na_base_pair.i_symmetry 
_ndb_struct_na_base_pair.j_label_asym_id 
_ndb_struct_na_base_pair.j_label_comp_id 
_ndb_struct_na_base_pair.j_label_seq_id 
_ndb_struct_na_base_pair.j_symmetry 
_ndb_struct_na_base_pair.shear 
_ndb_struct_na_base_pair.stretch 
_ndb_struct_na_base_pair.stagger 
_ndb_struct_na_base_pair.buckle 
_ndb_struct_na_base_pair.propeller 
_ndb_struct_na_base_pair.opening 
_ndb_struct_na_base_pair.pair_number 
_ndb_struct_na_base_pair.pair_name 
_ndb_struct_na_base_pair.i_auth_asym_id 
_ndb_struct_na_base_pair.i_auth_seq_id 
_ndb_struct_na_base_pair.i_PDB_ins_code 
_ndb_struct_na_base_pair.j_auth_asym_id 
_ndb_struct_na_base_pair.j_auth_seq_id 
_ndb_struct_na_base_pair.j_PDB_ins_code 
_ndb_struct_na_base_pair.hbond_type_28 
_ndb_struct_na_base_pair.hbond_type_12 
1 A DC 3  1_555 D DG 5 1_555 -1.046 0.714  0.116  12.580 -11.807 1.875   1  B_DC7:DG76_D  B 7  ? D 76 ? ?  1 
1 A DT 4  1_555 D DA 4 1_555 -0.484 -0.127 0.044  7.367  -15.866 1.639   2  B_DT8:DA75_D  B 8  ? D 75 ? 20 1 
1 A DG 5  1_555 D DC 3 1_555 0.066  -0.301 -0.281 -1.085 -15.678 -0.240  3  B_DG9:DC74_D  B 9  ? D 74 ? 19 1 
1 A DA 6  1_555 D DT 2 1_555 0.114  -0.324 -0.373 -4.175 -16.004 -4.743  4  B_DA10:DT73_D B 10 ? D 73 ? 20 1 
1 A DC 7  1_555 D DG 1 1_555 -0.019 -0.151 0.483  -6.551 -14.569 -0.945  5  B_DC11:DG72_D B 11 ? D 72 ? 19 1 
1 A DT 8  1_555 B DA 7 1_555 -1.480 -0.072 0.406  -7.844 -4.157  -2.322  6  B_DT12:DA71_A B 12 ? A 71 ? 20 1 
1 A DC 9  1_555 B DG 6 1_555 -0.204 -0.173 0.489  -1.708 -2.661  -2.189  7  B_DC13:DG70_A B 13 ? A 70 ? 19 1 
1 A DA 10 1_555 B DT 5 1_555 1.020  -0.112 0.600  0.845  -2.831  -0.614  8  B_DA14:DT69_A B 14 ? A 69 ? 20 1 
1 A DT 11 1_555 B DA 4 1_555 -0.911 -0.242 0.358  1.694  1.020   -4.892  9  B_DT15:DA68_A B 15 ? A 68 ? 20 1 
1 A DG 12 1_555 B DC 3 1_555 0.181  -0.322 0.274  3.435  -2.159  -2.316  10 B_DG16:DC67_A B 16 ? A 67 ? 19 1 
1 A DC 13 1_555 B DG 2 1_555 0.243  -0.451 0.320  -1.615 -4.074  -3.792  11 B_DC17:DG66_A B 17 ? A 66 ? 19 1 
1 A DT 14 1_555 B DA 1 1_555 -0.332 -0.113 0.433  0.687  -2.983  -11.726 12 B_DT18:DA65_A B 18 ? A 65 ? 20 1 
1 A DC 15 1_555 C DG 9 1_555 0.202  -0.117 0.242  -0.397 4.173   2.888   13 B_DC19:DG64_C B 19 ? C 64 ? 19 1 
1 A DA 16 1_555 C DT 8 1_555 0.093  -0.318 0.838  3.502  -1.604  0.489   14 B_DA20:DT63_C B 20 ? C 63 ? 20 1 
1 A DT 17 1_555 C DA 7 1_555 -0.147 -0.175 0.655  2.183  -2.247  -2.048  15 B_DT21:DA62_C B 21 ? C 62 ? 20 1 
1 A DC 18 1_555 C DG 6 1_555 0.165  -0.184 0.372  1.625  -2.154  0.870   16 B_DC22:DG61_C B 22 ? C 61 ? 19 1 
1 A DT 19 1_555 C DA 5 1_555 -0.032 -0.156 0.317  0.973  -4.536  0.760   17 B_DT23:DA60_C B 23 ? C 60 ? 20 1 
1 A DG 20 1_555 C DC 4 1_555 -0.227 -0.163 -0.529 -8.987 -7.258  2.089   18 B_DG24:DC59_C B 24 ? C 59 ? 19 1 
1 A DA 21 1_555 C DT 3 1_555 0.111  -0.130 -0.548 -5.755 -5.999  -0.973  19 B_DA25:DT58_C B 25 ? C 58 ? 20 1 
# 
loop_
_ndb_struct_na_base_pair_step.model_number 
_ndb_struct_na_base_pair_step.i_label_asym_id_1 
_ndb_struct_na_base_pair_step.i_label_comp_id_1 
_ndb_struct_na_base_pair_step.i_label_seq_id_1 
_ndb_struct_na_base_pair_step.i_symmetry_1 
_ndb_struct_na_base_pair_step.j_label_asym_id_1 
_ndb_struct_na_base_pair_step.j_label_comp_id_1 
_ndb_struct_na_base_pair_step.j_label_seq_id_1 
_ndb_struct_na_base_pair_step.j_symmetry_1 
_ndb_struct_na_base_pair_step.i_label_asym_id_2 
_ndb_struct_na_base_pair_step.i_label_comp_id_2 
_ndb_struct_na_base_pair_step.i_label_seq_id_2 
_ndb_struct_na_base_pair_step.i_symmetry_2 
_ndb_struct_na_base_pair_step.j_label_asym_id_2 
_ndb_struct_na_base_pair_step.j_label_comp_id_2 
_ndb_struct_na_base_pair_step.j_label_seq_id_2 
_ndb_struct_na_base_pair_step.j_symmetry_2 
_ndb_struct_na_base_pair_step.shift 
_ndb_struct_na_base_pair_step.slide 
_ndb_struct_na_base_pair_step.rise 
_ndb_struct_na_base_pair_step.tilt 
_ndb_struct_na_base_pair_step.roll 
_ndb_struct_na_base_pair_step.twist 
_ndb_struct_na_base_pair_step.x_displacement 
_ndb_struct_na_base_pair_step.y_displacement 
_ndb_struct_na_base_pair_step.helical_rise 
_ndb_struct_na_base_pair_step.inclination 
_ndb_struct_na_base_pair_step.tip 
_ndb_struct_na_base_pair_step.helical_twist 
_ndb_struct_na_base_pair_step.step_number 
_ndb_struct_na_base_pair_step.step_name 
_ndb_struct_na_base_pair_step.i_auth_asym_id_1 
_ndb_struct_na_base_pair_step.i_auth_seq_id_1 
_ndb_struct_na_base_pair_step.i_PDB_ins_code_1 
_ndb_struct_na_base_pair_step.j_auth_asym_id_1 
_ndb_struct_na_base_pair_step.j_auth_seq_id_1 
_ndb_struct_na_base_pair_step.j_PDB_ins_code_1 
_ndb_struct_na_base_pair_step.i_auth_asym_id_2 
_ndb_struct_na_base_pair_step.i_auth_seq_id_2 
_ndb_struct_na_base_pair_step.i_PDB_ins_code_2 
_ndb_struct_na_base_pair_step.j_auth_asym_id_2 
_ndb_struct_na_base_pair_step.j_auth_seq_id_2 
_ndb_struct_na_base_pair_step.j_PDB_ins_code_2 
1 A DC 3  1_555 D DG 5 1_555 A DT 4  1_555 D DA 4 1_555 0.043  0.183  3.305 2.544  1.369  32.446 0.086  0.373  3.303 2.443  -4.542 
32.571 1  BB_DC7DT8:DA75DG76_DD   B 7  ? D 76 ? B 8  ? D 75 ? 
1 A DT 4  1_555 D DA 4 1_555 A DG 5  1_555 D DC 3 1_555 -0.055 2.094  3.742 0.462  -0.377 42.806 2.912  0.128  3.724 -0.517 -0.633 
42.810 2  BB_DT8DG9:DC74DA75_DD   B 8  ? D 75 ? B 9  ? D 74 ? 
1 A DG 5  1_555 D DC 3 1_555 A DA 6  1_555 D DT 2 1_555 0.229  0.131  3.483 -3.655 1.076  38.570 0.057  -0.820 3.450 1.624  5.517 
38.751 3  BB_DG9DA10:DT73DC74_DD  B 9  ? D 74 ? B 10 ? D 73 ? 
1 A DA 6  1_555 D DT 2 1_555 A DC 7  1_555 D DG 1 1_555 0.821  -0.930 3.227 -7.491 1.418  33.439 -1.791 -2.517 2.939 2.426  12.812 
34.273 4  BB_DA10DC11:DG72DT73_DD B 10 ? D 73 ? B 11 ? D 72 ? 
1 A DC 7  1_555 D DG 1 1_555 A DT 8  1_555 B DA 7 1_555 -0.703 -1.172 3.226 1.125  -0.088 24.018 -2.786 2.043  3.194 -0.212 -2.702 
24.044 5  BB_DC11DT12:DA71DG72_AD B 11 ? D 72 ? B 12 ? A 71 ? 
1 A DT 8  1_555 B DA 7 1_555 A DC 9  1_555 B DG 6 1_555 -0.060 -0.297 3.332 -3.377 4.086  38.927 -0.936 -0.320 3.279 6.097  5.039 
39.272 6  BB_DT12DC13:DG70DA71_AA B 12 ? A 71 ? B 13 ? A 70 ? 
1 A DC 9  1_555 B DG 6 1_555 A DA 10 1_555 B DT 5 1_555 0.325  -0.148 3.088 -0.358 3.325  40.766 -0.555 -0.502 3.065 4.764  0.512 
40.897 7  BB_DC13DA14:DT69DG70_AA B 13 ? A 70 ? B 14 ? A 69 ? 
1 A DA 10 1_555 B DT 5 1_555 A DT 11 1_555 B DA 4 1_555 -0.022 -0.795 3.435 2.208  0.879  23.577 -2.242 0.818  3.387 2.144  -5.386 
23.695 8  BB_DA14DT15:DA68DT69_AA B 14 ? A 69 ? B 15 ? A 68 ? 
1 A DT 11 1_555 B DA 4 1_555 A DG 12 1_555 B DC 3 1_555 0.463  -0.762 3.240 1.299  2.127  34.702 -1.594 -0.580 3.204 3.560  -2.174 
34.789 9  BB_DT15DG16:DC67DA68_AA B 15 ? A 68 ? B 16 ? A 67 ? 
1 A DG 12 1_555 B DC 3 1_555 A DC 13 1_555 B DG 2 1_555 0.204  -0.939 3.354 -0.990 0.751  36.070 -1.625 -0.472 3.327 1.213  1.598 
36.091 10 BB_DG16DC17:DG66DC67_AA B 16 ? A 67 ? B 17 ? A 66 ? 
1 A DC 13 1_555 B DG 2 1_555 A DT 14 1_555 B DA 1 1_555 -0.262 -1.545 3.203 -0.374 2.191  32.185 -3.155 0.408  3.097 3.946  0.674 
32.259 11 BB_DC17DT18:DA65DG66_AA B 17 ? A 66 ? B 18 ? A 65 ? 
1 A DT 14 1_555 B DA 1 1_555 A DC 15 1_555 C DG 9 1_555 -0.138 -1.329 3.322 0.791  -3.246 27.980 -1.943 0.475  3.446 -6.683 -1.628 
28.175 12 BB_DT18DC19:DG64DA65_CA B 18 ? A 65 ? B 19 ? C 64 ? 
1 A DC 15 1_555 C DG 9 1_555 A DA 16 1_555 C DT 8 1_555 -0.300 -0.215 3.122 -2.732 7.592  32.791 -1.542 0.095  3.013 13.201 4.750 
33.743 13 BB_DC19DA20:DT63DG64_CC B 19 ? C 64 ? B 20 ? C 63 ? 
1 A DA 16 1_555 C DT 8 1_555 A DT 17 1_555 C DA 7 1_555 0.147  -0.951 3.338 1.071  2.233  31.648 -2.153 -0.070 3.268 4.086  -1.960 
31.742 14 BB_DA20DT21:DA62DT63_CC B 20 ? C 63 ? B 21 ? C 62 ? 
1 A DT 17 1_555 C DA 7 1_555 A DC 18 1_555 C DG 6 1_555 0.236  -0.796 3.173 3.433  2.417  39.381 -1.449 0.040  3.130 3.574  -5.076 
39.595 15 BB_DT21DC22:DG61DA62_CC B 21 ? C 62 ? B 22 ? C 61 ? 
1 A DC 18 1_555 C DG 6 1_555 A DT 19 1_555 C DA 5 1_555 -0.224 -0.504 3.263 2.245  0.851  27.755 -1.249 0.997  3.219 1.770  -4.669 
27.857 16 BB_DC22DT23:DA60DG61_CC B 22 ? C 61 ? B 23 ? C 60 ? 
1 A DT 19 1_555 C DA 5 1_555 A DG 20 1_555 C DC 4 1_555 0.454  2.252  3.743 8.041  2.007  42.780 2.809  0.297  3.860 2.721  
-10.901 43.538 17 BB_DT23DG24:DC59DA60_CC B 23 ? C 60 ? B 24 ? C 59 ? 
1 A DG 20 1_555 C DC 4 1_555 A DA 21 1_555 C DT 3 1_555 -1.011 1.229  3.175 -7.845 3.252  39.326 1.414  0.566  3.395 4.765  11.494 
40.197 18 BB_DG24DA25:DT58DC59_CC B 24 ? C 59 ? B 25 ? C 58 ? 
# 
loop_
_pdbx_audit_support.funding_organization 
_pdbx_audit_support.country 
_pdbx_audit_support.grant_number 
_pdbx_audit_support.ordinal 
'National Science Foundation (NSF, United States)'                                   'United States' 1360635     1 
'National Institutes of Health/National Human Genome Research Institute (NIH/NHGRI)' 'United States' R01GM104960 2 
# 
_atom_sites.entry_id                    6V6R 
_atom_sites.Cartn_transf_matrix[1][1]   ? 
_atom_sites.Cartn_transf_matrix[1][2]   ? 
_atom_sites.Cartn_transf_matrix[1][3]   ? 
_atom_sites.Cartn_transf_matrix[2][1]   ? 
_atom_sites.Cartn_transf_matrix[2][2]   ? 
_atom_sites.Cartn_transf_matrix[2][3]   ? 
_atom_sites.Cartn_transf_matrix[3][1]   ? 
_atom_sites.Cartn_transf_matrix[3][2]   ? 
_atom_sites.Cartn_transf_matrix[3][3]   ? 
_atom_sites.Cartn_transf_vector[1]      ? 
_atom_sites.Cartn_transf_vector[2]      ? 
_atom_sites.Cartn_transf_vector[3]      ? 
_atom_sites.fract_transf_matrix[1][1]   -0.00143805 
_atom_sites.fract_transf_matrix[1][2]   0.00016095 
_atom_sites.fract_transf_matrix[1][3]   0.00986507 
_atom_sites.fract_transf_matrix[2][1]   0.00689086 
_atom_sites.fract_transf_matrix[2][2]   0.00402595 
_atom_sites.fract_transf_matrix[2][3]   0.00597734 
_atom_sites.fract_transf_matrix[3][1]   -0.01005858 
_atom_sites.fract_transf_matrix[3][2]   0.01987479 
_atom_sites.fract_transf_matrix[3][3]   -0.00179052 
_atom_sites.fract_transf_vector[1]      1.256178 
_atom_sites.fract_transf_vector[2]      1.038815 
_atom_sites.fract_transf_vector[3]      -0.370024 
_atom_sites.solution_primary            ? 
_atom_sites.solution_secondary          ? 
_atom_sites.solution_hydrogens          ? 
_atom_sites.special_details             ? 
# 
loop_
_atom_type.symbol 
AS 
C  
H  
N  
O  
P  
# 
loop_
_atom_site.group_PDB 
_atom_site.id 
_atom_site.type_symbol 
_atom_site.label_atom_id 
_atom_site.label_alt_id 
_atom_site.label_comp_id 
_atom_site.label_asym_id 
_atom_site.label_entity_id 
_atom_site.label_seq_id 
_atom_site.pdbx_PDB_ins_code 
_atom_site.Cartn_x 
_atom_site.Cartn_y 
_atom_site.Cartn_z 
_atom_site.occupancy 
_atom_site.B_iso_or_equiv 
_atom_site.pdbx_formal_charge 
_atom_site.auth_seq_id 
_atom_site.auth_comp_id 
_atom_site.auth_asym_id 
_atom_site.auth_atom_id 
_atom_site.pdbx_PDB_model_num 
ATOM   1    O  "O5'"  . DC  A 1 1  ? -32.382 -11.049 -14.547 1.00 135.18 ? 5   DC  B "O5'"  1 
ATOM   2    C  "C5'"  . DC  A 1 1  ? -31.083 -11.453 -14.965 1.00 121.60 ? 5   DC  B "C5'"  1 
ATOM   3    C  "C4'"  . DC  A 1 1  ? -31.030 -11.620 -16.472 1.00 120.33 ? 5   DC  B "C4'"  1 
ATOM   4    O  "O4'"  . DC  A 1 1  ? -31.560 -10.439 -17.101 1.00 114.65 ? 5   DC  B "O4'"  1 
ATOM   5    C  "C3'"  . DC  A 1 1  ? -29.633 -11.773 -17.046 1.00 118.42 ? 5   DC  B "C3'"  1 
ATOM   6    O  "O3'"  . DC  A 1 1  ? -29.265 -13.147 -17.051 1.00 124.18 ? 5   DC  B "O3'"  1 
ATOM   7    C  "C2'"  . DC  A 1 1  ? -29.781 -11.232 -18.472 1.00 108.78 ? 5   DC  B "C2'"  1 
ATOM   8    C  "C1'"  . DC  A 1 1  ? -30.976 -10.274 -18.376 1.00 104.81 ? 5   DC  B "C1'"  1 
ATOM   9    N  N1     . DC  A 1 1  ? -30.623 -8.828  -18.550 1.00 101.94 ? 5   DC  B N1     1 
ATOM   10   C  C2     . DC  A 1 1  ? -29.769 -8.435  -19.589 1.00 95.45  ? 5   DC  B C2     1 
ATOM   11   O  O2     . DC  A 1 1  ? -29.307 -9.291  -20.353 1.00 94.50  ? 5   DC  B O2     1 
ATOM   12   N  N3     . DC  A 1 1  ? -29.470 -7.120  -19.728 1.00 83.29  ? 5   DC  B N3     1 
ATOM   13   C  C4     . DC  A 1 1  ? -29.988 -6.223  -18.889 1.00 97.24  ? 5   DC  B C4     1 
ATOM   14   N  N4     . DC  A 1 1  ? -29.662 -4.938  -19.069 1.00 82.95  ? 5   DC  B N4     1 
ATOM   15   C  C5     . DC  A 1 1  ? -30.861 -6.603  -17.828 1.00 105.75 ? 5   DC  B C5     1 
ATOM   16   C  C6     . DC  A 1 1  ? -31.150 -7.901  -17.699 1.00 104.30 ? 5   DC  B C6     1 
ATOM   17   P  P      . DA  A 1 2  ? -27.933 -13.630 -16.295 1.00 138.26 ? 6   DA  B P      1 
ATOM   18   O  OP1    . DA  A 1 2  ? -27.990 -15.105 -16.189 1.00 129.95 ? 6   DA  B OP1    1 
ATOM   19   O  OP2    . DA  A 1 2  ? -27.785 -12.809 -15.073 1.00 119.61 ? 6   DA  B OP2    1 
ATOM   20   O  "O5'"  . DA  A 1 2  ? -26.754 -13.233 -17.300 1.00 128.34 ? 6   DA  B "O5'"  1 
ATOM   21   C  "C5'"  . DA  A 1 2  ? -26.543 -13.992 -18.486 1.00 129.06 ? 6   DA  B "C5'"  1 
ATOM   22   C  "C4'"  . DA  A 1 2  ? -25.385 -13.430 -19.289 1.00 116.54 ? 6   DA  B "C4'"  1 
ATOM   23   O  "O4'"  . DA  A 1 2  ? -25.784 -12.161 -19.858 1.00 110.91 ? 6   DA  B "O4'"  1 
ATOM   24   C  "C3'"  . DA  A 1 2  ? -24.116 -13.182 -18.473 1.00 104.61 ? 6   DA  B "C3'"  1 
ATOM   25   O  "O3'"  . DA  A 1 2  ? -23.091 -14.149 -18.802 1.00 94.04  ? 6   DA  B "O3'"  1 
ATOM   26   C  "C2'"  . DA  A 1 2  ? -23.693 -11.744 -18.786 1.00 110.95 ? 6   DA  B "C2'"  1 
ATOM   27   C  "C1'"  . DA  A 1 2  ? -24.806 -11.163 -19.653 1.00 118.32 ? 6   DA  B "C1'"  1 
ATOM   28   N  N9     . DA  A 1 2  ? -25.460 -10.002 -19.054 1.00 99.00  ? 6   DA  B N9     1 
ATOM   29   C  C8     . DA  A 1 2  ? -26.359 -10.004 -18.024 1.00 97.38  ? 6   DA  B C8     1 
ATOM   30   N  N7     . DA  A 1 2  ? -26.791 -8.809  -17.696 1.00 90.94  ? 6   DA  B N7     1 
ATOM   31   C  C5     . DA  A 1 2  ? -26.131 -7.964  -18.573 1.00 76.53  ? 6   DA  B C5     1 
ATOM   32   C  C6     . DA  A 1 2  ? -26.156 -6.566  -18.743 1.00 80.94  ? 6   DA  B C6     1 
ATOM   33   N  N6     . DA  A 1 2  ? -26.906 -5.748  -17.998 1.00 83.81  ? 6   DA  B N6     1 
ATOM   34   N  N1     . DA  A 1 2  ? -25.378 -6.039  -19.712 1.00 81.03  ? 6   DA  B N1     1 
ATOM   35   C  C2     . DA  A 1 2  ? -24.628 -6.862  -20.455 1.00 78.81  ? 6   DA  B C2     1 
ATOM   36   N  N3     . DA  A 1 2  ? -24.524 -8.190  -20.389 1.00 79.06  ? 6   DA  B N3     1 
ATOM   37   C  C4     . DA  A 1 2  ? -25.308 -8.683  -19.419 1.00 80.12  ? 6   DA  B C4     1 
ATOM   38   H  "H5'"  . DA  A 1 2  ? -27.348 -13.967 -19.027 1.00 154.87 ? 6   DA  B "H5'"  1 
ATOM   39   H  "H5''" . DA  A 1 2  ? -26.348 -14.911 -18.246 1.00 154.87 ? 6   DA  B "H5''" 1 
ATOM   40   H  "H4'"  . DA  A 1 2  ? -25.177 -14.044 -20.010 1.00 139.84 ? 6   DA  B "H4'"  1 
ATOM   41   H  "H3'"  . DA  A 1 2  ? -24.327 -13.252 -17.529 1.00 125.53 ? 6   DA  B "H3'"  1 
ATOM   42   H  "H2'"  . DA  A 1 2  ? -23.609 -11.233 -17.965 1.00 133.14 ? 6   DA  B "H2'"  1 
ATOM   43   H  "H2''" . DA  A 1 2  ? -22.854 -11.739 -19.271 1.00 133.14 ? 6   DA  B "H2''" 1 
ATOM   44   H  "H1'"  . DA  A 1 2  ? -24.433 -10.906 -20.511 1.00 141.99 ? 6   DA  B "H1'"  1 
ATOM   45   H  H8     . DA  A 1 2  ? -26.636 -10.780 -17.594 1.00 116.85 ? 6   DA  B H8     1 
ATOM   46   H  H61    . DA  A 1 2  ? -26.888 -4.899  -18.140 1.00 100.57 ? 6   DA  B H61    1 
ATOM   47   H  H62    . DA  A 1 2  ? -27.406 -6.068  -17.377 1.00 100.57 ? 6   DA  B H62    1 
ATOM   48   H  H2     . DA  A 1 2  ? -24.112 -6.452  -21.110 1.00 94.57  ? 6   DA  B H2     1 
ATOM   49   P  P      . DC  A 1 3  ? -22.392 -14.189 -20.254 1.00 146.65 ? 7   DC  B P      1 
ATOM   50   O  OP1    . DC  A 1 3  ? -23.377 -13.833 -21.297 1.00 132.80 ? 7   DC  B OP1    1 
ATOM   51   O  OP2    . DC  A 1 3  ? -21.674 -15.480 -20.341 1.00 130.12 ? 7   DC  B OP2    1 
ATOM   52   O  "O5'"  . DC  A 1 3  ? -21.288 -13.034 -20.200 1.00 128.69 ? 7   DC  B "O5'"  1 
ATOM   53   C  "C5'"  . DC  A 1 3  ? -20.697 -12.571 -21.408 1.00 109.69 ? 7   DC  B "C5'"  1 
ATOM   54   C  "C4'"  . DC  A 1 3  ? -19.953 -11.263 -21.195 1.00 118.37 ? 7   DC  B "C4'"  1 
ATOM   55   O  "O4'"  . DC  A 1 3  ? -20.871 -10.249 -20.742 1.00 118.58 ? 7   DC  B "O4'"  1 
ATOM   56   C  "C3'"  . DC  A 1 3  ? -18.853 -11.316 -20.132 1.00 121.60 ? 7   DC  B "C3'"  1 
ATOM   57   O  "O3'"  . DC  A 1 3  ? -17.533 -11.498 -20.730 1.00 107.73 ? 7   DC  B "O3'"  1 
ATOM   58   C  "C2'"  . DC  A 1 3  ? -18.999 -9.992  -19.350 1.00 110.46 ? 7   DC  B "C2'"  1 
ATOM   59   C  "C1'"  . DC  A 1 3  ? -20.147 -9.265  -20.048 1.00 106.25 ? 7   DC  B "C1'"  1 
ATOM   60   N  N1     . DC  A 1 3  ? -21.090 -8.558  -19.119 1.00 83.37  ? 7   DC  B N1     1 
ATOM   61   C  C2     . DC  A 1 3  ? -21.290 -7.175  -19.240 1.00 90.68  ? 7   DC  B C2     1 
ATOM   62   O  O2     . DC  A 1 3  ? -20.670 -6.547  -20.106 1.00 114.97 ? 7   DC  B O2     1 
ATOM   63   N  N3     . DC  A 1 3  ? -22.159 -6.562  -18.397 1.00 77.58  ? 7   DC  B N3     1 
ATOM   64   C  C4     . DC  A 1 3  ? -22.812 -7.272  -17.476 1.00 76.65  ? 7   DC  B C4     1 
ATOM   65   N  N4     . DC  A 1 3  ? -23.658 -6.625  -16.668 1.00 84.07  ? 7   DC  B N4     1 
ATOM   66   C  C5     . DC  A 1 3  ? -22.625 -8.679  -17.341 1.00 75.91  ? 7   DC  B C5     1 
ATOM   67   C  C6     . DC  A 1 3  ? -21.766 -9.273  -18.176 1.00 81.73  ? 7   DC  B C6     1 
ATOM   68   H  "H5'"  . DC  A 1 3  ? -21.393 -12.435 -22.070 1.00 131.63 ? 7   DC  B "H5'"  1 
ATOM   69   H  "H5''" . DC  A 1 3  ? -20.075 -13.240 -21.734 1.00 131.63 ? 7   DC  B "H5''" 1 
ATOM   70   H  "H4'"  . DC  A 1 3  ? -19.563 -10.982 -22.037 1.00 142.05 ? 7   DC  B "H4'"  1 
ATOM   71   H  "H3'"  . DC  A 1 3  ? -19.031 -12.057 -19.531 1.00 145.92 ? 7   DC  B "H3'"  1 
ATOM   72   H  "H2'"  . DC  A 1 3  ? -19.224 -10.170 -18.423 1.00 132.56 ? 7   DC  B "H2'"  1 
ATOM   73   H  "H2''" . DC  A 1 3  ? -18.182 -9.473  -19.410 1.00 132.56 ? 7   DC  B "H2''" 1 
ATOM   74   H  "H1'"  . DC  A 1 3  ? -19.785 -8.627  -20.683 1.00 127.50 ? 7   DC  B "H1'"  1 
ATOM   75   H  H41    . DC  A 1 3  ? -24.091 -7.057  -16.063 1.00 100.88 ? 7   DC  B H41    1 
ATOM   76   H  H42    . DC  A 1 3  ? -23.769 -5.777  -16.754 1.00 100.88 ? 7   DC  B H42    1 
ATOM   77   H  H5     . DC  A 1 3  ? -23.084 -9.166  -16.695 1.00 91.09  ? 7   DC  B H5     1 
ATOM   78   H  H6     . DC  A 1 3  ? -21.626 -10.190 -18.110 1.00 98.08  ? 7   DC  B H6     1 
ATOM   79   P  P      . DT  A 1 4  ? -16.922 -10.488 -21.830 1.00 150.32 ? 8   DT  B P      1 
ATOM   80   O  OP1    . DT  A 1 4  ? -17.759 -10.461 -23.048 1.00 132.67 ? 8   DT  B OP1    1 
ATOM   81   O  OP2    . DT  A 1 4  ? -15.498 -10.863 -21.970 1.00 131.75 ? 8   DT  B OP2    1 
ATOM   82   O  "O5'"  . DT  A 1 4  ? -16.987 -9.052  -21.137 1.00 115.63 ? 8   DT  B "O5'"  1 
ATOM   83   C  "C5'"  . DT  A 1 4  ? -17.044 -7.878  -21.929 1.00 121.05 ? 8   DT  B "C5'"  1 
ATOM   84   C  "C4'"  . DT  A 1 4  ? -16.468 -6.697  -21.175 1.00 110.92 ? 8   DT  B "C4'"  1 
ATOM   85   O  "O4'"  . DT  A 1 4  ? -17.441 -6.220  -20.192 1.00 119.09 ? 8   DT  B "O4'"  1 
ATOM   86   C  "C3'"  . DT  A 1 4  ? -15.198 -7.008  -20.380 1.00 120.19 ? 8   DT  B "C3'"  1 
ATOM   87   O  "O3'"  . DT  A 1 4  ? -14.276 -5.929  -20.462 1.00 110.90 ? 8   DT  B "O3'"  1 
ATOM   88   C  "C2'"  . DT  A 1 4  ? -15.733 -7.207  -18.971 1.00 99.35  ? 8   DT  B "C2'"  1 
ATOM   89   C  "C1'"  . DT  A 1 4  ? -16.817 -6.143  -18.927 1.00 98.49  ? 8   DT  B "C1'"  1 
ATOM   90   N  N1     . DT  A 1 4  ? -17.854 -6.306  -17.840 1.00 82.35  ? 8   DT  B N1     1 
ATOM   91   C  C2     . DT  A 1 4  ? -18.574 -5.200  -17.445 1.00 92.24  ? 8   DT  B C2     1 
ATOM   92   O  O2     . DT  A 1 4  ? -18.418 -4.095  -17.930 1.00 103.42 ? 8   DT  B O2     1 
ATOM   93   N  N3     . DT  A 1 4  ? -19.491 -5.433  -16.456 1.00 81.84  ? 8   DT  B N3     1 
ATOM   94   C  C4     . DT  A 1 4  ? -19.759 -6.635  -15.830 1.00 86.40  ? 8   DT  B C4     1 
ATOM   95   O  O4     . DT  A 1 4  ? -20.607 -6.741  -14.949 1.00 82.53  ? 8   DT  B O4     1 
ATOM   96   C  C5     . DT  A 1 4  ? -18.972 -7.757  -16.285 1.00 79.20  ? 8   DT  B C5     1 
ATOM   97   C  C7     . DT  A 1 4  ? -19.175 -9.113  -15.674 1.00 81.07  ? 8   DT  B C7     1 
ATOM   98   C  C6     . DT  A 1 4  ? -18.066 -7.544  -17.256 1.00 77.43  ? 8   DT  B C6     1 
ATOM   99   H  "H5'"  . DT  A 1 4  ? -17.968 -7.692  -22.158 1.00 145.26 ? 8   DT  B "H5'"  1 
ATOM   100  H  "H5''" . DT  A 1 4  ? -16.535 -8.016  -22.743 1.00 145.26 ? 8   DT  B "H5''" 1 
ATOM   101  H  "H4'"  . DT  A 1 4  ? -16.280 -5.983  -21.804 1.00 133.10 ? 8   DT  B "H4'"  1 
ATOM   102  H  "H3'"  . DT  A 1 4  ? -14.792 -7.828  -20.704 1.00 144.23 ? 8   DT  B "H3'"  1 
ATOM   103  H  "H2'"  . DT  A 1 4  ? -16.110 -8.094  -18.863 1.00 119.22 ? 8   DT  B "H2'"  1 
ATOM   104  H  "H2''" . DT  A 1 4  ? -15.046 -7.032  -18.310 1.00 119.22 ? 8   DT  B "H2''" 1 
ATOM   105  H  "H1'"  . DT  A 1 4  ? -16.398 -5.272  -18.835 1.00 118.18 ? 8   DT  B "H1'"  1 
ATOM   106  H  H3     . DT  A 1 4  ? -19.954 -4.755  -16.197 1.00 98.21  ? 8   DT  B H3     1 
ATOM   107  H  H71    . DT  A 1 4  ? -19.832 -9.052  -14.964 1.00 97.28  ? 8   DT  B H71    1 
ATOM   108  H  H72    . DT  A 1 4  ? -19.488 -9.730  -16.354 1.00 97.28  ? 8   DT  B H72    1 
ATOM   109  H  H73    . DT  A 1 4  ? -18.335 -9.433  -15.311 1.00 97.28  ? 8   DT  B H73    1 
ATOM   110  H  H6     . DT  A 1 4  ? -17.556 -8.265  -17.550 1.00 92.91  ? 8   DT  B H6     1 
ATOM   111  P  P      . DG  A 1 5  ? -12.699 -6.209  -20.573 1.00 153.75 ? 9   DG  B P      1 
ATOM   112  O  OP1    . DG  A 1 5  ? -12.417 -6.694  -21.944 1.00 130.49 ? 9   DG  B OP1    1 
ATOM   113  O  OP2    . DG  A 1 5  ? -12.307 -7.031  -19.407 1.00 135.76 ? 9   DG  B OP2    1 
ATOM   114  O  "O5'"  . DG  A 1 5  ? -12.049 -4.759  -20.390 1.00 135.67 ? 9   DG  B "O5'"  1 
ATOM   115  C  "C5'"  . DG  A 1 5  ? -12.614 -3.637  -21.060 1.00 127.46 ? 9   DG  B "C5'"  1 
ATOM   116  C  "C4'"  . DG  A 1 5  ? -12.962 -2.536  -20.076 1.00 138.38 ? 9   DG  B "C4'"  1 
ATOM   117  O  "O4'"  . DG  A 1 5  ? -13.992 -3.013  -19.155 1.00 135.90 ? 9   DG  B "O4'"  1 
ATOM   118  C  "C3'"  . DG  A 1 5  ? -11.804 -2.074  -19.191 1.00 127.23 ? 9   DG  B "C3'"  1 
ATOM   119  O  "O3'"  . DG  A 1 5  ? -11.883 -0.670  -18.950 1.00 131.78 ? 9   DG  B "O3'"  1 
ATOM   120  C  "C2'"  . DG  A 1 5  ? -12.018 -2.890  -17.930 1.00 121.25 ? 9   DG  B "C2'"  1 
ATOM   121  C  "C1'"  . DG  A 1 5  ? -13.529 -2.873  -17.824 1.00 115.97 ? 9   DG  B "C1'"  1 
ATOM   122  N  N9     . DG  A 1 5  ? -14.088 -3.941  -16.999 1.00 98.70  ? 9   DG  B N9     1 
ATOM   123  C  C8     . DG  A 1 5  ? -13.697 -5.257  -16.968 1.00 101.42 ? 9   DG  B C8     1 
ATOM   124  N  N7     . DG  A 1 5  ? -14.381 -5.983  -16.128 1.00 90.35  ? 9   DG  B N7     1 
ATOM   125  C  C5     . DG  A 1 5  ? -15.282 -5.090  -15.561 1.00 87.02  ? 9   DG  B C5     1 
ATOM   126  C  C6     . DG  A 1 5  ? -16.281 -5.302  -14.580 1.00 95.25  ? 9   DG  B C6     1 
ATOM   127  O  O6     . DG  A 1 5  ? -16.577 -6.356  -14.000 1.00 92.99  ? 9   DG  B O6     1 
ATOM   128  N  N1     . DG  A 1 5  ? -16.972 -4.128  -14.287 1.00 79.02  ? 9   DG  B N1     1 
ATOM   129  C  C2     . DG  A 1 5  ? -16.728 -2.907  -14.867 1.00 88.34  ? 9   DG  B C2     1 
ATOM   130  N  N2     . DG  A 1 5  ? -17.497 -1.891  -14.455 1.00 97.49  ? 9   DG  B N2     1 
ATOM   131  N  N3     . DG  A 1 5  ? -15.795 -2.696  -15.788 1.00 92.00  ? 9   DG  B N3     1 
ATOM   132  C  C4     . DG  A 1 5  ? -15.113 -3.829  -16.085 1.00 94.96  ? 9   DG  B C4     1 
ATOM   133  H  "H5'"  . DG  A 1 5  ? -13.418 -3.916  -21.525 1.00 152.95 ? 9   DG  B "H5'"  1 
ATOM   134  H  "H5''" . DG  A 1 5  ? -11.974 -3.297  -21.706 1.00 152.95 ? 9   DG  B "H5''" 1 
ATOM   135  H  "H4'"  . DG  A 1 5  ? -13.307 -1.774  -20.566 1.00 166.05 ? 9   DG  B "H4'"  1 
ATOM   136  H  "H3'"  . DG  A 1 5  ? -10.955 -2.302  -19.601 1.00 152.68 ? 9   DG  B "H3'"  1 
ATOM   137  H  "H2'"  . DG  A 1 5  ? -11.687 -3.795  -18.040 1.00 145.50 ? 9   DG  B "H2'"  1 
ATOM   138  H  "H2''" . DG  A 1 5  ? -11.610 -2.458  -17.162 1.00 145.50 ? 9   DG  B "H2''" 1 
ATOM   139  H  "H1'"  . DG  A 1 5  ? -13.816 -2.015  -17.474 1.00 139.16 ? 9   DG  B "H1'"  1 
ATOM   140  H  H8     . DG  A 1 5  ? -13.015 -5.599  -17.500 1.00 121.71 ? 9   DG  B H8     1 
ATOM   141  H  H1     . DG  A 1 5  ? -17.598 -4.172  -13.698 1.00 94.82  ? 9   DG  B H1     1 
ATOM   142  H  H21    . DG  A 1 5  ? -17.379 -1.103  -14.781 1.00 116.99 ? 9   DG  B H21    1 
ATOM   143  H  H22    . DG  A 1 5  ? -18.109 -2.025  -13.866 1.00 116.99 ? 9   DG  B H22    1 
ATOM   144  P  P      . DA  A 1 6  ? -10.710 0.102   -18.164 1.00 139.03 ? 10  DA  B P      1 
ATOM   145  O  OP1    . DA  A 1 6  ? -9.593  0.281   -19.117 1.00 129.81 ? 10  DA  B OP1    1 
ATOM   146  O  OP2    . DA  A 1 6  ? -10.468 -0.561  -16.865 1.00 116.78 ? 10  DA  B OP2    1 
ATOM   147  O  "O5'"  . DA  A 1 6  ? -11.346 1.535   -17.846 1.00 138.98 ? 10  DA  B "O5'"  1 
ATOM   148  C  "C5'"  . DA  A 1 6  ? -12.737 1.656   -17.529 1.00 133.78 ? 10  DA  B "C5'"  1 
ATOM   149  C  "C4'"  . DA  A 1 6  ? -12.992 1.515   -16.032 1.00 136.94 ? 10  DA  B "C4'"  1 
ATOM   150  O  "O4'"  . DA  A 1 6  ? -13.328 0.146   -15.713 1.00 133.74 ? 10  DA  B "O4'"  1 
ATOM   151  C  "C3'"  . DA  A 1 6  ? -11.809 1.859   -15.116 1.00 124.93 ? 10  DA  B "C3'"  1 
ATOM   152  O  "O3'"  . DA  A 1 6  ? -11.971 3.162   -14.555 1.00 122.72 ? 10  DA  B "O3'"  1 
ATOM   153  C  "C2'"  . DA  A 1 6  ? -11.822 0.753   -14.044 1.00 110.91 ? 10  DA  B "C2'"  1 
ATOM   154  C  "C1'"  . DA  A 1 6  ? -13.094 -0.031  -14.340 1.00 127.26 ? 10  DA  B "C1'"  1 
ATOM   155  N  N9     . DA  A 1 6  ? -12.994 -1.458  -14.036 1.00 111.67 ? 10  DA  B N9     1 
ATOM   156  C  C8     . DA  A 1 6  ? -12.116 -2.357  -14.571 1.00 102.61 ? 10  DA  B C8     1 
ATOM   157  N  N7     . DA  A 1 6  ? -12.249 -3.574  -14.098 1.00 100.74 ? 10  DA  B N7     1 
ATOM   158  C  C5     . DA  A 1 6  ? -13.283 -3.464  -13.184 1.00 92.62  ? 10  DA  B C5     1 
ATOM   159  C  C6     . DA  A 1 6  ? -13.907 -4.403  -12.340 1.00 89.59  ? 10  DA  B C6     1 
ATOM   160  N  N6     . DA  A 1 6  ? -13.557 -5.692  -12.288 1.00 86.46  ? 10  DA  B N6     1 
ATOM   161  N  N1     . DA  A 1 6  ? -14.909 -3.965  -11.549 1.00 90.16  ? 10  DA  B N1     1 
ATOM   162  C  C2     . DA  A 1 6  ? -15.255 -2.674  -11.604 1.00 97.23  ? 10  DA  B C2     1 
ATOM   163  N  N3     . DA  A 1 6  ? -14.743 -1.700  -12.355 1.00 106.80 ? 10  DA  B N3     1 
ATOM   164  C  C4     . DA  A 1 6  ? -13.752 -2.166  -13.130 1.00 89.69  ? 10  DA  B C4     1 
ATOM   165  H  "H5'"  . DA  A 1 6  ? -13.229 0.964   -17.999 1.00 160.54 ? 10  DA  B "H5'"  1 
ATOM   166  H  "H5''" . DA  A 1 6  ? -13.053 2.524   -17.822 1.00 160.54 ? 10  DA  B "H5''" 1 
ATOM   167  H  "H4'"  . DA  A 1 6  ? -13.743 2.081   -15.793 1.00 164.33 ? 10  DA  B "H4'"  1 
ATOM   168  H  "H3'"  . DA  A 1 6  ? -10.982 1.818   -15.621 1.00 149.92 ? 10  DA  B "H3'"  1 
ATOM   169  H  "H2'"  . DA  A 1 6  ? -11.042 0.183   -14.135 1.00 133.09 ? 10  DA  B "H2'"  1 
ATOM   170  H  "H2''" . DA  A 1 6  ? -11.860 1.141   -13.156 1.00 133.09 ? 10  DA  B "H2''" 1 
ATOM   171  H  "H1'"  . DA  A 1 6  ? -13.830 0.352   -13.839 1.00 152.71 ? 10  DA  B "H1'"  1 
ATOM   172  H  H8     . DA  A 1 6  ? -11.486 -2.130  -15.216 1.00 123.13 ? 10  DA  B H8     1 
ATOM   173  H  H61    . DA  A 1 6  ? -13.970 -6.229  -11.759 1.00 103.75 ? 10  DA  B H61    1 
ATOM   174  H  H62    . DA  A 1 6  ? -12.918 -5.984  -12.785 1.00 103.75 ? 10  DA  B H62    1 
ATOM   175  H  H2     . DA  A 1 6  ? -15.950 -2.422  -11.040 1.00 116.67 ? 10  DA  B H2     1 
ATOM   176  P  P      . DC  A 1 7  ? -10.943 3.703   -13.442 1.00 150.07 ? 11  DC  B P      1 
ATOM   177  O  OP1    . DC  A 1 7  ? -11.018 5.181   -13.444 1.00 135.36 ? 11  DC  B OP1    1 
ATOM   178  O  OP2    . DC  A 1 7  ? -9.644  3.031   -13.663 1.00 142.56 ? 11  DC  B OP2    1 
ATOM   179  O  "O5'"  . DC  A 1 7  ? -11.550 3.158   -12.065 1.00 122.15 ? 11  DC  B "O5'"  1 
ATOM   180  C  "C5'"  . DC  A 1 7  ? -12.929 3.350   -11.776 1.00 123.63 ? 11  DC  B "C5'"  1 
ATOM   181  C  "C4'"  . DC  A 1 7  ? -13.402 2.401   -10.687 1.00 130.15 ? 11  DC  B "C4'"  1 
ATOM   182  O  "O4'"  . DC  A 1 7  ? -13.155 1.039   -11.082 1.00 119.99 ? 11  DC  B "O4'"  1 
ATOM   183  C  "C3'"  . DC  A 1 7  ? -12.698 2.553   -9.341  1.00 117.94 ? 11  DC  B "C3'"  1 
ATOM   184  O  "O3'"  . DC  A 1 7  ? -13.464 3.370   -8.465  1.00 111.02 ? 11  DC  B "O3'"  1 
ATOM   185  C  "C2'"  . DC  A 1 7  ? -12.555 1.112   -8.818  1.00 101.89 ? 11  DC  B "C2'"  1 
ATOM   186  C  "C1'"  . DC  A 1 7  ? -13.156 0.247   -9.922  1.00 118.86 ? 11  DC  B "C1'"  1 
ATOM   187  N  N1     . DC  A 1 7  ? -12.401 -1.015  -10.192 1.00 93.13  ? 11  DC  B N1     1 
ATOM   188  C  C2     . DC  A 1 7  ? -12.698 -2.165  -9.453  1.00 88.26  ? 11  DC  B C2     1 
ATOM   189  O  O2     . DC  A 1 7  ? -13.572 -2.114  -8.579  1.00 98.46  ? 11  DC  B O2     1 
ATOM   190  N  N3     . DC  A 1 7  ? -12.016 -3.306  -9.715  1.00 88.76  ? 11  DC  B N3     1 
ATOM   191  C  C4     . DC  A 1 7  ? -11.081 -3.323  -10.666 1.00 98.89  ? 11  DC  B C4     1 
ATOM   192  N  N4     . DC  A 1 7  ? -10.435 -4.473  -10.886 1.00 91.55  ? 11  DC  B N4     1 
ATOM   193  C  C5     . DC  A 1 7  ? -10.766 -2.161  -11.431 1.00 85.13  ? 11  DC  B C5     1 
ATOM   194  C  C6     . DC  A 1 7  ? -11.447 -1.041  -11.164 1.00 91.06  ? 11  DC  B C6     1 
ATOM   195  H  "H5'"  . DC  A 1 7  ? -13.447 3.193   -12.580 1.00 148.36 ? 11  DC  B "H5'"  1 
ATOM   196  H  "H5''" . DC  A 1 7  ? -13.068 4.264   -11.482 1.00 148.36 ? 11  DC  B "H5''" 1 
ATOM   197  H  "H4'"  . DC  A 1 7  ? -14.356 2.522   -10.557 1.00 156.18 ? 11  DC  B "H4'"  1 
ATOM   198  H  "H3'"  . DC  A 1 7  ? -11.820 2.944   -9.473  1.00 141.52 ? 11  DC  B "H3'"  1 
ATOM   199  H  "H2'"  . DC  A 1 7  ? -11.619 0.890   -8.684  1.00 122.27 ? 11  DC  B "H2'"  1 
ATOM   200  H  "H2''" . DC  A 1 7  ? -13.052 1.000   -7.991  1.00 122.27 ? 11  DC  B "H2''" 1 
ATOM   201  H  "H1'"  . DC  A 1 7  ? -14.071 0.025   -9.688  1.00 142.64 ? 11  DC  B "H1'"  1 
ATOM   202  H  H41    . DC  A 1 7  ? -9.817  -4.511  -11.482 1.00 109.86 ? 11  DC  B H41    1 
ATOM   203  H  H42    . DC  A 1 7  ? -10.640 -5.174  -10.433 1.00 109.86 ? 11  DC  B H42    1 
ATOM   204  H  H5     . DC  A 1 7  ? -10.114 -2.183  -12.094 1.00 102.15 ? 11  DC  B H5     1 
ATOM   205  H  H6     . DC  A 1 7  ? -11.264 -0.268  -11.650 1.00 109.27 ? 11  DC  B H6     1 
ATOM   206  P  P      . DT  A 1 8  ? -12.831 3.886   -7.081  1.00 147.64 ? 12  DT  B P      1 
ATOM   207  O  OP1    . DT  A 1 8  ? -13.949 4.155   -6.149  1.00 143.39 ? 12  DT  B OP1    1 
ATOM   208  O  OP2    . DT  A 1 8  ? -11.864 4.959   -7.403  1.00 131.92 ? 12  DT  B OP2    1 
ATOM   209  O  "O5'"  . DT  A 1 8  ? -12.026 2.619   -6.534  1.00 129.17 ? 12  DT  B "O5'"  1 
ATOM   210  C  "C5'"  . DT  A 1 8  ? -11.881 2.417   -5.140  1.00 124.70 ? 12  DT  B "C5'"  1 
ATOM   211  C  "C4'"  . DT  A 1 8  ? -13.067 1.655   -4.573  1.00 125.44 ? 12  DT  B "C4'"  1 
ATOM   212  O  "O4'"  . DT  A 1 8  ? -13.237 0.410   -5.307  1.00 124.67 ? 12  DT  B "O4'"  1 
ATOM   213  C  "C3'"  . DT  A 1 8  ? -12.917 1.250   -3.117  1.00 116.25 ? 12  DT  B "C3'"  1 
ATOM   214  O  "O3'"  . DT  A 1 8  ? -14.176 1.193   -2.459  1.00 128.83 ? 12  DT  B "O3'"  1 
ATOM   215  C  "C2'"  . DT  A 1 8  ? -12.257 -0.113  -3.225  1.00 107.04 ? 12  DT  B "C2'"  1 
ATOM   216  C  "C1'"  . DT  A 1 8  ? -12.882 -0.692  -4.487  1.00 118.58 ? 12  DT  B "C1'"  1 
ATOM   217  N  N1     . DT  A 1 8  ? -11.962 -1.588  -5.251  1.00 94.50  ? 12  DT  B N1     1 
ATOM   218  C  C2     . DT  A 1 8  ? -11.885 -2.920  -4.912  1.00 94.71  ? 12  DT  B C2     1 
ATOM   219  O  O2     . DT  A 1 8  ? -12.536 -3.420  -4.012  1.00 106.69 ? 12  DT  B O2     1 
ATOM   220  N  N3     . DT  A 1 8  ? -11.015 -3.656  -5.672  1.00 76.70  ? 12  DT  B N3     1 
ATOM   221  C  C4     . DT  A 1 8  ? -10.228 -3.201  -6.712  1.00 88.42  ? 12  DT  B C4     1 
ATOM   222  O  O4     . DT  A 1 8  ? -9.474  -3.943  -7.337  1.00 86.04  ? 12  DT  B O4     1 
ATOM   223  C  C5     . DT  A 1 8  ? -10.354 -1.796  -7.014  1.00 82.49  ? 12  DT  B C5     1 
ATOM   224  C  C7     . DT  A 1 8  ? -9.548  -1.190  -8.125  1.00 91.32  ? 12  DT  B C7     1 
ATOM   225  C  C6     . DT  A 1 8  ? -11.204 -1.065  -6.277  1.00 79.00  ? 12  DT  B C6     1 
ATOM   226  H  "H5'"  . DT  A 1 8  ? -11.816 3.278   -4.698  1.00 149.64 ? 12  DT  B "H5'"  1 
ATOM   227  H  "H5''" . DT  A 1 8  ? -11.070 1.911   -4.974  1.00 149.64 ? 12  DT  B "H5''" 1 
ATOM   228  H  "H4'"  . DT  A 1 8  ? -13.867 2.195   -4.672  1.00 150.53 ? 12  DT  B "H4'"  1 
ATOM   229  H  "H3'"  . DT  A 1 8  ? -12.327 1.869   -2.658  1.00 139.50 ? 12  DT  B "H3'"  1 
ATOM   230  H  "H2'"  . DT  A 1 8  ? -11.298 -0.022  -3.328  1.00 128.45 ? 12  DT  B "H2'"  1 
ATOM   231  H  "H2''" . DT  A 1 8  ? -12.472 -0.660  -2.453  1.00 128.45 ? 12  DT  B "H2''" 1 
ATOM   232  H  "H1'"  . DT  A 1 8  ? -13.683 -1.184  -4.249  1.00 142.30 ? 12  DT  B "H1'"  1 
ATOM   233  H  H3     . DT  A 1 8  ? -10.951 -4.491  -5.478  1.00 92.04  ? 12  DT  B H3     1 
ATOM   234  H  H71    . DT  A 1 8  ? -10.145 -0.798  -8.781  1.00 109.58 ? 12  DT  B H71    1 
ATOM   235  H  H72    . DT  A 1 8  ? -8.966  -0.502  -7.764  1.00 109.58 ? 12  DT  B H72    1 
ATOM   236  H  H73    . DT  A 1 8  ? -9.010  -1.878  -8.547  1.00 109.58 ? 12  DT  B H73    1 
ATOM   237  H  H6     . DT  A 1 8  ? -11.289 -0.158  -6.470  1.00 94.80  ? 12  DT  B H6     1 
ATOM   238  P  P      . DC  A 1 9  ? -14.256 1.382   -0.866  1.00 133.70 ? 13  DC  B P      1 
ATOM   239  O  OP1    . DC  A 1 9  ? -15.679 1.265   -0.472  1.00 138.86 ? 13  DC  B OP1    1 
ATOM   240  O  OP2    . DC  A 1 9  ? -13.492 2.601   -0.518  1.00 127.01 ? 13  DC  B OP2    1 
ATOM   241  O  "O5'"  . DC  A 1 9  ? -13.459 0.121   -0.287  1.00 113.55 ? 13  DC  B "O5'"  1 
ATOM   242  C  "C5'"  . DC  A 1 9  ? -14.091 -1.152  -0.225  1.00 114.30 ? 13  DC  B "C5'"  1 
ATOM   243  C  "C4'"  . DC  A 1 9  ? -13.153 -2.209  0.333   1.00 104.81 ? 13  DC  B "C4'"  1 
ATOM   244  O  "O4'"  . DC  A 1 9  ? -12.351 -2.763  -0.742  1.00 116.89 ? 13  DC  B "O4'"  1 
ATOM   245  C  "C3'"  . DC  A 1 9  ? -12.163 -1.707  1.394   1.00 123.02 ? 13  DC  B "C3'"  1 
ATOM   246  O  "O3'"  . DC  A 1 9  ? -12.332 -2.433  2.608   1.00 120.67 ? 13  DC  B "O3'"  1 
ATOM   247  C  "C2'"  . DC  A 1 9  ? -10.783 -1.927  0.761   1.00 113.69 ? 13  DC  B "C2'"  1 
ATOM   248  C  "C1'"  . DC  A 1 9  ? -11.050 -3.013  -0.267  1.00 113.02 ? 13  DC  B "C1'"  1 
ATOM   249  N  N1     . DC  A 1 9  ? -10.109 -3.023  -1.440  1.00 86.05  ? 13  DC  B N1     1 
ATOM   250  C  C2     . DC  A 1 9  ? -9.485  -4.217  -1.825  1.00 89.00  ? 13  DC  B C2     1 
ATOM   251  O  O2     . DC  A 1 9  ? -9.705  -5.251  -1.180  1.00 100.71 ? 13  DC  B O2     1 
ATOM   252  N  N3     . DC  A 1 9  ? -8.650  -4.207  -2.895  1.00 69.34  ? 13  DC  B N3     1 
ATOM   253  C  C4     . DC  A 1 9  ? -8.438  -3.072  -3.565  1.00 77.84  ? 13  DC  B C4     1 
ATOM   254  N  N4     . DC  A 1 9  ? -7.607  -3.109  -4.613  1.00 79.95  ? 13  DC  B N4     1 
ATOM   255  C  C5     . DC  A 1 9  ? -9.068  -1.851  -3.192  1.00 66.55  ? 13  DC  B C5     1 
ATOM   256  C  C6     . DC  A 1 9  ? -9.887  -1.874  -2.136  1.00 80.00  ? 13  DC  B C6     1 
ATOM   257  H  "H5'"  . DC  A 1 9  ? -14.368 -1.413  -1.118  1.00 137.16 ? 13  DC  B "H5'"  1 
ATOM   258  H  "H5''" . DC  A 1 9  ? -14.875 -1.090  0.344   1.00 137.16 ? 13  DC  B "H5''" 1 
ATOM   259  H  "H4'"  . DC  A 1 9  ? -13.685 -2.921  0.720   1.00 125.77 ? 13  DC  B "H4'"  1 
ATOM   260  H  "H3'"  . DC  A 1 9  ? -12.306 -0.760  1.552   1.00 147.63 ? 13  DC  B "H3'"  1 
ATOM   261  H  "H2'"  . DC  A 1 9  ? -10.470 -1.117  0.330   1.00 136.43 ? 13  DC  B "H2'"  1 
ATOM   262  H  "H2''" . DC  A 1 9  ? -10.147 -2.234  1.425   1.00 136.43 ? 13  DC  B "H2''" 1 
ATOM   263  H  "H1'"  . DC  A 1 9  ? -11.029 -3.880  0.168   1.00 135.62 ? 13  DC  B "H1'"  1 
ATOM   264  H  H41    . DC  A 1 9  ? -7.449  -2.393  -5.061  1.00 95.94  ? 13  DC  B H41    1 
ATOM   265  H  H42    . DC  A 1 9  ? -7.232  -3.850  -4.838  1.00 95.94  ? 13  DC  B H42    1 
ATOM   266  H  H5     . DC  A 1 9  ? -8.914  -1.066  -3.666  1.00 79.86  ? 13  DC  B H5     1 
ATOM   267  H  H6     . DC  A 1 9  ? -10.314 -1.091  -1.872  1.00 96.00  ? 13  DC  B H6     1 
ATOM   268  P  P      . DA  A 1 10 ? -11.369 -2.160  3.865   1.00 153.03 ? 14  DA  B P      1 
ATOM   269  O  OP1    . DA  A 1 10 ? -12.188 -2.271  5.092   1.00 135.38 ? 14  DA  B OP1    1 
ATOM   270  O  OP2    . DA  A 1 10 ? -10.611 -0.919  3.591   1.00 134.45 ? 14  DA  B OP2    1 
ATOM   271  O  "O5'"  . DA  A 1 10 ? -10.338 -3.380  3.818   1.00 143.19 ? 14  DA  B "O5'"  1 
ATOM   272  C  "C5'"  . DA  A 1 10 ? -10.822 -4.713  3.686   1.00 128.04 ? 14  DA  B "C5'"  1 
ATOM   273  C  "C4'"  . DA  A 1 10 ? -9.678  -5.683  3.465   1.00 123.78 ? 14  DA  B "C4'"  1 
ATOM   274  O  "O4'"  . DA  A 1 10 ? -9.164  -5.513  2.123   1.00 123.38 ? 14  DA  B "O4'"  1 
ATOM   275  C  "C3'"  . DA  A 1 10 ? -8.501  -5.498  4.422   1.00 129.34 ? 14  DA  B "C3'"  1 
ATOM   276  O  "O3'"  . DA  A 1 10 ? -8.287  -6.685  5.177   1.00 137.55 ? 14  DA  B "O3'"  1 
ATOM   277  C  "C2'"  . DA  A 1 10 ? -7.305  -5.146  3.531   1.00 106.37 ? 14  DA  B "C2'"  1 
ATOM   278  C  "C1'"  . DA  A 1 10 ? -7.756  -5.507  2.121   1.00 113.67 ? 14  DA  B "C1'"  1 
ATOM   279  N  N9     . DA  A 1 10 ? -7.314  -4.559  1.099   1.00 97.70  ? 14  DA  B N9     1 
ATOM   280  C  C8     . DA  A 1 10 ? -7.655  -3.239  1.004   1.00 93.69  ? 14  DA  B C8     1 
ATOM   281  N  N7     . DA  A 1 10 ? -7.123  -2.627  -0.026  1.00 82.24  ? 14  DA  B N7     1 
ATOM   282  C  C5     . DA  A 1 10 ? -6.386  -3.615  -0.656  1.00 74.59  ? 14  DA  B C5     1 
ATOM   283  C  C6     . DA  A 1 10 ? -5.585  -3.607  -1.814  1.00 75.34  ? 14  DA  B C6     1 
ATOM   284  N  N6     . DA  A 1 10 ? -5.391  -2.519  -2.566  1.00 72.24  ? 14  DA  B N6     1 
ATOM   285  N  N1     . DA  A 1 10 ? -4.989  -4.763  -2.169  1.00 74.16  ? 14  DA  B N1     1 
ATOM   286  C  C2     . DA  A 1 10 ? -5.187  -5.850  -1.412  1.00 91.76  ? 14  DA  B C2     1 
ATOM   287  N  N3     . DA  A 1 10 ? -5.918  -5.979  -0.305  1.00 81.06  ? 14  DA  B N3     1 
ATOM   288  C  C4     . DA  A 1 10 ? -6.496  -4.815  0.023   1.00 77.77  ? 14  DA  B C4     1 
ATOM   289  H  "H5'"  . DA  A 1 10 ? -11.429 -4.759  2.931   1.00 153.65 ? 14  DA  B "H5'"  1 
ATOM   290  H  "H5''" . DA  A 1 10 ? -11.299 -4.961  4.494   1.00 153.65 ? 14  DA  B "H5''" 1 
ATOM   291  H  "H4'"  . DA  A 1 10 ? -10.015 -6.588  3.557   1.00 148.53 ? 14  DA  B "H4'"  1 
ATOM   292  H  "H3'"  . DA  A 1 10 ? -8.685  -4.760  5.024   1.00 155.20 ? 14  DA  B "H3'"  1 
ATOM   293  H  "H2'"  . DA  A 1 10 ? -7.107  -4.199  3.590   1.00 127.64 ? 14  DA  B "H2'"  1 
ATOM   294  H  "H2''" . DA  A 1 10 ? -6.529  -5.672  3.783   1.00 127.64 ? 14  DA  B "H2''" 1 
ATOM   295  H  "H1'"  . DA  A 1 10 ? -7.432  -6.393  1.898   1.00 136.41 ? 14  DA  B "H1'"  1 
ATOM   296  H  H8     . DA  A 1 10 ? -8.209  -2.813  1.617   1.00 112.43 ? 14  DA  B H8     1 
ATOM   297  H  H61    . DA  A 1 10 ? -4.895  -2.564  -3.267  1.00 86.69  ? 14  DA  B H61    1 
ATOM   298  H  H62    . DA  A 1 10 ? -5.761  -1.774  -2.348  1.00 86.69  ? 14  DA  B H62    1 
ATOM   299  H  H2     . DA  A 1 10 ? -4.755  -6.622  -1.698  1.00 110.11 ? 14  DA  B H2     1 
ATOM   300  P  P      . DT  A 1 11 ? -7.333  -6.662  6.469   1.00 149.17 ? 15  DT  B P      1 
ATOM   301  O  OP1    . DT  A 1 11 ? -7.883  -7.624  7.451   1.00 133.89 ? 15  DT  B OP1    1 
ATOM   302  O  OP2    . DT  A 1 11 ? -7.126  -5.250  6.861   1.00 137.03 ? 15  DT  B OP2    1 
ATOM   303  O  "O5'"  . DT  A 1 11 ? -5.947  -7.228  5.913   1.00 120.04 ? 15  DT  B "O5'"  1 
ATOM   304  C  "C5'"  . DT  A 1 11 ? -5.932  -8.435  5.166   1.00 120.06 ? 15  DT  B "C5'"  1 
ATOM   305  C  "C4'"  . DT  A 1 11 ? -4.610  -8.618  4.448   1.00 123.54 ? 15  DT  B "C4'"  1 
ATOM   306  O  "O4'"  . DT  A 1 11 ? -4.540  -7.712  3.323   1.00 115.24 ? 15  DT  B "O4'"  1 
ATOM   307  C  "C3'"  . DT  A 1 11 ? -3.369  -8.329  5.300   1.00 120.02 ? 15  DT  B "C3'"  1 
ATOM   308  O  "O3'"  . DT  A 1 11 ? -2.628  -9.527  5.507   1.00 130.19 ? 15  DT  B "O3'"  1 
ATOM   309  C  "C2'"  . DT  A 1 11 ? -2.583  -7.278  4.499   1.00 114.89 ? 15  DT  B "C2'"  1 
ATOM   310  C  "C1'"  . DT  A 1 11 ? -3.197  -7.365  3.112   1.00 106.31 ? 15  DT  B "C1'"  1 
ATOM   311  N  N1     . DT  A 1 11 ? -3.146  -6.093  2.325   1.00 95.42  ? 15  DT  B N1     1 
ATOM   312  C  C2     . DT  A 1 11 ? -2.433  -6.061  1.147   1.00 92.25  ? 15  DT  B C2     1 
ATOM   313  O  O2     . DT  A 1 11 ? -1.820  -7.019  0.711   1.00 110.42 ? 15  DT  B O2     1 
ATOM   314  N  N3     . DT  A 1 11 ? -2.457  -4.858  0.495   1.00 83.01  ? 15  DT  B N3     1 
ATOM   315  C  C4     . DT  A 1 11 ? -3.114  -3.708  0.888   1.00 81.18  ? 15  DT  B C4     1 
ATOM   316  O  O4     . DT  A 1 11 ? -3.074  -2.673  0.229   1.00 74.45  ? 15  DT  B O4     1 
ATOM   317  C  C5     . DT  A 1 11 ? -3.847  -3.808  2.128   1.00 75.32  ? 15  DT  B C5     1 
ATOM   318  C  C7     . DT  A 1 11 ? -4.598  -2.623  2.658   1.00 86.24  ? 15  DT  B C7     1 
ATOM   319  C  C6     . DT  A 1 11 ? -3.831  -4.984  2.778   1.00 84.77  ? 15  DT  B C6     1 
ATOM   320  H  "H5'"  . DT  A 1 11 ? -6.649  -8.414  4.514   1.00 144.07 ? 15  DT  B "H5'"  1 
ATOM   321  H  "H5''" . DT  A 1 11 ? -6.073  -9.183  5.768   1.00 144.07 ? 15  DT  B "H5''" 1 
ATOM   322  H  "H4'"  . DT  A 1 11 ? -4.558  -9.528  4.119   1.00 148.24 ? 15  DT  B "H4'"  1 
ATOM   323  H  "H3'"  . DT  A 1 11 ? -3.637  -7.957  6.155   1.00 144.02 ? 15  DT  B "H3'"  1 
ATOM   324  H  "H2'"  . DT  A 1 11 ? -2.712  -6.393  4.875   1.00 137.86 ? 15  DT  B "H2'"  1 
ATOM   325  H  "H2''" . DT  A 1 11 ? -1.639  -7.505  4.470   1.00 137.86 ? 15  DT  B "H2''" 1 
ATOM   326  H  "H1'"  . DT  A 1 11 ? -2.758  -8.071  2.611   1.00 127.58 ? 15  DT  B "H1'"  1 
ATOM   327  H  H3     . DT  A 1 11 ? -2.016  -4.814  -0.243  1.00 99.62  ? 15  DT  B H3     1 
ATOM   328  H  H71    . DT  A 1 11 ? -5.538  -2.848  2.745   1.00 103.49 ? 15  DT  B H71    1 
ATOM   329  H  H72    . DT  A 1 11 ? -4.242  -2.375  3.525   1.00 103.49 ? 15  DT  B H72    1 
ATOM   330  H  H73    . DT  A 1 11 ? -4.501  -1.878  2.043   1.00 103.49 ? 15  DT  B H73    1 
ATOM   331  H  H6     . DT  A 1 11 ? -4.303  -5.053  3.578   1.00 101.72 ? 15  DT  B H6     1 
ATOM   332  P  P      . DG  A 1 12 ? -1.289  -9.513  6.391   1.00 148.39 ? 16  DG  B P      1 
ATOM   333  O  OP1    . DG  A 1 12 ? -1.077  -10.885 6.907   1.00 128.87 ? 16  DG  B OP1    1 
ATOM   334  O  OP2    . DG  A 1 12 ? -1.381  -8.376  7.332   1.00 136.57 ? 16  DG  B OP2    1 
ATOM   335  O  "O5'"  . DG  A 1 12 ? -0.143  -9.181  5.328   1.00 108.90 ? 16  DG  B "O5'"  1 
ATOM   336  C  "C5'"  . DG  A 1 12 ? -0.097  -9.884  4.093   1.00 101.11 ? 16  DG  B "C5'"  1 
ATOM   337  C  "C4'"  . DG  A 1 12 ? 0.947   -9.287  3.171   1.00 120.10 ? 16  DG  B "C4'"  1 
ATOM   338  O  "O4'"  . DG  A 1 12 ? 0.423   -8.074  2.575   1.00 120.77 ? 16  DG  B "O4'"  1 
ATOM   339  C  "C3'"  . DG  A 1 12 ? 2.257   -8.891  3.863   1.00 123.33 ? 16  DG  B "C3'"  1 
ATOM   340  O  "O3'"  . DG  A 1 12 ? 3.340   -9.688  3.396   1.00 130.15 ? 16  DG  B "O3'"  1 
ATOM   341  C  "C2'"  . DG  A 1 12 ? 2.445   -7.409  3.525   1.00 105.36 ? 16  DG  B "C2'"  1 
ATOM   342  C  "C1'"  . DG  A 1 12 ? 1.483   -7.177  2.371   1.00 97.76  ? 16  DG  B "C1'"  1 
ATOM   343  N  N9     . DG  A 1 12 ? 0.957   -5.816  2.313   1.00 89.79  ? 16  DG  B N9     1 
ATOM   344  C  C8     . DG  A 1 12 ? 0.161   -5.193  3.244   1.00 93.35  ? 16  DG  B C8     1 
ATOM   345  N  N7     . DG  A 1 12 ? -0.149  -3.965  2.924   1.00 78.01  ? 16  DG  B N7     1 
ATOM   346  C  C5     . DG  A 1 12 ? 0.484   -3.763  1.704   1.00 74.44  ? 16  DG  B C5     1 
ATOM   347  C  C6     . DG  A 1 12 ? 0.510   -2.621  0.870   1.00 82.24  ? 16  DG  B C6     1 
ATOM   348  O  O6     . DG  A 1 12 ? -0.041  -1.525  1.050   1.00 76.27  ? 16  DG  B O6     1 
ATOM   349  N  N1     . DG  A 1 12 ? 1.270   -2.837  -0.279  1.00 70.87  ? 16  DG  B N1     1 
ATOM   350  C  C2     . DG  A 1 12 ? 1.922   -4.010  -0.579  1.00 87.49  ? 16  DG  B C2     1 
ATOM   351  N  N2     . DG  A 1 12 ? 2.608   -4.032  -1.731  1.00 77.86  ? 16  DG  B N2     1 
ATOM   352  N  N3     . DG  A 1 12 ? 1.907   -5.087  0.196   1.00 76.51  ? 16  DG  B N3     1 
ATOM   353  C  C4     . DG  A 1 12 ? 1.170   -4.892  1.315   1.00 79.55  ? 16  DG  B C4     1 
ATOM   354  H  "H5'"  . DG  A 1 12 ? -0.967  -9.834  3.665   1.00 121.33 ? 16  DG  B "H5'"  1 
ATOM   355  H  "H5''" . DG  A 1 12 ? 0.121   -10.814 4.262   1.00 121.33 ? 16  DG  B "H5''" 1 
ATOM   356  H  "H4'"  . DG  A 1 12 ? 1.144   -9.923  2.466   1.00 144.13 ? 16  DG  B "H4'"  1 
ATOM   357  H  "H3'"  . DG  A 1 12 ? 2.163   -8.997  4.823   1.00 148.00 ? 16  DG  B "H3'"  1 
ATOM   358  H  "H2'"  . DG  A 1 12 ? 2.208   -6.854  4.284   1.00 126.43 ? 16  DG  B "H2'"  1 
ATOM   359  H  "H2''" . DG  A 1 12 ? 3.359   -7.238  3.247   1.00 126.43 ? 16  DG  B "H2''" 1 
ATOM   360  H  "H1'"  . DG  A 1 12 ? 1.926   -7.388  1.536   1.00 117.31 ? 16  DG  B "H1'"  1 
ATOM   361  H  H8     . DG  A 1 12 ? -0.130  -5.605  4.025   1.00 112.02 ? 16  DG  B H8     1 
ATOM   362  H  H1     . DG  A 1 12 ? 1.338   -2.189  -0.840  1.00 85.05  ? 16  DG  B H1     1 
ATOM   363  H  H21    . DG  A 1 12 ? 3.037   -4.741  -1.963  1.00 93.43  ? 16  DG  B H21    1 
ATOM   364  H  H22    . DG  A 1 12 ? 2.617   -3.339  -2.240  1.00 93.43  ? 16  DG  B H22    1 
ATOM   365  P  P      . DC  A 1 13 ? 4.777   -9.590  4.111   1.00 137.55 ? 17  DC  B P      1 
ATOM   366  O  OP1    . DC  A 1 13 ? 5.424   -10.916 3.995   1.00 129.59 ? 17  DC  B OP1    1 
ATOM   367  O  OP2    . DC  A 1 13 ? 4.574   -8.983  5.445   1.00 110.57 ? 17  DC  B OP2    1 
ATOM   368  O  "O5'"  . DC  A 1 13 ? 5.584   -8.543  3.211   1.00 118.68 ? 17  DC  B "O5'"  1 
ATOM   369  C  "C5'"  . DC  A 1 13 ? 5.978   -8.903  1.895   1.00 119.36 ? 17  DC  B "C5'"  1 
ATOM   370  C  "C4'"  . DC  A 1 13 ? 6.290   -7.678  1.055   1.00 128.00 ? 17  DC  B "C4'"  1 
ATOM   371  O  "O4'"  . DC  A 1 13 ? 5.203   -6.740  1.136   1.00 126.43 ? 17  DC  B "O4'"  1 
ATOM   372  C  "C3'"  . DC  A 1 13 ? 7.508   -6.880  1.491   1.00 114.36 ? 17  DC  B "C3'"  1 
ATOM   373  O  "O3'"  . DC  A 1 13 ? 8.703   -7.438  0.896   1.00 126.00 ? 17  DC  B "O3'"  1 
ATOM   374  C  "C2'"  . DC  A 1 13 ? 7.181   -5.446  1.024   1.00 112.68 ? 17  DC  B "C2'"  1 
ATOM   375  C  "C1'"  . DC  A 1 13 ? 5.677   -5.477  0.722   1.00 105.17 ? 17  DC  B "C1'"  1 
ATOM   376  N  N1     . DC  A 1 13 ? 4.884   -4.417  1.417   1.00 83.93  ? 17  DC  B N1     1 
ATOM   377  C  C2     . DC  A 1 13 ? 4.771   -3.146  0.842   1.00 75.71  ? 17  DC  B C2     1 
ATOM   378  O  O2     . DC  A 1 13 ? 5.345   -2.915  -0.228  1.00 77.13  ? 17  DC  B O2     1 
ATOM   379  N  N3     . DC  A 1 13 ? 4.037   -2.198  1.480   1.00 65.75  ? 17  DC  B N3     1 
ATOM   380  C  C4     . DC  A 1 13 ? 3.432   -2.487  2.633   1.00 80.44  ? 17  DC  B C4     1 
ATOM   381  N  N4     . DC  A 1 13 ? 2.720   -1.522  3.225   1.00 71.84  ? 17  DC  B N4     1 
ATOM   382  C  C5     . DC  A 1 13 ? 3.532   -3.778  3.233   1.00 77.02  ? 17  DC  B C5     1 
ATOM   383  C  C6     . DC  A 1 13 ? 4.255   -4.703  2.593   1.00 99.27  ? 17  DC  B C6     1 
ATOM   384  H  "H5'"  . DC  A 1 13 ? 5.260   -9.403  1.474   1.00 143.23 ? 17  DC  B "H5'"  1 
ATOM   385  H  "H5''" . DC  A 1 13 ? 6.768   -9.465  1.943   1.00 143.23 ? 17  DC  B "H5''" 1 
ATOM   386  H  "H4'"  . DC  A 1 13 ? 6.404   -7.949  0.131   1.00 153.60 ? 17  DC  B "H4'"  1 
ATOM   387  H  "H3'"  . DC  A 1 13 ? 7.582   -6.900  2.458   1.00 137.24 ? 17  DC  B "H3'"  1 
ATOM   388  H  "H2'"  . DC  A 1 13 ? 7.371   -4.809  1.730   1.00 135.21 ? 17  DC  B "H2'"  1 
ATOM   389  H  "H2''" . DC  A 1 13 ? 7.682   -5.227  0.223   1.00 135.21 ? 17  DC  B "H2''" 1 
ATOM   390  H  "H1'"  . DC  A 1 13 ? 5.546   -5.391  -0.235  1.00 126.21 ? 17  DC  B "H1'"  1 
ATOM   391  H  H41    . DC  A 1 13 ? 2.319   -1.678  3.969   1.00 86.20  ? 17  DC  B H41    1 
ATOM   392  H  H42    . DC  A 1 13 ? 2.663   -0.744  2.860   1.00 86.20  ? 17  DC  B H42    1 
ATOM   393  H  H5     . DC  A 1 13 ? 3.104   -3.971  4.036   1.00 92.42  ? 17  DC  B H5     1 
ATOM   394  H  H6     . DC  A 1 13 ? 4.337   -5.554  2.960   1.00 119.13 ? 17  DC  B H6     1 
ATOM   395  P  P      . DT  A 1 14 ? 9.900   -6.514  0.348   1.00 142.40 ? 18  DT  B P      1 
ATOM   396  O  OP1    . DT  A 1 14 ? 9.507   -6.063  -1.006  1.00 127.92 ? 18  DT  B OP1    1 
ATOM   397  O  OP2    . DT  A 1 14 ? 11.162  -7.270  0.522   1.00 125.13 ? 18  DT  B OP2    1 
ATOM   398  O  "O5'"  . DT  A 1 14 ? 9.923   -5.254  1.333   1.00 119.71 ? 18  DT  B "O5'"  1 
ATOM   399  C  "C5'"  . DT  A 1 14 ? 10.868  -4.204  1.128   1.00 124.24 ? 18  DT  B "C5'"  1 
ATOM   400  C  "C4'"  . DT  A 1 14 ? 10.627  -3.502  -0.198  1.00 103.92 ? 18  DT  B "C4'"  1 
ATOM   401  O  "O4'"  . DT  A 1 14 ? 9.257   -3.020  -0.244  1.00 99.92  ? 18  DT  B "O4'"  1 
ATOM   402  C  "C3'"  . DT  A 1 14 ? 11.508  -2.286  -0.445  1.00 107.18 ? 18  DT  B "C3'"  1 
ATOM   403  O  "O3'"  . DT  A 1 14 ? 11.848  -2.169  -1.821  1.00 105.03 ? 18  DT  B "O3'"  1 
ATOM   404  C  "C2'"  . DT  A 1 14 ? 10.655  -1.124  0.040   1.00 114.33 ? 18  DT  B "C2'"  1 
ATOM   405  C  "C1'"  . DT  A 1 14 ? 9.225   -1.603  -0.189  1.00 98.88  ? 18  DT  B "C1'"  1 
ATOM   406  N  N1     . DT  A 1 14 ? 8.293   -1.185  0.895   1.00 76.62  ? 18  DT  B N1     1 
ATOM   407  C  C2     . DT  A 1 14 ? 7.786   0.094   0.886   1.00 81.21  ? 18  DT  B C2     1 
ATOM   408  O  O2     . DT  A 1 14 ? 8.053   0.912   0.023   1.00 93.49  ? 18  DT  B O2     1 
ATOM   409  N  N3     . DT  A 1 14 ? 6.948   0.386   1.928   1.00 60.54  ? 18  DT  B N3     1 
ATOM   410  C  C4     . DT  A 1 14 ? 6.576   -0.457  2.960   1.00 71.93  ? 18  DT  B C4     1 
ATOM   411  O  O4     . DT  A 1 14 ? 5.813   -0.103  3.854   1.00 60.50  ? 18  DT  B O4     1 
ATOM   412  C  C5     . DT  A 1 14 ? 7.148   -1.781  2.912   1.00 65.43  ? 18  DT  B C5     1 
ATOM   413  C  C7     . DT  A 1 14 ? 6.817   -2.782  3.978   1.00 75.36  ? 18  DT  B C7     1 
ATOM   414  C  C6     . DT  A 1 14 ? 7.971   -2.079  1.895   1.00 63.93  ? 18  DT  B C6     1 
ATOM   415  H  "H5'"  . DT  A 1 14 ? 11.763  -4.577  1.133   1.00 149.08 ? 18  DT  B "H5'"  1 
ATOM   416  H  "H5''" . DT  A 1 14 ? 10.788  -3.560  1.849   1.00 149.08 ? 18  DT  B "H5''" 1 
ATOM   417  H  "H4'"  . DT  A 1 14 ? 10.760  -4.138  -0.918  1.00 124.70 ? 18  DT  B "H4'"  1 
ATOM   418  H  "H3'"  . DT  A 1 14 ? 12.314  -2.349  0.091   1.00 128.62 ? 18  DT  B "H3'"  1 
ATOM   419  H  "H2'"  . DT  A 1 14 ? 10.810  -0.957  0.982   1.00 137.20 ? 18  DT  B "H2'"  1 
ATOM   420  H  "H2''" . DT  A 1 14 ? 10.834  -0.327  -0.484  1.00 137.20 ? 18  DT  B "H2''" 1 
ATOM   421  H  "H1'"  . DT  A 1 14 ? 8.905   -1.258  -1.037  1.00 118.66 ? 18  DT  B "H1'"  1 
ATOM   422  H  H3     . DT  A 1 14 ? 6.615   1.179   1.943   1.00 72.64  ? 18  DT  B H3     1 
ATOM   423  H  H71    . DT  A 1 14 ? 6.494   -3.598  3.566   1.00 90.43  ? 18  DT  B H71    1 
ATOM   424  H  H72    . DT  A 1 14 ? 7.613   -2.977  4.497   1.00 90.43  ? 18  DT  B H72    1 
ATOM   425  H  H73    . DT  A 1 14 ? 6.132   -2.420  4.560   1.00 90.43  ? 18  DT  B H73    1 
ATOM   426  H  H6     . DT  A 1 14 ? 8.342   -2.931  1.862   1.00 76.71  ? 18  DT  B H6     1 
ATOM   427  P  P      . DC  A 1 15 ? 13.213  -1.435  -2.246  1.00 135.21 ? 19  DC  B P      1 
ATOM   428  O  OP1    . DC  A 1 15 ? 13.269  -1.402  -3.724  1.00 124.63 ? 19  DC  B OP1    1 
ATOM   429  O  OP2    . DC  A 1 15 ? 14.314  -2.062  -1.481  1.00 125.91 ? 19  DC  B OP2    1 
ATOM   430  O  "O5'"  . DC  A 1 15 ? 13.030  0.058   -1.703  1.00 114.84 ? 19  DC  B "O5'"  1 
ATOM   431  C  "C5'"  . DC  A 1 15 ? 12.257  0.997   -2.443  1.00 118.89 ? 19  DC  B "C5'"  1 
ATOM   432  C  "C4'"  . DC  A 1 15 ? 12.143  2.320   -1.703  1.00 113.04 ? 19  DC  B "C4'"  1 
ATOM   433  O  "O4'"  . DC  A 1 15 ? 10.987  2.301   -0.838  1.00 112.60 ? 19  DC  B "O4'"  1 
ATOM   434  C  "C3'"  . DC  A 1 15 ? 13.304  2.642   -0.770  1.00 118.32 ? 19  DC  B "C3'"  1 
ATOM   435  O  "O3'"  . DC  A 1 15 ? 14.411  3.313   -1.460  1.00 109.98 ? 19  DC  B "O3'"  1 
ATOM   436  C  "C2'"  . DC  A 1 15 ? 12.660  3.499   0.325   1.00 104.98 ? 19  DC  B "C2'"  1 
ATOM   437  C  "C1'"  . DC  A 1 15 ? 11.150  3.303   0.144   1.00 95.94  ? 19  DC  B "C1'"  1 
ATOM   438  N  N1     . DC  A 1 15 ? 10.432  2.885   1.408   1.00 80.75  ? 19  DC  B N1     1 
ATOM   439  C  C2     . DC  A 1 15 ? 9.602   3.799   2.073   1.00 79.86  ? 19  DC  B C2     1 
ATOM   440  O  O2     . DC  A 1 15 ? 9.471   4.937   1.607   1.00 88.73  ? 19  DC  B O2     1 
ATOM   441  N  N3     . DC  A 1 15 ? 8.967   3.409   3.210   1.00 67.11  ? 19  DC  B N3     1 
ATOM   442  C  C4     . DC  A 1 15 ? 9.138   2.171   3.680   1.00 73.31  ? 19  DC  B C4     1 
ATOM   443  N  N4     . DC  A 1 15 ? 8.492   1.830   4.803   1.00 83.25  ? 19  DC  B N4     1 
ATOM   444  C  C5     . DC  A 1 15 ? 9.983   1.228   3.020   1.00 75.50  ? 19  DC  B C5     1 
ATOM   445  C  C6     . DC  A 1 15 ? 10.603  1.623   1.900   1.00 86.45  ? 19  DC  B C6     1 
ATOM   446  H  "H5'"  . DC  A 1 15 ? 11.368  0.634   -2.586  1.00 142.67 ? 19  DC  B "H5'"  1 
ATOM   447  H  "H5''" . DC  A 1 15 ? 12.678  1.149   -3.303  1.00 142.67 ? 19  DC  B "H5''" 1 
ATOM   448  H  "H4'"  . DC  A 1 15 ? 12.044  3.037   -2.348  1.00 135.65 ? 19  DC  B "H4'"  1 
ATOM   449  H  "H3'"  . DC  A 1 15 ? 13.631  1.819   -0.376  1.00 141.98 ? 19  DC  B "H3'"  1 
ATOM   450  H  "H2'"  . DC  A 1 15 ? 12.938  3.190   1.203   1.00 125.98 ? 19  DC  B "H2'"  1 
ATOM   451  H  "H2''" . DC  A 1 15 ? 12.896  4.432   0.206   1.00 125.98 ? 19  DC  B "H2''" 1 
ATOM   452  H  "H1'"  . DC  A 1 15 ? 10.761  4.129   -0.181  1.00 115.13 ? 19  DC  B "H1'"  1 
ATOM   453  H  H41    . DC  A 1 15 ? 8.560   1.030   5.112   1.00 99.91  ? 19  DC  B H41    1 
ATOM   454  H  H42    . DC  A 1 15 ? 8.009   2.409   5.215   1.00 99.91  ? 19  DC  B H42    1 
ATOM   455  H  H5     . DC  A 1 15 ? 10.096  0.368   3.355   1.00 90.60  ? 19  DC  B H5     1 
ATOM   456  H  H6     . DC  A 1 15 ? 11.158  1.028   1.451   1.00 103.74 ? 19  DC  B H6     1 
ATOM   457  P  P      . DA  A 1 16 ? 14.248  4.700   -2.272  1.00 129.80 ? 20  DA  B P      1 
ATOM   458  O  OP1    . DA  A 1 16 ? 13.171  4.601   -3.279  1.00 129.74 ? 20  DA  B OP1    1 
ATOM   459  O  OP2    . DA  A 1 16 ? 15.608  5.049   -2.736  1.00 121.49 ? 20  DA  B OP2    1 
ATOM   460  O  "O5'"  . DA  A 1 16 ? 13.854  5.791   -1.170  1.00 101.07 ? 20  DA  B "O5'"  1 
ATOM   461  C  "C5'"  . DA  A 1 16 ? 13.209  6.998   -1.575  1.00 108.57 ? 20  DA  B "C5'"  1 
ATOM   462  C  "C4'"  . DA  A 1 16 ? 13.083  7.979   -0.421  1.00 105.43 ? 20  DA  B "C4'"  1 
ATOM   463  O  "O4'"  . DA  A 1 16 ? 12.298  7.380   0.640   1.00 114.64 ? 20  DA  B "O4'"  1 
ATOM   464  C  "C3'"  . DA  A 1 16 ? 14.412  8.409   0.210   1.00 116.94 ? 20  DA  B "C3'"  1 
ATOM   465  O  "O3'"  . DA  A 1 16 ? 14.543  9.828   0.153   1.00 108.70 ? 20  DA  B "O3'"  1 
ATOM   466  C  "C2'"  . DA  A 1 16 ? 14.349  7.879   1.648   1.00 98.41  ? 20  DA  B "C2'"  1 
ATOM   467  C  "C1'"  . DA  A 1 16 ? 12.860  7.698   1.892   1.00 109.70 ? 20  DA  B "C1'"  1 
ATOM   468  N  N9     . DA  A 1 16 ? 12.531  6.619   2.819   1.00 89.76  ? 20  DA  B N9     1 
ATOM   469  C  C8     . DA  A 1 16 ? 12.945  5.324   2.747   1.00 93.37  ? 20  DA  B C8     1 
ATOM   470  N  N7     . DA  A 1 16 ? 12.478  4.560   3.701   1.00 76.00  ? 20  DA  B N7     1 
ATOM   471  C  C5     . DA  A 1 16 ? 11.697  5.414   4.453   1.00 74.41  ? 20  DA  B C5     1 
ATOM   472  C  C6     . DA  A 1 16 ? 10.929  5.214   5.610   1.00 77.27  ? 20  DA  B C6     1 
ATOM   473  N  N6     . DA  A 1 16 ? 10.825  4.033   6.225   1.00 81.78  ? 20  DA  B N6     1 
ATOM   474  N  N1     . DA  A 1 16 ? 10.268  6.276   6.110   1.00 70.44  ? 20  DA  B N1     1 
ATOM   475  C  C2     . DA  A 1 16 ? 10.376  7.456   5.488   1.00 83.79  ? 20  DA  B C2     1 
ATOM   476  N  N3     . DA  A 1 16 ? 11.070  7.766   4.393   1.00 85.19  ? 20  DA  B N3     1 
ATOM   477  C  C4     . DA  A 1 16 ? 11.713  6.689   3.922   1.00 73.68  ? 20  DA  B C4     1 
ATOM   478  H  "H5'"  . DA  A 1 16 ? 12.323  6.786   -1.908  1.00 130.29 ? 20  DA  B "H5'"  1 
ATOM   479  H  "H5''" . DA  A 1 16 ? 13.726  7.409   -2.285  1.00 130.29 ? 20  DA  B "H5''" 1 
ATOM   480  H  "H4'"  . DA  A 1 16 ? 12.622  8.770   -0.739  1.00 126.51 ? 20  DA  B "H4'"  1 
ATOM   481  H  "H3'"  . DA  A 1 16 ? 15.149  7.992   -0.261  1.00 140.33 ? 20  DA  B "H3'"  1 
ATOM   482  H  "H2'"  . DA  A 1 16 ? 14.813  7.030   1.720   1.00 118.10 ? 20  DA  B "H2'"  1 
ATOM   483  H  "H2''" . DA  A 1 16 ? 14.720  8.527   2.268   1.00 118.10 ? 20  DA  B "H2''" 1 
ATOM   484  H  "H1'"  . DA  A 1 16 ? 12.481  8.530   2.215   1.00 131.64 ? 20  DA  B "H1'"  1 
ATOM   485  H  H8     . DA  A 1 16 ? 13.507  5.009   2.075   1.00 112.05 ? 20  DA  B H8     1 
ATOM   486  H  H61    . DA  A 1 16 ? 10.331  3.955   6.926   1.00 98.14  ? 20  DA  B H61    1 
ATOM   487  H  H62    . DA  A 1 16 ? 11.251  3.350   5.922   1.00 98.14  ? 20  DA  B H62    1 
ATOM   488  H  H2     . DA  A 1 16 ? 9.904   8.158   5.873   1.00 100.55 ? 20  DA  B H2     1 
ATOM   489  P  P      . DT  A 1 17 ? 15.811  10.563  0.808   1.00 128.80 ? 21  DT  B P      1 
ATOM   490  O  OP1    . DT  A 1 17 ? 16.081  11.777  0.006   1.00 120.08 ? 21  DT  B OP1    1 
ATOM   491  O  OP2    . DT  A 1 17 ? 16.875  9.553   1.001   1.00 127.57 ? 21  DT  B OP2    1 
ATOM   492  O  "O5'"  . DT  A 1 17 ? 15.280  11.009  2.249   1.00 120.77 ? 21  DT  B "O5'"  1 
ATOM   493  C  "C5'"  . DT  A 1 17 ? 14.046  11.707  2.356   1.00 101.84 ? 21  DT  B "C5'"  1 
ATOM   494  C  "C4'"  . DT  A 1 17 ? 13.662  11.927  3.806   1.00 105.86 ? 21  DT  B "C4'"  1 
ATOM   495  O  "O4'"  . DT  A 1 17 ? 13.227  10.668  4.395   1.00 102.20 ? 21  DT  B "O4'"  1 
ATOM   496  C  "C3'"  . DT  A 1 17 ? 14.790  12.453  4.702   1.00 117.12 ? 21  DT  B "C3'"  1 
ATOM   497  O  "O3'"  . DT  A 1 17 ? 14.350  13.624  5.401   1.00 116.92 ? 21  DT  B "O3'"  1 
ATOM   498  C  "C2'"  . DT  A 1 17 ? 15.094  11.274  5.634   1.00 110.59 ? 21  DT  B "C2'"  1 
ATOM   499  C  "C1'"  . DT  A 1 17 ? 13.755  10.560  5.695   1.00 112.56 ? 21  DT  B "C1'"  1 
ATOM   500  N  N1     . DT  A 1 17 ? 13.824  9.105   6.072   1.00 100.88 ? 21  DT  B N1     1 
ATOM   501  C  C2     . DT  A 1 17 ? 13.119  8.658   7.171   1.00 89.53  ? 21  DT  B C2     1 
ATOM   502  O  O2     . DT  A 1 17 ? 12.444  9.386   7.876   1.00 107.42 ? 21  DT  B O2     1 
ATOM   503  N  N3     . DT  A 1 17 ? 13.238  7.315   7.422   1.00 77.55  ? 21  DT  B N3     1 
ATOM   504  C  C4     . DT  A 1 17 ? 13.971  6.393   6.698   1.00 83.66  ? 21  DT  B C4     1 
ATOM   505  O  O4     . DT  A 1 17 ? 14.016  5.205   7.001   1.00 79.72  ? 21  DT  B O4     1 
ATOM   506  C  C5     . DT  A 1 17 ? 14.680  6.925   5.557   1.00 80.20  ? 21  DT  B C5     1 
ATOM   507  C  C7     . DT  A 1 17 ? 15.510  6.016   4.699   1.00 81.32  ? 21  DT  B C7     1 
ATOM   508  C  C6     . DT  A 1 17 ? 14.572  8.239   5.300   1.00 80.80  ? 21  DT  B C6     1 
ATOM   509  H  "H5'"  . DT  A 1 17 ? 13.352  11.192  1.917   1.00 122.20 ? 21  DT  B "H5'"  1 
ATOM   510  H  "H5''" . DT  A 1 17 ? 14.130  12.567  1.915   1.00 122.20 ? 21  DT  B "H5''" 1 
ATOM   511  H  "H4'"  . DT  A 1 17 ? 12.924  12.556  3.838   1.00 127.03 ? 21  DT  B "H4'"  1 
ATOM   512  H  "H3'"  . DT  A 1 17 ? 15.570  12.660  4.164   1.00 140.54 ? 21  DT  B "H3'"  1 
ATOM   513  H  "H2'"  . DT  A 1 17 ? 15.774  10.697  5.251   1.00 132.71 ? 21  DT  B "H2'"  1 
ATOM   514  H  "H2''" . DT  A 1 17 ? 15.358  11.587  6.512   1.00 132.71 ? 21  DT  B "H2''" 1 
ATOM   515  H  "H1'"  . DT  A 1 17 ? 13.173  11.025  6.317   1.00 135.07 ? 21  DT  B "H1'"  1 
ATOM   516  H  H3     . DT  A 1 17 ? 12.811  7.014   8.104   1.00 93.06  ? 21  DT  B H3     1 
ATOM   517  H  H71    . DT  A 1 17 ? 15.275  6.149   3.767   1.00 97.58  ? 21  DT  B H71    1 
ATOM   518  H  H72    . DT  A 1 17 ? 16.449  6.220   4.827   1.00 97.58  ? 21  DT  B H72    1 
ATOM   519  H  H73    . DT  A 1 17 ? 15.342  5.094   4.947   1.00 97.58  ? 21  DT  B H73    1 
ATOM   520  H  H6     . DT  A 1 17 ? 15.028  8.584   4.566   1.00 96.96  ? 21  DT  B H6     1 
ATOM   521  P  P      . DC  A 1 18 ? 15.351  14.466  6.337   1.00 134.87 ? 22  DC  B P      1 
ATOM   522  O  OP1    . DC  A 1 18 ? 15.357  15.865  5.856   1.00 132.58 ? 22  DC  B OP1    1 
ATOM   523  O  OP2    . DC  A 1 18 ? 16.623  13.715  6.434   1.00 122.13 ? 22  DC  B OP2    1 
ATOM   524  O  "O5'"  . DC  A 1 18 ? 14.638  14.413  7.765   1.00 104.00 ? 22  DC  B "O5'"  1 
ATOM   525  C  "C5'"  . DC  A 1 18 ? 14.189  13.167  8.251   1.00 103.41 ? 22  DC  B "C5'"  1 
ATOM   526  C  "C4'"  . DC  A 1 18 ? 13.534  13.288  9.609   1.00 109.26 ? 22  DC  B "C4'"  1 
ATOM   527  O  "O4'"  . DC  A 1 18 ? 13.156  11.965  10.067  1.00 103.99 ? 22  DC  B "O4'"  1 
ATOM   528  C  "C3'"  . DC  A 1 18 ? 14.424  13.828  10.709  1.00 114.54 ? 22  DC  B "C3'"  1 
ATOM   529  O  "O3'"  . DC  A 1 18 ? 13.639  14.404  11.751  1.00 112.30 ? 22  DC  B "O3'"  1 
ATOM   530  C  "C2'"  . DC  A 1 18 ? 15.174  12.578  11.155  1.00 98.62  ? 22  DC  B "C2'"  1 
ATOM   531  C  "C1'"  . DC  A 1 18 ? 14.128  11.473  10.980  1.00 113.17 ? 22  DC  B "C1'"  1 
ATOM   532  N  N1     . DC  A 1 18 ? 14.677  10.169  10.446  1.00 95.47  ? 22  DC  B N1     1 
ATOM   533  C  C2     . DC  A 1 18 ? 14.341  8.969   11.083  1.00 84.27  ? 22  DC  B C2     1 
ATOM   534  O  O2     . DC  A 1 18 ? 13.607  9.005   12.075  1.00 92.43  ? 22  DC  B O2     1 
ATOM   535  N  N3     . DC  A 1 18 ? 14.836  7.805   10.593  1.00 82.64  ? 22  DC  B N3     1 
ATOM   536  C  C4     . DC  A 1 18 ? 15.627  7.813   9.518   1.00 86.85  ? 22  DC  B C4     1 
ATOM   537  N  N4     . DC  A 1 18 ? 16.093  6.642   9.070   1.00 93.16  ? 22  DC  B N4     1 
ATOM   538  C  C5     . DC  A 1 18 ? 15.978  9.023   8.856   1.00 80.73  ? 22  DC  B C5     1 
ATOM   539  C  C6     . DC  A 1 18 ? 15.485  10.163  9.346   1.00 91.91  ? 22  DC  B C6     1 
ATOM   540  H  "H5'"  . DC  A 1 18 ? 14.945  12.564  8.319   1.00 124.09 ? 22  DC  B "H5'"  1 
ATOM   541  H  "H5''" . DC  A 1 18 ? 13.547  12.797  7.624   1.00 124.09 ? 22  DC  B "H5''" 1 
ATOM   542  H  "H4'"  . DC  A 1 18 ? 12.741  13.841  9.536   1.00 131.11 ? 22  DC  B "H4'"  1 
ATOM   543  H  "H3'"  . DC  A 1 18 ? 15.043  14.482  10.349  1.00 137.45 ? 22  DC  B "H3'"  1 
ATOM   544  H  "H2'"  . DC  A 1 18 ? 15.943  12.418  10.585  1.00 118.34 ? 22  DC  B "H2'"  1 
ATOM   545  H  "H2''" . DC  A 1 18 ? 15.443  12.653  12.084  1.00 118.34 ? 22  DC  B "H2''" 1 
ATOM   546  H  "H1'"  . DC  A 1 18 ? 13.700  11.308  11.835  1.00 135.81 ? 22  DC  B "H1'"  1 
ATOM   547  H  H41    . DC  A 1 18 ? 16.604  6.618   8.379   1.00 111.79 ? 22  DC  B H41    1 
ATOM   548  H  H42    . DC  A 1 18 ? 15.880  5.912   9.473   1.00 111.79 ? 22  DC  B H42    1 
ATOM   549  H  H5     . DC  A 1 18 ? 16.530  9.018   8.107   1.00 96.87  ? 22  DC  B H5     1 
ATOM   550  H  H6     . DC  A 1 18 ? 15.699  10.969  8.931   1.00 110.29 ? 22  DC  B H6     1 
ATOM   551  P  P      . DT  A 1 19 ? 14.336  14.949  13.092  1.00 131.24 ? 23  DT  B P      1 
ATOM   552  O  OP1    . DT  A 1 19 ? 13.432  15.956  13.689  1.00 110.71 ? 23  DT  B OP1    1 
ATOM   553  O  OP2    . DT  A 1 19 ? 15.730  15.315  12.756  1.00 130.83 ? 23  DT  B OP2    1 
ATOM   554  O  "O5'"  . DT  A 1 19 ? 14.384  13.665  14.045  1.00 114.83 ? 23  DT  B "O5'"  1 
ATOM   555  C  "C5'"  . DT  A 1 19 ? 13.177  12.995  14.404  1.00 108.15 ? 23  DT  B "C5'"  1 
ATOM   556  C  "C4'"  . DT  A 1 19 ? 13.425  12.003  15.526  1.00 124.79 ? 23  DT  B "C4'"  1 
ATOM   557  O  "O4'"  . DT  A 1 19 ? 13.913  10.741  14.971  1.00 103.68 ? 23  DT  B "O4'"  1 
ATOM   558  C  "C3'"  . DT  A 1 19 ? 14.489  12.430  16.530  1.00 121.25 ? 23  DT  B "C3'"  1 
ATOM   559  O  "O3'"  . DT  A 1 19 ? 14.198  11.910  17.823  1.00 119.65 ? 23  DT  B "O3'"  1 
ATOM   560  C  "C2'"  . DT  A 1 19 ? 15.737  11.809  15.934  1.00 103.43 ? 23  DT  B "C2'"  1 
ATOM   561  C  "C1'"  . DT  A 1 19 ? 15.187  10.454  15.527  1.00 104.75 ? 23  DT  B "C1'"  1 
ATOM   562  N  N1     . DT  A 1 19 ? 16.000  9.686   14.524  1.00 81.68  ? 23  DT  B N1     1 
ATOM   563  C  C2     . DT  A 1 19 ? 16.014  8.313   14.602  1.00 81.20  ? 23  DT  B C2     1 
ATOM   564  O  O2     . DT  A 1 19 ? 15.408  7.687   15.454  1.00 97.49  ? 23  DT  B O2     1 
ATOM   565  N  N3     . DT  A 1 19 ? 16.764  7.690   13.647  1.00 76.66  ? 23  DT  B N3     1 
ATOM   566  C  C4     . DT  A 1 19 ? 17.490  8.288   12.635  1.00 89.96  ? 23  DT  B C4     1 
ATOM   567  O  O4     . DT  A 1 19 ? 18.137  7.637   11.822  1.00 96.82  ? 23  DT  B O4     1 
ATOM   568  C  C5     . DT  A 1 19 ? 17.433  9.730   12.604  1.00 77.30  ? 23  DT  B C5     1 
ATOM   569  C  C7     . DT  A 1 19 ? 18.184  10.489  11.549  1.00 97.81  ? 23  DT  B C7     1 
ATOM   570  C  C6     . DT  A 1 19 ? 16.698  10.355  13.537  1.00 73.94  ? 23  DT  B C6     1 
ATOM   571  H  "H5'"  . DT  A 1 19 ? 12.831  12.523  13.631  1.00 129.79 ? 23  DT  B "H5'"  1 
ATOM   572  H  "H5''" . DT  A 1 19 ? 12.524  13.650  14.696  1.00 129.79 ? 23  DT  B "H5''" 1 
ATOM   573  H  "H4'"  . DT  A 1 19 ? 12.592  11.841  15.996  1.00 149.74 ? 23  DT  B "H4'"  1 
ATOM   574  H  "H3'"  . DT  A 1 19 ? 14.567  13.398  16.555  1.00 145.50 ? 23  DT  B "H3'"  1 
ATOM   575  H  "H2'"  . DT  A 1 19 ? 16.044  12.308  15.161  1.00 124.12 ? 23  DT  B "H2'"  1 
ATOM   576  H  "H2''" . DT  A 1 19 ? 16.437  11.718  16.599  1.00 124.12 ? 23  DT  B "H2''" 1 
ATOM   577  H  "H1'"  . DT  A 1 19 ? 15.069  9.910   16.321  1.00 125.70 ? 23  DT  B "H1'"  1 
ATOM   578  H  H3     . DT  A 1 19 ? 16.786  6.830   13.678  1.00 91.99  ? 23  DT  B H3     1 
ATOM   579  H  H71    . DT  A 1 19 ? 17.560  11.008  11.019  1.00 117.38 ? 23  DT  B H71    1 
ATOM   580  H  H72    . DT  A 1 19 ? 18.821  11.084  11.973  1.00 117.38 ? 23  DT  B H72    1 
ATOM   581  H  H73    . DT  A 1 19 ? 18.655  9.864   10.976  1.00 117.38 ? 23  DT  B H73    1 
ATOM   582  H  H6     . DT  A 1 19 ? 16.659  11.284  13.522  1.00 88.73  ? 23  DT  B H6     1 
ATOM   583  P  P      . DG  A 1 20 ? 13.872  12.888  19.053  1.00 151.60 ? 24  DG  B P      1 
ATOM   584  O  OP1    . DG  A 1 20 ? 12.443  13.262  18.957  1.00 125.04 ? 24  DG  B OP1    1 
ATOM   585  O  OP2    . DG  A 1 20 ? 14.911  13.942  19.084  1.00 125.45 ? 24  DG  B OP2    1 
ATOM   586  O  "O5'"  . DG  A 1 20 ? 14.074  11.953  20.336  1.00 129.73 ? 24  DG  B "O5'"  1 
ATOM   587  C  "C5'"  . DG  A 1 20 ? 13.342  10.734  20.451  1.00 114.30 ? 24  DG  B "C5'"  1 
ATOM   588  C  "C4'"  . DG  A 1 20 ? 14.241  9.596   20.905  1.00 119.28 ? 24  DG  B "C4'"  1 
ATOM   589  O  "O4'"  . DG  A 1 20 ? 15.110  9.193   19.807  1.00 123.69 ? 24  DG  B "O4'"  1 
ATOM   590  C  "C3'"  . DG  A 1 20 ? 15.179  9.934   22.067  1.00 126.21 ? 24  DG  B "C3'"  1 
ATOM   591  O  "O3'"  . DG  A 1 20 ? 15.347  8.814   22.928  1.00 133.42 ? 24  DG  B "O3'"  1 
ATOM   592  C  "C2'"  . DG  A 1 20 ? 16.470  10.286  21.347  1.00 114.90 ? 24  DG  B "C2'"  1 
ATOM   593  C  "C1'"  . DG  A 1 20 ? 16.458  9.258   20.231  1.00 108.72 ? 24  DG  B "C1'"  1 
ATOM   594  N  N9     . DG  A 1 20 ? 17.298  9.580   19.082  1.00 103.83 ? 24  DG  B N9     1 
ATOM   595  C  C8     . DG  A 1 20 ? 17.678  10.824  18.646  1.00 106.87 ? 24  DG  B C8     1 
ATOM   596  N  N7     . DG  A 1 20 ? 18.427  10.791  17.576  1.00 91.09  ? 24  DG  B N7     1 
ATOM   597  C  C5     . DG  A 1 20 ? 18.547  9.438   17.287  1.00 85.14  ? 24  DG  B C5     1 
ATOM   598  C  C6     . DG  A 1 20 ? 19.243  8.786   16.242  1.00 88.47  ? 24  DG  B C6     1 
ATOM   599  O  O6     . DG  A 1 20 ? 19.913  9.292   15.330  1.00 88.39  ? 24  DG  B O6     1 
ATOM   600  N  N1     . DG  A 1 20 ? 19.107  7.401   16.320  1.00 80.13  ? 24  DG  B N1     1 
ATOM   601  C  C2     . DG  A 1 20 ? 18.391  6.733   17.286  1.00 82.50  ? 24  DG  B C2     1 
ATOM   602  N  N2     . DG  A 1 20 ? 18.369  5.396   17.203  1.00 84.83  ? 24  DG  B N2     1 
ATOM   603  N  N3     . DG  A 1 20 ? 17.736  7.336   18.268  1.00 87.02  ? 24  DG  B N3     1 
ATOM   604  C  C4     . DG  A 1 20 ? 17.857  8.682   18.205  1.00 81.01  ? 24  DG  B C4     1 
ATOM   605  H  "H5'"  . DG  A 1 20 ? 12.959  10.511  19.588  1.00 137.16 ? 24  DG  B "H5'"  1 
ATOM   606  H  "H5''" . DG  A 1 20 ? 12.627  10.851  21.095  1.00 137.16 ? 24  DG  B "H5''" 1 
ATOM   607  H  "H4'"  . DG  A 1 20 ? 13.687  8.840   21.160  1.00 143.13 ? 24  DG  B "H4'"  1 
ATOM   608  H  "H3'"  . DG  A 1 20 ? 14.846  10.700  22.560  1.00 151.46 ? 24  DG  B "H3'"  1 
ATOM   609  H  "H2'"  . DG  A 1 20 ? 16.438  11.188  20.992  1.00 137.88 ? 24  DG  B "H2'"  1 
ATOM   610  H  "H2''" . DG  A 1 20 ? 17.238  10.162  21.926  1.00 137.88 ? 24  DG  B "H2''" 1 
ATOM   611  H  "H1'"  . DG  A 1 20 ? 16.722  8.396   20.588  1.00 130.47 ? 24  DG  B "H1'"  1 
ATOM   612  H  H8     . DG  A 1 20 ? 17.423  11.613  19.067  1.00 128.25 ? 24  DG  B H8     1 
ATOM   613  H  H1     . DG  A 1 20 ? 19.501  6.928   15.719  1.00 96.15  ? 24  DG  B H1     1 
ATOM   614  H  H21    . DG  A 1 20 ? 17.930  4.936   17.782  1.00 101.79 ? 24  DG  B H21    1 
ATOM   615  H  H22    . DG  A 1 20 ? 18.794  4.997   16.572  1.00 101.79 ? 24  DG  B H22    1 
ATOM   616  P  P      . DA  A 1 21 ? 14.199  8.377   23.963  1.00 151.77 ? 25  DA  B P      1 
ATOM   617  O  OP1    . DA  A 1 21 ? 12.885  8.487   23.293  1.00 146.57 ? 25  DA  B OP1    1 
ATOM   618  O  OP2    . DA  A 1 21 ? 14.438  9.109   25.226  1.00 138.64 ? 25  DA  B OP2    1 
ATOM   619  O  "O5'"  . DA  A 1 21 ? 14.519  6.832   24.228  1.00 129.90 ? 25  DA  B "O5'"  1 
ATOM   620  C  "C5'"  . DA  A 1 21 ? 15.799  6.452   24.725  1.00 131.88 ? 25  DA  B "C5'"  1 
ATOM   621  C  "C4'"  . DA  A 1 21 ? 16.239  5.113   24.157  1.00 122.58 ? 25  DA  B "C4'"  1 
ATOM   622  O  "O4'"  . DA  A 1 21 ? 16.740  5.298   22.804  1.00 121.22 ? 25  DA  B "O4'"  1 
ATOM   623  C  "C3'"  . DA  A 1 21 ? 17.373  4.445   24.916  1.00 128.62 ? 25  DA  B "C3'"  1 
ATOM   624  O  "O3'"  . DA  A 1 21 ? 17.280  3.026   24.826  1.00 135.98 ? 25  DA  B "O3'"  1 
ATOM   625  C  "C2'"  . DA  A 1 21 ? 18.609  4.994   24.217  1.00 131.86 ? 25  DA  B "C2'"  1 
ATOM   626  C  "C1'"  . DA  A 1 21 ? 18.149  5.107   22.769  1.00 114.11 ? 25  DA  B "C1'"  1 
ATOM   627  N  N9     . DA  A 1 21 ? 18.746  6.221   22.038  1.00 105.93 ? 25  DA  B N9     1 
ATOM   628  C  C8     . DA  A 1 21 ? 18.554  7.553   22.273  1.00 111.15 ? 25  DA  B C8     1 
ATOM   629  N  N7     . DA  A 1 21 ? 19.205  8.337   21.445  1.00 102.81 ? 25  DA  B N7     1 
ATOM   630  C  C5     . DA  A 1 21 ? 19.870  7.458   20.607  1.00 91.83  ? 25  DA  B C5     1 
ATOM   631  C  C6     . DA  A 1 21 ? 20.733  7.663   19.514  1.00 89.76  ? 25  DA  B C6     1 
ATOM   632  N  N6     . DA  A 1 21 ? 21.081  8.874   19.071  1.00 80.55  ? 25  DA  B N6     1 
ATOM   633  N  N1     . DA  A 1 21 ? 21.226  6.571   18.892  1.00 85.66  ? 25  DA  B N1     1 
ATOM   634  C  C2     . DA  A 1 21 ? 20.873  5.360   19.339  1.00 87.51  ? 25  DA  B C2     1 
ATOM   635  N  N3     . DA  A 1 21 ? 20.069  5.042   20.357  1.00 93.63  ? 25  DA  B N3     1 
ATOM   636  C  C4     . DA  A 1 21 ? 19.596  6.149   20.955  1.00 96.47  ? 25  DA  B C4     1 
ATOM   637  H  "H5'"  . DA  A 1 21 ? 15.758  6.389   25.692  1.00 158.26 ? 25  DA  B "H5'"  1 
ATOM   638  H  "H5''" . DA  A 1 21 ? 16.448  7.130   24.479  1.00 158.26 ? 25  DA  B "H5''" 1 
ATOM   639  H  "H4'"  . DA  A 1 21 ? 15.477  4.513   24.133  1.00 147.10 ? 25  DA  B "H4'"  1 
ATOM   640  H  "H3'"  . DA  A 1 21 ? 17.363  4.724   25.845  1.00 154.34 ? 25  DA  B "H3'"  1 
ATOM   641  H  "HO3'" . DA  A 1 21 ? 17.904  2.585   24.476  1.00 163.17 ? 25  DA  B "HO3'" 1 
ATOM   642  H  "H2'"  . DA  A 1 21 ? 18.846  5.864   24.572  1.00 158.24 ? 25  DA  B "H2'"  1 
ATOM   643  H  "H2''" . DA  A 1 21 ? 19.351  4.374   24.294  1.00 158.24 ? 25  DA  B "H2''" 1 
ATOM   644  H  "H1'"  . DA  A 1 21 ? 18.348  4.278   22.307  1.00 136.93 ? 25  DA  B "H1'"  1 
ATOM   645  H  H8     . DA  A 1 21 ? 18.011  7.875   22.956  1.00 133.38 ? 25  DA  B H8     1 
ATOM   646  H  H61    . DA  A 1 21 ? 21.615  8.950   18.401  1.00 96.66  ? 25  DA  B H61    1 
ATOM   647  H  H62    . DA  A 1 21 ? 20.770  9.577   19.456  1.00 96.66  ? 25  DA  B H62    1 
ATOM   648  H  H2     . DA  A 1 21 ? 21.238  4.640   18.879  1.00 105.01 ? 25  DA  B H2     1 
ATOM   649  P  P      . DA  B 2 1  ? -1.386  7.594   2.636   1.00 117.91 ? 65  DA  A P      1 
ATOM   650  O  OP1    . DA  B 2 1  ? -1.947  7.129   3.923   1.00 109.00 ? 65  DA  A OP1    1 
ATOM   651  O  OP2    . DA  B 2 1  ? -2.201  8.450   1.745   1.00 109.22 ? 65  DA  A OP2    1 
ATOM   652  O  "O5'"  . DA  B 2 1  ? 0.003   8.329   2.933   1.00 94.51  ? 65  DA  A "O5'"  1 
ATOM   653  C  "C5'"  . DA  B 2 1  ? 0.423   9.421   2.125   1.00 109.53 ? 65  DA  A "C5'"  1 
ATOM   654  C  "C4'"  . DA  B 2 1  ? 1.823   9.192   1.589   1.00 89.15  ? 65  DA  A "C4'"  1 
ATOM   655  O  "O4'"  . DA  B 2 1  ? 2.626   8.547   2.601   1.00 90.08  ? 65  DA  A "O4'"  1 
ATOM   656  C  "C3'"  . DA  B 2 1  ? 1.897   8.278   0.382   1.00 95.35  ? 65  DA  A "C3'"  1 
ATOM   657  O  "O3'"  . DA  B 2 1  ? 1.718   9.024   -0.816  1.00 115.65 ? 65  DA  A "O3'"  1 
ATOM   658  C  "C2'"  . DA  B 2 1  ? 3.291   7.667   0.490   1.00 85.98  ? 65  DA  A "C2'"  1 
ATOM   659  C  "C1'"  . DA  B 2 1  ? 3.597   7.713   1.991   1.00 94.51  ? 65  DA  A "C1'"  1 
ATOM   660  N  N9     . DA  B 2 1  ? 3.563   6.408   2.654   1.00 77.69  ? 65  DA  A N9     1 
ATOM   661  C  C8     . DA  B 2 1  ? 2.847   6.074   3.771   1.00 77.71  ? 65  DA  A C8     1 
ATOM   662  N  N7     . DA  B 2 1  ? 3.018   4.832   4.158   1.00 73.30  ? 65  DA  A N7     1 
ATOM   663  C  C5     . DA  B 2 1  ? 3.909   4.315   3.232   1.00 55.92  ? 65  DA  A C5     1 
ATOM   664  C  C6     . DA  B 2 1  ? 4.493   3.039   3.087   1.00 57.87  ? 65  DA  A C6     1 
ATOM   665  N  N6     . DA  B 2 1  ? 4.246   2.018   3.915   1.00 68.04  ? 65  DA  A N6     1 
ATOM   666  N  N1     . DA  B 2 1  ? 5.342   2.854   2.055   1.00 52.24  ? 65  DA  A N1     1 
ATOM   667  C  C2     . DA  B 2 1  ? 5.586   3.880   1.230   1.00 79.78  ? 65  DA  A C2     1 
ATOM   668  N  N3     . DA  B 2 1  ? 5.098   5.122   1.264   1.00 74.28  ? 65  DA  A N3     1 
ATOM   669  C  C4     . DA  B 2 1  ? 4.256   5.273   2.298   1.00 62.63  ? 65  DA  A C4     1 
ATOM   670  H  "H5'"  . DA  B 2 1  ? 0.415   10.233  2.656   1.00 131.43 ? 65  DA  A "H5'"  1 
ATOM   671  H  "H5''" . DA  B 2 1  ? -0.190  9.522   1.380   1.00 131.43 ? 65  DA  A "H5''" 1 
ATOM   672  H  "H4'"  . DA  B 2 1  ? 2.220   10.047  1.365   1.00 106.98 ? 65  DA  A "H4'"  1 
ATOM   673  H  "H3'"  . DA  B 2 1  ? 1.222   7.584   0.448   1.00 114.42 ? 65  DA  A "H3'"  1 
ATOM   674  H  "H2'"  . DA  B 2 1  ? 3.286   6.750   0.172   1.00 103.17 ? 65  DA  A "H2'"  1 
ATOM   675  H  "H2''" . DA  B 2 1  ? 3.934   8.197   -0.005  1.00 103.17 ? 65  DA  A "H2''" 1 
ATOM   676  H  "H1'"  . DA  B 2 1  ? 4.475   8.107   2.120   1.00 113.41 ? 65  DA  A "H1'"  1 
ATOM   677  H  H8     . DA  B 2 1  ? 2.291   6.672   4.215   1.00 93.25  ? 65  DA  A H8     1 
ATOM   678  H  H61    . DA  B 2 1  ? 4.632   1.260   3.788   1.00 81.65  ? 65  DA  A H61    1 
ATOM   679  H  H62    . DA  B 2 1  ? 3.702   2.119   4.572   1.00 81.65  ? 65  DA  A H62    1 
ATOM   680  H  H2     . DA  B 2 1  ? 6.177   3.702   0.534   1.00 95.74  ? 65  DA  A H2     1 
ATOM   681  P  P      . DG  B 2 2  ? 0.658   8.546   -1.925  1.00 110.45 ? 66  DG  A P      1 
ATOM   682  O  OP1    . DG  B 2 2  ? 0.336   9.716   -2.770  1.00 115.90 ? 66  DG  A OP1    1 
ATOM   683  O  OP2    . DG  B 2 2  ? -0.428  7.814   -1.236  1.00 104.54 ? 66  DG  A OP2    1 
ATOM   684  O  "O5'"  . DG  B 2 2  ? 1.481   7.493   -2.800  1.00 89.54  ? 66  DG  A "O5'"  1 
ATOM   685  C  "C5'"  . DG  B 2 2  ? 2.809   7.797   -3.209  1.00 103.04 ? 66  DG  A "C5'"  1 
ATOM   686  C  "C4'"  . DG  B 2 2  ? 3.586   6.526   -3.480  1.00 109.72 ? 66  DG  A "C4'"  1 
ATOM   687  O  "O4'"  . DG  B 2 2  ? 3.729   5.785   -2.246  1.00 115.65 ? 66  DG  A "O4'"  1 
ATOM   688  C  "C3'"  . DG  B 2 2  ? 2.917   5.579   -4.475  1.00 96.05  ? 66  DG  A "C3'"  1 
ATOM   689  O  "O3'"  . DG  B 2 2  ? 3.639   5.554   -5.700  1.00 106.90 ? 66  DG  A "O3'"  1 
ATOM   690  C  "C2'"  . DG  B 2 2  ? 2.903   4.211   -3.780  1.00 90.25  ? 66  DG  A "C2'"  1 
ATOM   691  C  "C1'"  . DG  B 2 2  ? 3.739   4.409   -2.522  1.00 87.86  ? 66  DG  A "C1'"  1 
ATOM   692  N  N9     . DG  B 2 2  ? 3.217   3.697   -1.359  1.00 72.10  ? 66  DG  A N9     1 
ATOM   693  C  C8     . DG  B 2 2  ? 2.334   4.180   -0.423  1.00 78.72  ? 66  DG  A C8     1 
ATOM   694  N  N7     . DG  B 2 2  ? 2.041   3.316   0.509   1.00 71.69  ? 66  DG  A N7     1 
ATOM   695  C  C5     . DG  B 2 2  ? 2.771   2.187   0.168   1.00 59.53  ? 66  DG  A C5     1 
ATOM   696  C  C6     . DG  B 2 2  ? 2.851   0.928   0.809   1.00 71.21  ? 66  DG  A C6     1 
ATOM   697  O  O6     . DG  B 2 2  ? 2.274   0.552   1.840   1.00 68.52  ? 66  DG  A O6     1 
ATOM   698  N  N1     . DG  B 2 2  ? 3.709   0.060   0.136   1.00 63.04  ? 66  DG  A N1     1 
ATOM   699  C  C2     . DG  B 2 2  ? 4.398   0.371   -1.012  1.00 73.66  ? 66  DG  A C2     1 
ATOM   700  N  N2     . DG  B 2 2  ? 5.178   -0.597  -1.516  1.00 74.95  ? 66  DG  A N2     1 
ATOM   701  N  N3     . DG  B 2 2  ? 4.330   1.547   -1.624  1.00 69.56  ? 66  DG  A N3     1 
ATOM   702  C  C4     . DG  B 2 2  ? 3.500   2.403   -0.979  1.00 67.98  ? 66  DG  A C4     1 
ATOM   703  H  "H5'"  . DG  B 2 2  ? 3.251   8.300   -2.508  1.00 123.65 ? 66  DG  A "H5'"  1 
ATOM   704  H  "H5''" . DG  B 2 2  ? 2.779   8.332   -4.017  1.00 123.65 ? 66  DG  A "H5''" 1 
ATOM   705  H  "H4'"  . DG  B 2 2  ? 4.467   6.760   -3.811  1.00 131.67 ? 66  DG  A "H4'"  1 
ATOM   706  H  "H3'"  . DG  B 2 2  ? 2.007   5.870   -4.640  1.00 115.26 ? 66  DG  A "H3'"  1 
ATOM   707  H  "H2'"  . DG  B 2 2  ? 1.995   3.960   -3.547  1.00 108.30 ? 66  DG  A "H2'"  1 
ATOM   708  H  "H2''" . DG  B 2 2  ? 3.304   3.537   -4.351  1.00 108.30 ? 66  DG  A "H2''" 1 
ATOM   709  H  "H1'"  . DG  B 2 2  ? 4.650   4.122   -2.694  1.00 105.43 ? 66  DG  A "H1'"  1 
ATOM   710  H  H8     . DG  B 2 2  ? 1.984   5.041   -0.449  1.00 94.46  ? 66  DG  A H8     1 
ATOM   711  H  H1     . DG  B 2 2  ? 3.814   -0.729  0.463   1.00 75.65  ? 66  DG  A H1     1 
ATOM   712  H  H21    . DG  B 2 2  ? 5.629   -0.456  -2.234  1.00 89.94  ? 66  DG  A H21    1 
ATOM   713  H  H22    . DG  B 2 2  ? 5.225   -1.360  -1.122  1.00 89.94  ? 66  DG  A H22    1 
ATOM   714  P  P      . DC  B 2 3  ? 2.981   4.899   -7.012  1.00 151.04 ? 67  DC  A P      1 
ATOM   715  O  OP1    . DC  B 2 3  ? 3.736   5.392   -8.185  1.00 128.15 ? 67  DC  A OP1    1 
ATOM   716  O  OP2    . DC  B 2 3  ? 1.517   5.106   -6.937  1.00 113.26 ? 67  DC  A OP2    1 
ATOM   717  O  "O5'"  . DC  B 2 3  ? 3.265   3.336   -6.838  1.00 132.14 ? 67  DC  A "O5'"  1 
ATOM   718  C  "C5'"  . DC  B 2 3  ? 4.601   2.872   -6.686  1.00 122.71 ? 67  DC  A "C5'"  1 
ATOM   719  C  "C4'"  . DC  B 2 3  ? 4.646   1.358   -6.629  1.00 124.24 ? 67  DC  A "C4'"  1 
ATOM   720  O  "O4'"  . DC  B 2 3  ? 4.292   0.916   -5.289  1.00 111.76 ? 67  DC  A "O4'"  1 
ATOM   721  C  "C3'"  . DC  B 2 3  ? 3.683   0.654   -7.587  1.00 112.89 ? 67  DC  A "C3'"  1 
ATOM   722  O  "O3'"  . DC  B 2 3  ? 4.350   -0.381  -8.298  1.00 125.60 ? 67  DC  A "O3'"  1 
ATOM   723  C  "C2'"  . DC  B 2 3  ? 2.582   0.120   -6.674  1.00 113.12 ? 67  DC  A "C2'"  1 
ATOM   724  C  "C1'"  . DC  B 2 3  ? 3.309   -0.093  -5.357  1.00 98.50  ? 67  DC  A "C1'"  1 
ATOM   725  N  N1     . DC  B 2 3  ? 2.432   0.013   -4.150  1.00 73.31  ? 67  DC  A N1     1 
ATOM   726  C  C2     . DC  B 2 3  ? 2.286   -1.086  -3.296  1.00 70.42  ? 67  DC  A C2     1 
ATOM   727  O  O2     . DC  B 2 3  ? 2.885   -2.138  -3.553  1.00 82.03  ? 67  DC  A O2     1 
ATOM   728  N  N3     . DC  B 2 3  ? 1.488   -0.968  -2.205  1.00 63.40  ? 67  DC  A N3     1 
ATOM   729  C  C4     . DC  B 2 3  ? 0.858   0.182   -1.961  1.00 71.24  ? 67  DC  A C4     1 
ATOM   730  N  N4     . DC  B 2 3  ? 0.081   0.253   -0.874  1.00 71.57  ? 67  DC  A N4     1 
ATOM   731  C  C5     . DC  B 2 3  ? 0.995   1.311   -2.819  1.00 72.98  ? 67  DC  A C5     1 
ATOM   732  C  C6     . DC  B 2 3  ? 1.784   1.183   -3.889  1.00 80.59  ? 67  DC  A C6     1 
ATOM   733  H  "H5'"  . DC  B 2 3  ? 4.973   3.234   -5.867  1.00 147.25 ? 67  DC  A "H5'"  1 
ATOM   734  H  "H5''" . DC  B 2 3  ? 5.132   3.179   -7.439  1.00 147.25 ? 67  DC  A "H5''" 1 
ATOM   735  H  "H4'"  . DC  B 2 3  ? 5.550   1.066   -6.825  1.00 149.09 ? 67  DC  A "H4'"  1 
ATOM   736  H  "H3'"  . DC  B 2 3  ? 3.310   1.297   -8.211  1.00 135.47 ? 67  DC  A "H3'"  1 
ATOM   737  H  "H2'"  . DC  B 2 3  ? 1.872   0.774   -6.572  1.00 135.75 ? 67  DC  A "H2'"  1 
ATOM   738  H  "H2''" . DC  B 2 3  ? 2.232   -0.719  -7.013  1.00 135.75 ? 67  DC  A "H2''" 1 
ATOM   739  H  "H1'"  . DC  B 2 3  ? 3.741   -0.961  -5.366  1.00 118.20 ? 67  DC  A "H1'"  1 
ATOM   740  H  H41    . DC  B 2 3  ? -0.322  0.987   -0.681  1.00 85.89  ? 67  DC  A H41    1 
ATOM   741  H  H42    . DC  B 2 3  ? -0.015  -0.436  -0.369  1.00 85.89  ? 67  DC  A H42    1 
ATOM   742  H  H5     . DC  B 2 3  ? 0.552   2.108   -2.640  1.00 87.58  ? 67  DC  A H5     1 
ATOM   743  H  H6     . DC  B 2 3  ? 1.892   1.905   -4.467  1.00 96.71  ? 67  DC  A H6     1 
ATOM   744  P  P      . DA  B 2 4  ? 3.594   -1.174  -9.472  1.00 159.84 ? 68  DA  A P      1 
ATOM   745  O  OP1    . DA  B 2 4  ? 4.603   -1.541  -10.490 1.00 148.76 ? 68  DA  A OP1    1 
ATOM   746  O  OP2    . DA  B 2 4  ? 2.406   -0.380  -9.860  1.00 120.30 ? 68  DA  A OP2    1 
ATOM   747  O  "O5'"  . DA  B 2 4  ? 3.078   -2.507  -8.757  1.00 123.54 ? 68  DA  A "O5'"  1 
ATOM   748  C  "C5'"  . DA  B 2 4  ? 4.005   -3.372  -8.114  1.00 108.91 ? 68  DA  A "C5'"  1 
ATOM   749  C  "C4'"  . DA  B 2 4  ? 3.293   -4.555  -7.488  1.00 106.92 ? 68  DA  A "C4'"  1 
ATOM   750  O  "O4'"  . DA  B 2 4  ? 2.657   -4.133  -6.244  1.00 110.89 ? 68  DA  A "O4'"  1 
ATOM   751  C  "C3'"  . DA  B 2 4  ? 2.179   -5.157  -8.353  1.00 120.70 ? 68  DA  A "C3'"  1 
ATOM   752  O  "O3'"  . DA  B 2 4  ? 2.250   -6.580  -8.366  1.00 130.15 ? 68  DA  A "O3'"  1 
ATOM   753  C  "C2'"  . DA  B 2 4  ? 0.909   -4.649  -7.688  1.00 116.86 ? 68  DA  A "C2'"  1 
ATOM   754  C  "C1'"  . DA  B 2 4  ? 1.320   -4.579  -6.232  1.00 102.52 ? 68  DA  A "C1'"  1 
ATOM   755  N  N9     . DA  B 2 4  ? 0.505   -3.667  -5.433  1.00 79.38  ? 68  DA  A N9     1 
ATOM   756  C  C8     . DA  B 2 4  ? 0.232   -2.353  -5.695  1.00 81.11  ? 68  DA  A C8     1 
ATOM   757  N  N7     . DA  B 2 4  ? -0.547  -1.785  -4.803  1.00 78.55  ? 68  DA  A N7     1 
ATOM   758  C  C5     . DA  B 2 4  ? -0.804  -2.799  -3.895  1.00 66.28  ? 68  DA  A C5     1 
ATOM   759  C  C6     . DA  B 2 4  ? -1.565  -2.844  -2.710  1.00 68.35  ? 68  DA  A C6     1 
ATOM   760  N  N6     . DA  B 2 4  ? -2.235  -1.794  -2.225  1.00 70.28  ? 68  DA  A N6     1 
ATOM   761  N  N1     . DA  B 2 4  ? -1.614  -4.015  -2.041  1.00 69.87  ? 68  DA  A N1     1 
ATOM   762  C  C2     . DA  B 2 4  ? -0.942  -5.065  -2.530  1.00 79.54  ? 68  DA  A C2     1 
ATOM   763  N  N3     . DA  B 2 4  ? -0.195  -5.143  -3.629  1.00 74.60  ? 68  DA  A N3     1 
ATOM   764  C  C4     . DA  B 2 4  ? -0.166  -3.966  -4.271  1.00 64.98  ? 68  DA  A C4     1 
ATOM   765  H  "H5'"  . DA  B 2 4  ? 4.475   -2.880  -7.422  1.00 130.69 ? 68  DA  A "H5'"  1 
ATOM   766  H  "H5''" . DA  B 2 4  ? 4.647   -3.694  -8.766  1.00 130.69 ? 68  DA  A "H5''" 1 
ATOM   767  H  "H4'"  . DA  B 2 4  ? 3.944   -5.245  -7.289  1.00 128.30 ? 68  DA  A "H4'"  1 
ATOM   768  H  "H3'"  . DA  B 2 4  ? 2.240   -4.812  -9.258  1.00 144.84 ? 68  DA  A "H3'"  1 
ATOM   769  H  "H2'"  . DA  B 2 4  ? 0.671   -3.770  -8.023  1.00 140.23 ? 68  DA  A "H2'"  1 
ATOM   770  H  "H2''" . DA  B 2 4  ? 0.180   -5.277  -7.811  1.00 140.23 ? 68  DA  A "H2''" 1 
ATOM   771  H  "H1'"  . DA  B 2 4  ? 1.281   -5.467  -5.845  1.00 123.02 ? 68  DA  A "H1'"  1 
ATOM   772  H  H8     . DA  B 2 4  ? 0.567   -1.902  -6.437  1.00 97.33  ? 68  DA  A H8     1 
ATOM   773  H  H61    . DA  B 2 4  ? -2.677  -1.867  -1.490  1.00 84.33  ? 68  DA  A H61    1 
ATOM   774  H  H62    . DA  B 2 4  ? -2.224  -1.045  -2.647  1.00 84.33  ? 68  DA  A H62    1 
ATOM   775  H  H2     . DA  B 2 4  ? -1.007  -5.848  -2.032  1.00 95.45  ? 68  DA  A H2     1 
ATOM   776  P  P      . DT  B 2 5  ? 1.345   -7.431  -9.388  1.00 142.26 ? 69  DT  A P      1 
ATOM   777  O  OP1    . DT  B 2 5  ? 1.964   -7.305  -10.726 1.00 108.61 ? 69  DT  A OP1    1 
ATOM   778  O  OP2    . DT  B 2 5  ? -0.073  -7.054  -9.199  1.00 128.77 ? 69  DT  A OP2    1 
ATOM   779  O  "O5'"  . DT  B 2 5  ? 1.505   -8.943  -8.888  1.00 123.23 ? 69  DT  A "O5'"  1 
ATOM   780  C  "C5'"  . DT  B 2 5  ? 1.696   -9.231  -7.502  1.00 122.98 ? 69  DT  A "C5'"  1 
ATOM   781  C  "C4'"  . DT  B 2 5  ? 0.388   -9.612  -6.816  1.00 128.70 ? 69  DT  A "C4'"  1 
ATOM   782  O  "O4'"  . DT  B 2 5  ? -0.190  -8.451  -6.179  1.00 128.61 ? 69  DT  A "O4'"  1 
ATOM   783  C  "C3'"  . DT  B 2 5  ? -0.715  -10.165 -7.734  1.00 127.13 ? 69  DT  A "C3'"  1 
ATOM   784  O  "O3'"  . DT  B 2 5  ? -0.877  -11.569 -7.520  1.00 132.68 ? 69  DT  A "O3'"  1 
ATOM   785  C  "C2'"  . DT  B 2 5  ? -1.971  -9.362  -7.349  1.00 113.25 ? 69  DT  A "C2'"  1 
ATOM   786  C  "C1'"  . DT  B 2 5  ? -1.567  -8.684  -6.049  1.00 112.59 ? 69  DT  A "C1'"  1 
ATOM   787  N  N1     . DT  B 2 5  ? -2.266  -7.383  -5.764  1.00 91.23  ? 69  DT  A N1     1 
ATOM   788  C  C2     . DT  B 2 5  ? -3.076  -7.290  -4.654  1.00 94.33  ? 69  DT  A C2     1 
ATOM   789  O  O2     . DT  B 2 5  ? -3.267  -8.217  -3.887  1.00 116.09 ? 69  DT  A O2     1 
ATOM   790  N  N3     . DT  B 2 5  ? -3.660  -6.066  -4.469  1.00 79.53  ? 69  DT  A N3     1 
ATOM   791  C  C4     . DT  B 2 5  ? -3.520  -4.946  -5.263  1.00 82.87  ? 69  DT  A C4     1 
ATOM   792  O  O4     . DT  B 2 5  ? -4.091  -3.889  -5.010  1.00 74.91  ? 69  DT  A O4     1 
ATOM   793  C  C5     . DT  B 2 5  ? -2.656  -5.105  -6.410  1.00 88.61  ? 69  DT  A C5     1 
ATOM   794  C  C7     . DT  B 2 5  ? -2.434  -3.953  -7.346  1.00 80.14  ? 69  DT  A C7     1 
ATOM   795  C  C6     . DT  B 2 5  ? -2.075  -6.302  -6.604  1.00 90.07  ? 69  DT  A C6     1 
ATOM   796  H  "H5'"  . DT  B 2 5  ? 2.065   -8.448  -7.064  1.00 147.58 ? 69  DT  A "H5'"  1 
ATOM   797  H  "H5''" . DT  B 2 5  ? 2.322   -9.966  -7.416  1.00 147.58 ? 69  DT  A "H5''" 1 
ATOM   798  H  "H4'"  . DT  B 2 5  ? 0.581   -10.273 -6.134  1.00 154.44 ? 69  DT  A "H4'"  1 
ATOM   799  H  "H3'"  . DT  B 2 5  ? -0.487  -9.996  -8.661  1.00 152.56 ? 69  DT  A "H3'"  1 
ATOM   800  H  "H2'"  . DT  B 2 5  ? -2.178  -8.701  -8.029  1.00 135.90 ? 69  DT  A "H2'"  1 
ATOM   801  H  "H2''" . DT  B 2 5  ? -2.725  -9.954  -7.205  1.00 135.90 ? 69  DT  A "H2''" 1 
ATOM   802  H  "H1'"  . DT  B 2 5  ? -1.718  -9.295  -5.311  1.00 135.11 ? 69  DT  A "H1'"  1 
ATOM   803  H  H3     . DT  B 2 5  ? -4.171  -5.987  -3.783  1.00 95.43  ? 69  DT  A H3     1 
ATOM   804  H  H71    . DT  B 2 5  ? -2.986  -3.203  -7.074  1.00 96.17  ? 69  DT  A H71    1 
ATOM   805  H  H72    . DT  B 2 5  ? -1.500  -3.692  -7.320  1.00 96.17  ? 69  DT  A H72    1 
ATOM   806  H  H73    . DT  B 2 5  ? -2.671  -4.219  -8.248  1.00 96.17  ? 69  DT  A H73    1 
ATOM   807  H  H6     . DT  B 2 5  ? -1.518  -6.409  -7.341  1.00 108.09 ? 69  DT  A H6     1 
ATOM   808  P  P      . DG  B 2 6  ? -2.081  -12.373 -8.218  1.00 146.82 ? 70  DG  A P      1 
ATOM   809  O  OP1    . DG  B 2 6  ? -1.608  -13.753 -8.463  1.00 147.63 ? 70  DG  A OP1    1 
ATOM   810  O  OP2    . DG  B 2 6  ? -2.584  -11.555 -9.345  1.00 122.15 ? 70  DG  A OP2    1 
ATOM   811  O  "O5'"  . DG  B 2 6  ? -3.217  -12.413 -7.091  1.00 120.50 ? 70  DG  A "O5'"  1 
ATOM   812  C  "C5'"  . DG  B 2 6  ? -2.925  -12.971 -5.816  1.00 100.98 ? 70  DG  A "C5'"  1 
ATOM   813  C  "C4'"  . DG  B 2 6  ? -4.142  -12.939 -4.909  1.00 114.21 ? 70  DG  A "C4'"  1 
ATOM   814  O  "O4'"  . DG  B 2 6  ? -4.470  -11.561 -4.577  1.00 107.92 ? 70  DG  A "O4'"  1 
ATOM   815  C  "C3'"  . DG  B 2 6  ? -5.406  -13.552 -5.506  1.00 125.33 ? 70  DG  A "C3'"  1 
ATOM   816  O  "O3'"  . DG  B 2 6  ? -6.028  -14.407 -4.548  1.00 103.84 ? 70  DG  A "O3'"  1 
ATOM   817  C  "C2'"  . DG  B 2 6  ? -6.265  -12.338 -5.882  1.00 105.20 ? 70  DG  A "C2'"  1 
ATOM   818  C  "C1'"  . DG  B 2 6  ? -5.821  -11.279 -4.887  1.00 103.83 ? 70  DG  A "C1'"  1 
ATOM   819  N  N9     . DG  B 2 6  ? -5.883  -9.907  -5.390  1.00 110.77 ? 70  DG  A N9     1 
ATOM   820  C  C8     . DG  B 2 6  ? -5.240  -9.404  -6.494  1.00 112.60 ? 70  DG  A C8     1 
ATOM   821  N  N7     . DG  B 2 6  ? -5.454  -8.132  -6.688  1.00 100.40 ? 70  DG  A N7     1 
ATOM   822  C  C5     . DG  B 2 6  ? -6.282  -7.762  -5.638  1.00 94.28  ? 70  DG  A C5     1 
ATOM   823  C  C6     . DG  B 2 6  ? -6.845  -6.503  -5.323  1.00 90.37  ? 70  DG  A C6     1 
ATOM   824  O  O6     . DG  B 2 6  ? -6.716  -5.430  -5.931  1.00 85.89  ? 70  DG  A O6     1 
ATOM   825  N  N1     . DG  B 2 6  ? -7.628  -6.560  -4.173  1.00 76.30  ? 70  DG  A N1     1 
ATOM   826  C  C2     . DG  B 2 6  ? -7.839  -7.693  -3.424  1.00 78.40  ? 70  DG  A C2     1 
ATOM   827  N  N2     . DG  B 2 6  ? -8.625  -7.552  -2.347  1.00 93.21  ? 70  DG  A N2     1 
ATOM   828  N  N3     . DG  B 2 6  ? -7.317  -8.880  -3.707  1.00 89.57  ? 70  DG  A N3     1 
ATOM   829  C  C4     . DG  B 2 6  ? -6.553  -8.841  -4.825  1.00 101.10 ? 70  DG  A C4     1 
ATOM   830  H  "H5'"  . DG  B 2 6  ? -2.209  -12.463 -5.404  1.00 121.17 ? 70  DG  A "H5'"  1 
ATOM   831  H  "H5''" . DG  B 2 6  ? -2.637  -13.891 -5.929  1.00 121.17 ? 70  DG  A "H5''" 1 
ATOM   832  H  "H4'"  . DG  B 2 6  ? -3.928  -13.411 -4.089  1.00 137.05 ? 70  DG  A "H4'"  1 
ATOM   833  H  "H3'"  . DG  B 2 6  ? -5.182  -14.056 -6.303  1.00 150.40 ? 70  DG  A "H3'"  1 
ATOM   834  H  "H2'"  . DG  B 2 6  ? -6.077  -12.055 -6.790  1.00 126.25 ? 70  DG  A "H2'"  1 
ATOM   835  H  "H2''" . DG  B 2 6  ? -7.208  -12.539 -5.771  1.00 126.25 ? 70  DG  A "H2''" 1 
ATOM   836  H  "H1'"  . DG  B 2 6  ? -6.356  -11.351 -4.082  1.00 124.60 ? 70  DG  A "H1'"  1 
ATOM   837  H  H8     . DG  B 2 6  ? -4.709  -9.922  -7.054  1.00 135.12 ? 70  DG  A H8     1 
ATOM   838  H  H1     . DG  B 2 6  ? -8.006  -5.833  -3.912  1.00 91.56  ? 70  DG  A H1     1 
ATOM   839  H  H21    . DG  B 2 6  ? -8.786  -8.229  -1.841  1.00 111.85 ? 70  DG  A H21    1 
ATOM   840  H  H22    . DG  B 2 6  ? -8.968  -6.786  -2.162  1.00 111.85 ? 70  DG  A H22    1 
ATOM   841  P  P      . DA  B 2 7  ? -7.482  -15.029 -4.818  1.00 129.80 ? 71  DA  A P      1 
ATOM   842  O  OP1    . DA  B 2 7  ? -7.562  -16.322 -4.101  1.00 121.88 ? 71  DA  A OP1    1 
ATOM   843  O  OP2    . DA  B 2 7  ? -7.733  -14.977 -6.276  1.00 117.37 ? 71  DA  A OP2    1 
ATOM   844  O  "O5'"  . DA  B 2 7  ? -8.462  -13.980 -4.118  1.00 108.22 ? 71  DA  A "O5'"  1 
ATOM   845  C  "C5'"  . DA  B 2 7  ? -9.680  -14.416 -3.549  1.00 110.79 ? 71  DA  A "C5'"  1 
ATOM   846  C  "C4'"  . DA  B 2 7  ? -10.681 -13.278 -3.490  1.00 104.34 ? 71  DA  A "C4'"  1 
ATOM   847  O  "O4'"  . DA  B 2 7  ? -10.072 -12.070 -4.031  1.00 90.83  ? 71  DA  A "O4'"  1 
ATOM   848  C  "C3'"  . DA  B 2 7  ? -11.967 -13.505 -4.298  1.00 90.11  ? 71  DA  A "C3'"  1 
ATOM   849  O  "O3'"  . DA  B 2 7  ? -13.114 -13.327 -3.476  1.00 87.74  ? 71  DA  A "O3'"  1 
ATOM   850  C  "C2'"  . DA  B 2 7  ? -11.889 -12.466 -5.414  1.00 92.10  ? 71  DA  A "C2'"  1 
ATOM   851  C  "C1'"  . DA  B 2 7  ? -11.034 -11.381 -4.789  1.00 84.18  ? 71  DA  A "C1'"  1 
ATOM   852  N  N9     . DA  B 2 7  ? -10.365 -10.514 -5.759  1.00 96.67  ? 71  DA  A N9     1 
ATOM   853  C  C8     . DA  B 2 7  ? -9.553  -10.898 -6.790  1.00 98.07  ? 71  DA  A C8     1 
ATOM   854  N  N7     . DA  B 2 7  ? -9.097  -9.896  -7.506  1.00 94.93  ? 71  DA  A N7     1 
ATOM   855  C  C5     . DA  B 2 7  ? -9.650  -8.778  -6.904  1.00 79.70  ? 71  DA  A C5     1 
ATOM   856  C  C6     . DA  B 2 7  ? -9.555  -7.399  -7.186  1.00 76.81  ? 71  DA  A C6     1 
ATOM   857  N  N6     . DA  B 2 7  ? -8.833  -6.900  -8.196  1.00 88.96  ? 71  DA  A N6     1 
ATOM   858  N  N1     . DA  B 2 7  ? -10.234 -6.548  -6.388  1.00 73.27  ? 71  DA  A N1     1 
ATOM   859  C  C2     . DA  B 2 7  ? -10.954 -7.049  -5.378  1.00 79.22  ? 71  DA  A C2     1 
ATOM   860  N  N3     . DA  B 2 7  ? -11.120 -8.319  -5.016  1.00 84.32  ? 71  DA  A N3     1 
ATOM   861  C  C4     . DA  B 2 7  ? -10.435 -9.141  -5.825  1.00 87.43  ? 71  DA  A C4     1 
ATOM   862  H  "H5'"  . DA  B 2 7  ? -9.514  -14.744 -2.651  1.00 132.95 ? 71  DA  A "H5'"  1 
ATOM   863  H  "H5''" . DA  B 2 7  ? -10.045 -15.135 -4.089  1.00 132.95 ? 71  DA  A "H5''" 1 
ATOM   864  H  "H4'"  . DA  B 2 7  ? -10.917 -13.120 -2.563  1.00 125.21 ? 71  DA  A "H4'"  1 
ATOM   865  H  "H3'"  . DA  B 2 7  ? -11.966 -14.398 -4.677  1.00 108.13 ? 71  DA  A "H3'"  1 
ATOM   866  H  "H2'"  . DA  B 2 7  ? -11.457 -12.835 -6.200  1.00 110.52 ? 71  DA  A "H2'"  1 
ATOM   867  H  "H2''" . DA  B 2 7  ? -12.772 -12.127 -5.631  1.00 110.52 ? 71  DA  A "H2''" 1 
ATOM   868  H  "H1'"  . DA  B 2 7  ? -11.582 -10.841 -4.198  1.00 101.02 ? 71  DA  A "H1'"  1 
ATOM   869  H  H8     . DA  B 2 7  ? -9.343  -11.787 -6.967  1.00 117.69 ? 71  DA  A H8     1 
ATOM   870  H  H61    . DA  B 2 7  ? -8.811  -6.050  -8.330  1.00 106.75 ? 71  DA  A H61    1 
ATOM   871  H  H62    . DA  B 2 7  ? -8.391  -7.429  -8.711  1.00 106.75 ? 71  DA  A H62    1 
ATOM   872  H  H2     . DA  B 2 7  ? -11.403 -6.422  -4.858  1.00 95.06  ? 71  DA  A H2     1 
ATOM   873  O  "O5'"  . DT  C 3 1  ? 30.166  14.935  20.435  1.00 126.19 ? 56  DT  C "O5'"  1 
ATOM   874  C  "C5'"  . DT  C 3 1  ? 30.160  15.307  19.068  1.00 115.39 ? 56  DT  C "C5'"  1 
ATOM   875  C  "C4'"  . DT  C 3 1  ? 30.825  14.239  18.223  1.00 121.02 ? 56  DT  C "C4'"  1 
ATOM   876  O  "O4'"  . DT  C 3 1  ? 30.747  12.970  18.912  1.00 104.09 ? 56  DT  C "O4'"  1 
ATOM   877  C  "C3'"  . DT  C 3 1  ? 30.165  13.988  16.884  1.00 119.46 ? 56  DT  C "C3'"  1 
ATOM   878  O  "O3'"  . DT  C 3 1  ? 31.097  13.381  15.995  1.00 130.25 ? 56  DT  C "O3'"  1 
ATOM   879  C  "C2'"  . DT  C 3 1  ? 29.041  13.029  17.265  1.00 104.59 ? 56  DT  C "C2'"  1 
ATOM   880  C  "C1'"  . DT  C 3 1  ? 29.686  12.198  18.378  1.00 109.49 ? 56  DT  C "C1'"  1 
ATOM   881  N  N1     . DT  C 3 1  ? 28.749  11.857  19.487  1.00 85.14  ? 56  DT  C N1     1 
ATOM   882  C  C2     . DT  C 3 1  ? 28.608  10.545  19.872  1.00 81.32  ? 56  DT  C C2     1 
ATOM   883  O  O2     . DT  C 3 1  ? 29.215  9.627   19.350  1.00 94.86  ? 56  DT  C O2     1 
ATOM   884  N  N3     . DT  C 3 1  ? 27.726  10.341  20.900  1.00 82.03  ? 56  DT  C N3     1 
ATOM   885  C  C4     . DT  C 3 1  ? 26.984  11.300  21.565  1.00 86.56  ? 56  DT  C C4     1 
ATOM   886  O  O4     . DT  C 3 1  ? 26.214  11.017  22.479  1.00 81.99  ? 56  DT  C O4     1 
ATOM   887  C  C5     . DT  C 3 1  ? 27.179  12.656  21.111  1.00 89.19  ? 56  DT  C C5     1 
ATOM   888  C  C7     . DT  C 3 1  ? 26.429  13.783  21.758  1.00 89.97  ? 56  DT  C C7     1 
ATOM   889  C  C6     . DT  C 3 1  ? 28.041  12.867  20.106  1.00 89.74  ? 56  DT  C C6     1 
ATOM   890  P  P      . DG  C 3 2  ? 30.650  12.967  14.509  1.00 107.24 ? 57  DG  C P      1 
ATOM   891  O  OP1    . DG  C 3 2  ? 31.634  13.537  13.564  1.00 123.13 ? 57  DG  C OP1    1 
ATOM   892  O  OP2    . DG  C 3 2  ? 29.215  13.296  14.362  1.00 129.04 ? 57  DG  C OP2    1 
ATOM   893  O  "O5'"  . DG  C 3 2  ? 30.821  11.378  14.496  1.00 111.43 ? 57  DG  C "O5'"  1 
ATOM   894  C  "C5'"  . DG  C 3 2  ? 30.239  10.599  15.531  1.00 104.62 ? 57  DG  C "C5'"  1 
ATOM   895  C  "C4'"  . DG  C 3 2  ? 30.226  9.129   15.164  1.00 111.02 ? 57  DG  C "C4'"  1 
ATOM   896  O  "O4'"  . DG  C 3 2  ? 29.486  8.387   16.164  1.00 119.23 ? 57  DG  C "O4'"  1 
ATOM   897  C  "C3'"  . DG  C 3 2  ? 29.534  8.803   13.858  1.00 121.39 ? 57  DG  C "C3'"  1 
ATOM   898  O  "O3'"  . DG  C 3 2  ? 30.059  7.589   13.313  1.00 118.51 ? 57  DG  C "O3'"  1 
ATOM   899  C  "C2'"  . DG  C 3 2  ? 28.068  8.698   14.284  1.00 119.26 ? 57  DG  C "C2'"  1 
ATOM   900  C  "C1'"  . DG  C 3 2  ? 28.156  8.159   15.715  1.00 117.48 ? 57  DG  C "C1'"  1 
ATOM   901  N  N9     . DG  C 3 2  ? 27.244  8.801   16.666  1.00 89.66  ? 57  DG  C N9     1 
ATOM   902  C  C8     . DG  C 3 2  ? 26.975  10.144  16.786  1.00 93.93  ? 57  DG  C C8     1 
ATOM   903  N  N7     . DG  C 3 2  ? 26.135  10.422  17.745  1.00 71.06  ? 57  DG  C N7     1 
ATOM   904  C  C5     . DG  C 3 2  ? 25.838  9.188   18.305  1.00 74.51  ? 57  DG  C C5     1 
ATOM   905  C  C6     . DG  C 3 2  ? 24.983  8.859   19.383  1.00 75.13  ? 57  DG  C C6     1 
ATOM   906  O  O6     . DG  C 3 2  ? 24.299  9.623   20.080  1.00 75.78  ? 57  DG  C O6     1 
ATOM   907  N  N1     . DG  C 3 2  ? 24.967  7.489   19.628  1.00 74.11  ? 57  DG  C N1     1 
ATOM   908  C  C2     . DG  C 3 2  ? 25.684  6.555   18.919  1.00 82.35  ? 57  DG  C C2     1 
ATOM   909  N  N2     . DG  C 3 2  ? 25.539  5.278   19.302  1.00 83.46  ? 57  DG  C N2     1 
ATOM   910  N  N3     . DG  C 3 2  ? 26.489  6.851   17.906  1.00 77.62  ? 57  DG  C N3     1 
ATOM   911  C  C4     . DG  C 3 2  ? 26.517  8.180   17.656  1.00 71.01  ? 57  DG  C C4     1 
ATOM   912  H  "H5'"  . DG  C 3 2  ? 29.330  10.898  15.682  1.00 125.54 ? 57  DG  C "H5'"  1 
ATOM   913  H  "H5''" . DG  C 3 2  ? 30.753  10.719  16.345  1.00 125.54 ? 57  DG  C "H5''" 1 
ATOM   914  H  "H4'"  . DG  C 3 2  ? 31.138  8.799   15.132  1.00 133.23 ? 57  DG  C "H4'"  1 
ATOM   915  H  "H3'"  . DG  C 3 2  ? 29.649  9.532   13.228  1.00 145.67 ? 57  DG  C "H3'"  1 
ATOM   916  H  "H2'"  . DG  C 3 2  ? 27.645  9.572   14.273  1.00 143.12 ? 57  DG  C "H2'"  1 
ATOM   917  H  "H2''" . DG  C 3 2  ? 27.589  8.076   13.713  1.00 143.12 ? 57  DG  C "H2''" 1 
ATOM   918  H  "H1'"  . DG  C 3 2  ? 27.984  7.205   15.705  1.00 140.97 ? 57  DG  C "H1'"  1 
ATOM   919  H  H8     . DG  C 3 2  ? 27.347  10.791  16.231  1.00 112.71 ? 57  DG  C H8     1 
ATOM   920  H  H1     . DG  C 3 2  ? 24.471  7.205   20.270  1.00 88.93  ? 57  DG  C H1     1 
ATOM   921  H  H21    . DG  C 3 2  ? 25.965  4.654   18.889  1.00 100.15 ? 57  DG  C H21    1 
ATOM   922  H  H22    . DG  C 3 2  ? 25.023  5.083   19.962  1.00 100.15 ? 57  DG  C H22    1 
ATOM   923  P  P      . DT  C 3 3  ? 29.289  6.810   12.140  1.00 147.52 ? 58  DT  C P      1 
ATOM   924  O  OP1    . DT  C 3 3  ? 30.268  5.926   11.469  1.00 113.60 ? 58  DT  C OP1    1 
ATOM   925  O  OP2    . DT  C 3 3  ? 28.535  7.808   11.349  1.00 133.40 ? 58  DT  C OP2    1 
ATOM   926  O  "O5'"  . DT  C 3 3  ? 28.255  5.884   12.930  1.00 118.50 ? 58  DT  C "O5'"  1 
ATOM   927  C  "C5'"  . DT  C 3 3  ? 27.440  4.970   12.225  1.00 125.36 ? 58  DT  C "C5'"  1 
ATOM   928  C  "C4'"  . DT  C 3 3  ? 26.845  3.941   13.165  1.00 114.55 ? 58  DT  C "C4'"  1 
ATOM   929  O  "O4'"  . DT  C 3 3  ? 26.399  4.591   14.387  1.00 118.19 ? 58  DT  C "O4'"  1 
ATOM   930  C  "C3'"  . DT  C 3 3  ? 25.631  3.206   12.617  1.00 126.44 ? 58  DT  C "C3'"  1 
ATOM   931  O  "O3'"  . DT  C 3 3  ? 25.679  1.837   13.001  1.00 117.59 ? 58  DT  C "O3'"  1 
ATOM   932  C  "C2'"  . DT  C 3 3  ? 24.455  3.955   13.245  1.00 121.11 ? 58  DT  C "C2'"  1 
ATOM   933  C  "C1'"  . DT  C 3 3  ? 25.017  4.354   14.595  1.00 111.91 ? 58  DT  C "C1'"  1 
ATOM   934  N  N1     . DT  C 3 3  ? 24.429  5.595   15.203  1.00 90.54  ? 58  DT  C N1     1 
ATOM   935  C  C2     . DT  C 3 3  ? 23.716  5.499   16.380  1.00 90.80  ? 58  DT  C C2     1 
ATOM   936  O  O2     . DT  C 3 3  ? 23.492  4.442   16.941  1.00 106.58 ? 58  DT  C O2     1 
ATOM   937  N  N3     . DT  C 3 3  ? 23.259  6.694   16.874  1.00 84.41  ? 58  DT  C N3     1 
ATOM   938  C  C4     . DT  C 3 3  ? 23.449  7.950   16.328  1.00 86.84  ? 58  DT  C C4     1 
ATOM   939  O  O4     . DT  C 3 3  ? 23.000  8.967   16.845  1.00 80.08  ? 58  DT  C O4     1 
ATOM   940  C  C5     . DT  C 3 3  ? 24.218  7.982   15.106  1.00 85.19  ? 58  DT  C C5     1 
ATOM   941  C  C7     . DT  C 3 3  ? 24.488  9.292   14.424  1.00 76.40  ? 58  DT  C C7     1 
ATOM   942  C  C6     . DT  C 3 3  ? 24.672  6.819   14.611  1.00 103.38 ? 58  DT  C C6     1 
ATOM   943  H  "H5'"  . DT  C 3 3  ? 27.975  4.518   11.554  1.00 150.43 ? 58  DT  C "H5'"  1 
ATOM   944  H  "H5''" . DT  C 3 3  ? 26.723  5.455   11.787  1.00 150.43 ? 58  DT  C "H5''" 1 
ATOM   945  H  "H4'"  . DT  C 3 3  ? 27.528  3.290   13.387  1.00 137.46 ? 58  DT  C "H4'"  1 
ATOM   946  H  "H3'"  . DT  C 3 3  ? 25.600  3.284   11.651  1.00 151.73 ? 58  DT  C "H3'"  1 
ATOM   947  H  "H2'"  . DT  C 3 3  ? 24.225  4.738   12.721  1.00 145.33 ? 58  DT  C "H2'"  1 
ATOM   948  H  "H2''" . DT  C 3 3  ? 23.689  3.369   13.349  1.00 145.33 ? 58  DT  C "H2''" 1 
ATOM   949  H  "H1'"  . DT  C 3 3  ? 24.911  3.616   15.215  1.00 134.29 ? 58  DT  C "H1'"  1 
ATOM   950  H  H3     . DT  C 3 3  ? 22.806  6.658   17.604  1.00 101.29 ? 58  DT  C H3     1 
ATOM   951  H  H71    . DT  C 3 3  ? 25.445  9.447   14.392  1.00 91.68  ? 58  DT  C H71    1 
ATOM   952  H  H72    . DT  C 3 3  ? 24.133  9.266   13.522  1.00 91.68  ? 58  DT  C H72    1 
ATOM   953  H  H73    . DT  C 3 3  ? 24.060  10.008  14.920  1.00 91.68  ? 58  DT  C H73    1 
ATOM   954  H  H6     . DT  C 3 3  ? 25.166  6.838   13.824  1.00 124.06 ? 58  DT  C H6     1 
ATOM   955  P  P      . DC  C 3 4  ? 25.245  0.681   11.976  1.00 137.21 ? 59  DC  C P      1 
ATOM   956  O  OP1    . DC  C 3 4  ? 26.113  -0.490  12.235  1.00 128.73 ? 59  DC  C OP1    1 
ATOM   957  O  OP2    . DC  C 3 4  ? 25.178  1.255   10.614  1.00 115.16 ? 59  DC  C OP2    1 
ATOM   958  O  "O5'"  . DC  C 3 4  ? 23.758  0.326   12.434  1.00 124.69 ? 59  DC  C "O5'"  1 
ATOM   959  C  "C5'"  . DC  C 3 4  ? 23.472  0.122   13.814  1.00 111.08 ? 59  DC  C "C5'"  1 
ATOM   960  C  "C4'"  . DC  C 3 4  ? 21.991  0.296   14.084  1.00 114.76 ? 59  DC  C "C4'"  1 
ATOM   961  O  "O4'"  . DC  C 3 4  ? 21.717  1.683   14.457  1.00 106.55 ? 59  DC  C "O4'"  1 
ATOM   962  C  "C3'"  . DC  C 3 4  ? 21.089  0.011   12.883  1.00 114.02 ? 59  DC  C "C3'"  1 
ATOM   963  O  "O3'"  . DC  C 3 4  ? 19.877  -0.593  13.303  1.00 105.77 ? 59  DC  C "O3'"  1 
ATOM   964  C  "C2'"  . DC  C 3 4  ? 20.871  1.403   12.316  1.00 100.35 ? 59  DC  C "C2'"  1 
ATOM   965  C  "C1'"  . DC  C 3 4  ? 20.716  2.196   13.601  1.00 97.35  ? 59  DC  C "C1'"  1 
ATOM   966  N  N1     . DC  C 3 4  ? 20.879  3.689   13.475  1.00 89.96  ? 59  DC  C N1     1 
ATOM   967  C  C2     . DC  C 3 4  ? 20.468  4.504   14.533  1.00 90.52  ? 59  DC  C C2     1 
ATOM   968  O  O2     . DC  C 3 4  ? 19.992  3.978   15.544  1.00 86.95  ? 59  DC  C O2     1 
ATOM   969  N  N3     . DC  C 3 4  ? 20.607  5.847   14.425  1.00 86.45  ? 59  DC  C N3     1 
ATOM   970  C  C4     . DC  C 3 4  ? 21.126  6.377   13.318  1.00 103.21 ? 59  DC  C C4     1 
ATOM   971  N  N4     . DC  C 3 4  ? 21.246  7.708   13.256  1.00 94.00  ? 59  DC  C N4     1 
ATOM   972  C  C5     . DC  C 3 4  ? 21.549  5.565   12.223  1.00 85.07  ? 59  DC  C C5     1 
ATOM   973  C  C6     . DC  C 3 4  ? 21.403  4.240   12.339  1.00 97.09  ? 59  DC  C C6     1 
ATOM   974  H  "H5'"  . DC  C 3 4  ? 23.970  0.766   14.341  1.00 133.30 ? 59  DC  C "H5'"  1 
ATOM   975  H  "H5''" . DC  C 3 4  ? 23.740  -0.775  14.067  1.00 133.30 ? 59  DC  C "H5''" 1 
ATOM   976  H  "H4'"  . DC  C 3 4  ? 21.734  -0.286  14.817  1.00 137.72 ? 59  DC  C "H4'"  1 
ATOM   977  H  "H3'"  . DC  C 3 4  ? 21.547  -0.550  12.240  1.00 136.82 ? 59  DC  C "H3'"  1 
ATOM   978  H  "H2'"  . DC  C 3 4  ? 21.644  1.701   11.812  1.00 120.42 ? 59  DC  C "H2'"  1 
ATOM   979  H  "H2''" . DC  C 3 4  ? 20.063  1.441   11.781  1.00 120.42 ? 59  DC  C "H2''" 1 
ATOM   980  H  "H1'"  . DC  C 3 4  ? 19.845  2.006   13.985  1.00 116.82 ? 59  DC  C "H1'"  1 
ATOM   981  H  H41    . DC  C 3 4  ? 21.583  8.077   12.557  1.00 112.80 ? 59  DC  C H41    1 
ATOM   982  H  H42    . DC  C 3 4  ? 20.984  8.194   13.916  1.00 112.80 ? 59  DC  C H42    1 
ATOM   983  H  H5     . DC  C 3 4  ? 21.908  5.943   11.453  1.00 102.09 ? 59  DC  C H5     1 
ATOM   984  H  H6     . DC  C 3 4  ? 21.671  3.686   11.643  1.00 116.51 ? 59  DC  C H6     1 
ATOM   985  P  P      . DA  C 3 5  ? 19.614  -2.160  13.070  1.00 122.97 ? 60  DA  C P      1 
ATOM   986  O  OP1    . DA  C 3 5  ? 20.802  -2.896  13.558  1.00 120.61 ? 60  DA  C OP1    1 
ATOM   987  O  OP2    . DA  C 3 5  ? 19.160  -2.338  11.673  1.00 130.14 ? 60  DA  C OP2    1 
ATOM   988  O  "O5'"  . DA  C 3 5  ? 18.399  -2.482  14.059  1.00 116.00 ? 60  DA  C "O5'"  1 
ATOM   989  C  "C5'"  . DA  C 3 5  ? 18.559  -2.290  15.460  1.00 113.79 ? 60  DA  C "C5'"  1 
ATOM   990  C  "C4'"  . DA  C 3 5  ? 17.260  -1.833  16.105  1.00 116.76 ? 60  DA  C "C4'"  1 
ATOM   991  O  "O4'"  . DA  C 3 5  ? 17.136  -0.392  15.977  1.00 119.27 ? 60  DA  C "O4'"  1 
ATOM   992  C  "C3'"  . DA  C 3 5  ? 15.996  -2.416  15.491  1.00 125.72 ? 60  DA  C "C3'"  1 
ATOM   993  O  "O3'"  . DA  C 3 5  ? 15.006  -2.633  16.493  1.00 116.67 ? 60  DA  C "O3'"  1 
ATOM   994  C  "C2'"  . DA  C 3 5  ? 15.579  -1.361  14.470  1.00 125.59 ? 60  DA  C "C2'"  1 
ATOM   995  C  "C1'"  . DA  C 3 5  ? 16.093  -0.054  15.075  1.00 118.29 ? 60  DA  C "C1'"  1 
ATOM   996  N  N9     . DA  C 3 5  ? 16.629  0.890   14.092  1.00 93.32  ? 60  DA  C N9     1 
ATOM   997  C  C8     . DA  C 3 5  ? 17.364  0.590   12.980  1.00 98.18  ? 60  DA  C C8     1 
ATOM   998  N  N7     . DA  C 3 5  ? 17.719  1.639   12.281  1.00 96.82  ? 60  DA  C N7     1 
ATOM   999  C  C5     . DA  C 3 5  ? 17.191  2.704   12.985  1.00 86.20  ? 60  DA  C C5     1 
ATOM   1000 C  C6     . DA  C 3 5  ? 17.221  4.094   12.762  1.00 91.68  ? 60  DA  C C6     1 
ATOM   1001 N  N6     . DA  C 3 5  ? 17.838  4.658   11.717  1.00 97.45  ? 60  DA  C N6     1 
ATOM   1002 N  N1     . DA  C 3 5  ? 16.591  4.883   13.654  1.00 79.25  ? 60  DA  C N1     1 
ATOM   1003 C  C2     . DA  C 3 5  ? 15.975  4.314   14.698  1.00 82.74  ? 60  DA  C C2     1 
ATOM   1004 N  N3     . DA  C 3 5  ? 15.879  3.022   15.013  1.00 86.20  ? 60  DA  C N3     1 
ATOM   1005 C  C4     . DA  C 3 5  ? 16.516  2.263   14.107  1.00 78.62  ? 60  DA  C C4     1 
ATOM   1006 H  "H5'"  . DA  C 3 5  ? 19.242  -1.620  15.614  1.00 136.55 ? 60  DA  C "H5'"  1 
ATOM   1007 H  "H5''" . DA  C 3 5  ? 18.838  -3.126  15.865  1.00 136.55 ? 60  DA  C "H5''" 1 
ATOM   1008 H  "H4'"  . DA  C 3 5  ? 17.283  -2.062  17.047  1.00 140.11 ? 60  DA  C "H4'"  1 
ATOM   1009 H  "H3'"  . DA  C 3 5  ? 16.201  -3.250  15.041  1.00 150.87 ? 60  DA  C "H3'"  1 
ATOM   1010 H  "H2'"  . DA  C 3 5  ? 16.002  -1.530  13.613  1.00 150.71 ? 60  DA  C "H2'"  1 
ATOM   1011 H  "H2''" . DA  C 3 5  ? 14.614  -1.337  14.377  1.00 150.71 ? 60  DA  C "H2''" 1 
ATOM   1012 H  "H1'"  . DA  C 3 5  ? 15.375  0.373   15.567  1.00 141.95 ? 60  DA  C "H1'"  1 
ATOM   1013 H  H8     . DA  C 3 5  ? 17.588  -0.280  12.739  1.00 117.82 ? 60  DA  C H8     1 
ATOM   1014 H  H61    . DA  C 3 5  ? 17.827  5.512   11.622  1.00 116.94 ? 60  DA  C H61    1 
ATOM   1015 H  H62    . DA  C 3 5  ? 18.243  4.166   11.141  1.00 116.94 ? 60  DA  C H62    1 
ATOM   1016 H  H2     . DA  C 3 5  ? 15.556  4.901   15.285  1.00 99.29  ? 60  DA  C H2     1 
ATOM   1017 P  P      . DG  C 3 6  ? 13.547  -3.173  16.091  1.00 143.46 ? 61  DG  C P      1 
ATOM   1018 O  OP1    . DG  C 3 6  ? 13.041  -3.987  17.219  1.00 131.26 ? 61  DG  C OP1    1 
ATOM   1019 O  OP2    . DG  C 3 6  ? 13.640  -3.764  14.737  1.00 105.75 ? 61  DG  C OP2    1 
ATOM   1020 O  "O5'"  . DG  C 3 6  ? 12.664  -1.843  16.022  1.00 122.23 ? 61  DG  C "O5'"  1 
ATOM   1021 C  "C5'"  . DG  C 3 6  ? 12.642  -0.958  17.132  1.00 117.58 ? 61  DG  C "C5'"  1 
ATOM   1022 C  "C4'"  . DG  C 3 6  ? 12.061  0.389   16.747  1.00 126.69 ? 61  DG  C "C4'"  1 
ATOM   1023 O  "O4'"  . DG  C 3 6  ? 12.951  1.052   15.813  1.00 119.35 ? 61  DG  C "O4'"  1 
ATOM   1024 C  "C3'"  . DG  C 3 6  ? 10.690  0.329   16.058  1.00 108.46 ? 61  DG  C "C3'"  1 
ATOM   1025 O  "O3'"  . DG  C 3 6  ? 9.719   1.045   16.816  1.00 120.82 ? 61  DG  C "O3'"  1 
ATOM   1026 C  "C2'"  . DG  C 3 6  ? 10.933  0.956   14.682  1.00 99.39  ? 61  DG  C "C2'"  1 
ATOM   1027 C  "C1'"  . DG  C 3 6  ? 12.170  1.797   14.919  1.00 108.03 ? 61  DG  C "C1'"  1 
ATOM   1028 N  N9     . DG  C 3 6  ? 12.944  2.080   13.714  1.00 88.19  ? 61  DG  C N9     1 
ATOM   1029 C  C8     . DG  C 3 6  ? 13.596  1.179   12.907  1.00 103.15 ? 61  DG  C C8     1 
ATOM   1030 N  N7     . DG  C 3 6  ? 14.203  1.737   11.894  1.00 83.90  ? 61  DG  C N7     1 
ATOM   1031 C  C5     . DG  C 3 6  ? 13.935  3.093   12.044  1.00 76.28  ? 61  DG  C C5     1 
ATOM   1032 C  C6     . DG  C 3 6  ? 14.328  4.197   11.251  1.00 83.71  ? 61  DG  C C6     1 
ATOM   1033 O  O6     . DG  C 3 6  ? 15.017  4.198   10.224  1.00 83.18  ? 61  DG  C O6     1 
ATOM   1034 N  N1     . DG  C 3 6  ? 13.839  5.398   11.762  1.00 76.12  ? 61  DG  C N1     1 
ATOM   1035 C  C2     . DG  C 3 6  ? 13.069  5.514   12.895  1.00 86.88  ? 61  DG  C C2     1 
ATOM   1036 N  N2     . DG  C 3 6  ? 12.683  6.749   13.239  1.00 87.26  ? 61  DG  C N2     1 
ATOM   1037 N  N3     . DG  C 3 6  ? 12.694  4.488   13.641  1.00 79.40  ? 61  DG  C N3     1 
ATOM   1038 C  C4     . DG  C 3 6  ? 13.162  3.315   13.159  1.00 78.88  ? 61  DG  C C4     1 
ATOM   1039 H  "H5'"  . DG  C 3 6  ? 13.547  -0.833  17.457  1.00 141.10 ? 61  DG  C "H5'"  1 
ATOM   1040 H  "H5''" . DG  C 3 6  ? 12.101  -1.347  17.838  1.00 141.10 ? 61  DG  C "H5''" 1 
ATOM   1041 H  "H4'"  . DG  C 3 6  ? 11.985  0.934   17.545  1.00 152.02 ? 61  DG  C "H4'"  1 
ATOM   1042 H  "H3'"  . DG  C 3 6  ? 10.413  -0.595  15.954  1.00 130.15 ? 61  DG  C "H3'"  1 
ATOM   1043 H  "H2'"  . DG  C 3 6  ? 11.104  0.271   14.017  1.00 119.27 ? 61  DG  C "H2'"  1 
ATOM   1044 H  "H2''" . DG  C 3 6  ? 10.183  1.513   14.421  1.00 119.27 ? 61  DG  C "H2''" 1 
ATOM   1045 H  "H1'"  . DG  C 3 6  ? 11.914  2.634   15.337  1.00 129.63 ? 61  DG  C "H1'"  1 
ATOM   1046 H  H8     . DG  C 3 6  ? 13.604  0.263   13.065  1.00 123.78 ? 61  DG  C H8     1 
ATOM   1047 H  H1     . DG  C 3 6  ? 14.033  6.120   11.337  1.00 91.34  ? 61  DG  C H1     1 
ATOM   1048 H  H21    . DG  C 3 6  ? 12.198  6.870   13.938  1.00 104.71 ? 61  DG  C H21    1 
ATOM   1049 H  H22    . DG  C 3 6  ? 12.921  7.422   12.759  1.00 104.71 ? 61  DG  C H22    1 
ATOM   1050 P  P      . DA  C 3 7  ? 8.198   1.140   16.309  1.00 135.67 ? 62  DA  C P      1 
ATOM   1051 O  OP1    . DA  C 3 7  ? 7.324   0.990   17.494  1.00 118.61 ? 62  DA  C OP1    1 
ATOM   1052 O  OP2    . DA  C 3 7  ? 8.047   0.219   15.160  1.00 118.48 ? 62  DA  C OP2    1 
ATOM   1053 O  "O5'"  . DA  C 3 7  ? 8.071   2.638   15.759  1.00 108.59 ? 62  DA  C "O5'"  1 
ATOM   1054 C  "C5'"  . DA  C 3 7  ? 8.356   3.735   16.619  1.00 92.52  ? 62  DA  C "C5'"  1 
ATOM   1055 C  "C4'"  . DA  C 3 7  ? 8.205   5.055   15.887  1.00 97.43  ? 62  DA  C "C4'"  1 
ATOM   1056 O  "O4'"  . DA  C 3 7  ? 9.249   5.173   14.880  1.00 94.43  ? 62  DA  C "O4'"  1 
ATOM   1057 C  "C3'"  . DA  C 3 7  ? 6.875   5.229   15.152  1.00 126.25 ? 62  DA  C "C3'"  1 
ATOM   1058 O  "O3'"  . DA  C 3 7  ? 6.329   6.521   15.396  1.00 120.38 ? 62  DA  C "O3'"  1 
ATOM   1059 C  "C2'"  . DA  C 3 7  ? 7.241   5.015   13.688  1.00 107.24 ? 62  DA  C "C2'"  1 
ATOM   1060 C  "C1'"  . DA  C 3 7  ? 8.681   5.497   13.628  1.00 105.97 ? 62  DA  C "C1'"  1 
ATOM   1061 N  N9     . DA  C 3 7  ? 9.479   4.868   12.576  1.00 83.36  ? 62  DA  C N9     1 
ATOM   1062 C  C8     . DA  C 3 7  ? 9.811   3.546   12.471  1.00 93.10  ? 62  DA  C C8     1 
ATOM   1063 N  N7     . DA  C 3 7  ? 10.542  3.264   11.419  1.00 81.48  ? 62  DA  C N7     1 
ATOM   1064 C  C5     . DA  C 3 7  ? 10.712  4.488   10.794  1.00 72.87  ? 62  DA  C C5     1 
ATOM   1065 C  C6     . DA  C 3 7  ? 11.399  4.866   9.623   1.00 80.40  ? 62  DA  C C6     1 
ATOM   1066 N  N6     . DA  C 3 7  ? 12.066  4.002   8.854   1.00 75.88  ? 62  DA  C N6     1 
ATOM   1067 N  N1     . DA  C 3 7  ? 11.374  6.172   9.277   1.00 79.24  ? 62  DA  C N1     1 
ATOM   1068 C  C2     . DA  C 3 7  ? 10.703  7.030   10.054  1.00 82.72  ? 62  DA  C C2     1 
ATOM   1069 N  N3     . DA  C 3 7  ? 10.021  6.792   11.176  1.00 90.01  ? 62  DA  C N3     1 
ATOM   1070 C  C4     . DA  C 3 7  ? 10.066  5.489   11.493  1.00 78.01  ? 62  DA  C C4     1 
ATOM   1071 H  "H5'"  . DA  C 3 7  ? 9.265   3.655   16.948  1.00 111.02 ? 62  DA  C "H5'"  1 
ATOM   1072 H  "H5''" . DA  C 3 7  ? 7.744   3.715   17.371  1.00 111.02 ? 62  DA  C "H5''" 1 
ATOM   1073 H  "H4'"  . DA  C 3 7  ? 8.305   5.779   16.526  1.00 116.91 ? 62  DA  C "H4'"  1 
ATOM   1074 H  "H3'"  . DA  C 3 7  ? 6.249   4.545   15.438  1.00 151.50 ? 62  DA  C "H3'"  1 
ATOM   1075 H  "H2'"  . DA  C 3 7  ? 7.183   4.075   13.453  1.00 128.69 ? 62  DA  C "H2'"  1 
ATOM   1076 H  "H2''" . DA  C 3 7  ? 6.676   5.551   13.111  1.00 128.69 ? 62  DA  C "H2''" 1 
ATOM   1077 H  "H1'"  . DA  C 3 7  ? 8.693   6.459   13.509  1.00 127.16 ? 62  DA  C "H1'"  1 
ATOM   1078 H  H8     . DA  C 3 7  ? 9.535   2.903   13.084  1.00 111.73 ? 62  DA  C H8     1 
ATOM   1079 H  H61    . DA  C 3 7  ? 12.481  4.282   8.154   1.00 91.05  ? 62  DA  C H61    1 
ATOM   1080 H  H62    . DA  C 3 7  ? 12.080  3.167   9.057   1.00 91.05  ? 62  DA  C H62    1 
ATOM   1081 H  H2     . DA  C 3 7  ? 10.712  7.917   9.772   1.00 99.26  ? 62  DA  C H2     1 
ATOM   1082 P  P      . DT  C 3 8  ? 4.883   6.912   14.818  1.00 122.62 ? 63  DT  C P      1 
ATOM   1083 O  OP1    . DT  C 3 8  ? 4.285   7.898   15.745  1.00 118.35 ? 63  DT  C OP1    1 
ATOM   1084 O  OP2    . DT  C 3 8  ? 4.162   5.655   14.514  1.00 117.66 ? 63  DT  C OP2    1 
ATOM   1085 O  "O5'"  . DT  C 3 8  ? 5.213   7.665   13.448  1.00 112.59 ? 63  DT  C "O5'"  1 
ATOM   1086 C  "C5'"  . DT  C 3 8  ? 6.084   8.788   13.453  1.00 98.96  ? 63  DT  C "C5'"  1 
ATOM   1087 C  "C4'"  . DT  C 3 8  ? 6.103   9.473   12.097  1.00 94.94  ? 63  DT  C "C4'"  1 
ATOM   1088 O  "O4'"  . DT  C 3 8  ? 7.003   8.763   11.206  1.00 94.87  ? 63  DT  C "O4'"  1 
ATOM   1089 C  "C3'"  . DT  C 3 8  ? 4.752   9.522   11.379  1.00 108.50 ? 63  DT  C "C3'"  1 
ATOM   1090 O  "O3'"  . DT  C 3 8  ? 4.548   10.799  10.796  1.00 93.20  ? 63  DT  C "O3'"  1 
ATOM   1091 C  "C2'"  . DT  C 3 8  ? 4.867   8.418   10.331  1.00 111.04 ? 63  DT  C "C2'"  1 
ATOM   1092 C  "C1'"  . DT  C 3 8  ? 6.344   8.467   9.991   1.00 93.90  ? 63  DT  C "C1'"  1 
ATOM   1093 N  N1     . DT  C 3 8  ? 6.927   7.202   9.450   1.00 90.19  ? 63  DT  C N1     1 
ATOM   1094 C  C2     . DT  C 3 8  ? 7.660   7.254   8.288   1.00 79.81  ? 63  DT  C C2     1 
ATOM   1095 O  O2     . DT  C 3 8  ? 7.828   8.276   7.648   1.00 85.64  ? 63  DT  C O2     1 
ATOM   1096 N  N3     . DT  C 3 8  ? 8.186   6.059   7.888   1.00 66.71  ? 63  DT  C N3     1 
ATOM   1097 C  C4     . DT  C 3 8  ? 8.067   4.839   8.523   1.00 83.57  ? 63  DT  C C4     1 
ATOM   1098 O  O4     . DT  C 3 8  ? 8.579   3.817   8.079   1.00 73.79  ? 63  DT  C O4     1 
ATOM   1099 C  C5     . DT  C 3 8  ? 7.299   4.852   9.744   1.00 82.97  ? 63  DT  C C5     1 
ATOM   1100 C  C7     . DT  C 3 8  ? 7.097   3.582   10.516  1.00 93.33  ? 63  DT  C C7     1 
ATOM   1101 C  C6     . DT  C 3 8  ? 6.778   6.021   10.153  1.00 96.82  ? 63  DT  C C6     1 
ATOM   1102 H  "H5'"  . DT  C 3 8  ? 6.982   8.493   13.672  1.00 118.75 ? 63  DT  C "H5'"  1 
ATOM   1103 H  "H5''" . DT  C 3 8  ? 5.784   9.420   14.125  1.00 118.75 ? 63  DT  C "H5''" 1 
ATOM   1104 H  "H4'"  . DT  C 3 8  ? 6.428   10.380  12.211  1.00 113.93 ? 63  DT  C "H4'"  1 
ATOM   1105 H  "H3'"  . DT  C 3 8  ? 4.037   9.320   12.002  1.00 130.20 ? 63  DT  C "H3'"  1 
ATOM   1106 H  "H2'"  . DT  C 3 8  ? 4.627   7.557   10.709  1.00 133.25 ? 63  DT  C "H2'"  1 
ATOM   1107 H  "H2''" . DT  C 3 8  ? 4.325   8.621   9.553   1.00 133.25 ? 63  DT  C "H2''" 1 
ATOM   1108 H  "H1'"  . DT  C 3 8  ? 6.501   9.187   9.360   1.00 112.68 ? 63  DT  C "H1'"  1 
ATOM   1109 H  H3     . DT  C 3 8  ? 8.639   6.066   7.157   1.00 80.05  ? 63  DT  C H3     1 
ATOM   1110 H  H71    . DT  C 3 8  ? 7.445   3.691   11.415  1.00 112.00 ? 63  DT  C H71    1 
ATOM   1111 H  H72    . DT  C 3 8  ? 6.151   3.375   10.559  1.00 112.00 ? 63  DT  C H72    1 
ATOM   1112 H  H73    . DT  C 3 8  ? 7.567   2.857   10.074  1.00 112.00 ? 63  DT  C H73    1 
ATOM   1113 H  H6     . DT  C 3 8  ? 6.282   6.035   10.940  1.00 116.18 ? 63  DT  C H6     1 
ATOM   1114 P  P      . DG  C 3 9  ? 3.106   11.209  10.226  1.00 120.36 ? 64  DG  C P      1 
ATOM   1115 O  OP1    . DG  C 3 9  ? 2.916   12.644  10.527  1.00 114.29 ? 64  DG  C OP1    1 
ATOM   1116 O  OP2    . DG  C 3 9  ? 2.120   10.220  10.719  1.00 119.81 ? 64  DG  C OP2    1 
ATOM   1117 O  "O5'"  . DG  C 3 9  ? 3.272   11.066  8.641   1.00 129.42 ? 64  DG  C "O5'"  1 
ATOM   1118 C  "C5'"  . DG  C 3 9  ? 4.375   11.691  7.993   1.00 87.48  ? 64  DG  C "C5'"  1 
ATOM   1119 C  "C4'"  . DG  C 3 9  ? 4.316   11.495  6.488   1.00 94.47  ? 64  DG  C "C4'"  1 
ATOM   1120 O  "O4'"  . DG  C 3 9  ? 5.124   10.333  6.124   1.00 121.14 ? 64  DG  C "O4'"  1 
ATOM   1121 C  "C3'"  . DG  C 3 9  ? 2.924   11.215  5.931   1.00 83.98  ? 64  DG  C "C3'"  1 
ATOM   1122 O  "O3'"  . DG  C 3 9  ? 2.793   11.759  4.615   1.00 83.23  ? 64  DG  C "O3'"  1 
ATOM   1123 C  "C2'"  . DG  C 3 9  ? 2.869   9.697   5.940   1.00 102.94 ? 64  DG  C "C2'"  1 
ATOM   1124 C  "C1'"  . DG  C 3 9  ? 4.296   9.345   5.534   1.00 79.06  ? 64  DG  C "C1'"  1 
ATOM   1125 N  N9     . DG  C 3 9  ? 4.719   8.002   5.951   1.00 77.91  ? 64  DG  C N9     1 
ATOM   1126 C  C8     . DG  C 3 9  ? 4.324   7.297   7.064   1.00 93.49  ? 64  DG  C C8     1 
ATOM   1127 N  N7     . DG  C 3 9  ? 4.853   6.101   7.138   1.00 73.59  ? 64  DG  C N7     1 
ATOM   1128 C  C5     . DG  C 3 9  ? 5.631   6.007   5.988   1.00 72.36  ? 64  DG  C C5     1 
ATOM   1129 C  C6     . DG  C 3 9  ? 6.449   4.947   5.509   1.00 74.18  ? 64  DG  C C6     1 
ATOM   1130 O  O6     . DG  C 3 9  ? 6.658   3.838   6.021   1.00 86.97  ? 64  DG  C O6     1 
ATOM   1131 N  N1     . DG  C 3 9  ? 7.057   5.281   4.300   1.00 66.65  ? 64  DG  C N1     1 
ATOM   1132 C  C2     . DG  C 3 9  ? 6.898   6.483   3.647   1.00 69.57  ? 64  DG  C C2     1 
ATOM   1133 N  N2     . DG  C 3 9  ? 7.547   6.640   2.498   1.00 93.63  ? 64  DG  C N2     1 
ATOM   1134 N  N3     . DG  C 3 9  ? 6.141   7.466   4.084   1.00 64.52  ? 64  DG  C N3     1 
ATOM   1135 C  C4     . DG  C 3 9  ? 5.544   7.165   5.249   1.00 65.70  ? 64  DG  C C4     1 
ATOM   1136 H  "H5'"  . DG  C 3 9  ? 5.200   11.309  8.331   1.00 104.97 ? 64  DG  C "H5'"  1 
ATOM   1137 H  "H5''" . DG  C 3 9  ? 4.362   12.641  8.190   1.00 104.97 ? 64  DG  C "H5''" 1 
ATOM   1138 H  "H4'"  . DG  C 3 9  ? 4.678   12.282  6.052   1.00 113.37 ? 64  DG  C "H4'"  1 
ATOM   1139 H  "H3'"  . DG  C 3 9  ? 2.244   11.581  6.520   1.00 100.78 ? 64  DG  C "H3'"  1 
ATOM   1140 H  "H2'"  . DG  C 3 9  ? 2.668   9.362   6.827   1.00 123.53 ? 64  DG  C "H2'"  1 
ATOM   1141 H  "H2''" . DG  C 3 9  ? 2.231   9.370   5.287   1.00 123.53 ? 64  DG  C "H2''" 1 
ATOM   1142 H  "H1'"  . DG  C 3 9  ? 4.372   9.410   4.569   1.00 94.87  ? 64  DG  C "H1'"  1 
ATOM   1143 H  H8     . DG  C 3 9  ? 3.750   7.641   7.709   1.00 112.19 ? 64  DG  C H8     1 
ATOM   1144 H  H1     . DG  C 3 9  ? 7.571   4.695   3.937   1.00 79.98  ? 64  DG  C H1     1 
ATOM   1145 H  H21    . DG  C 3 9  ? 7.454   7.366   2.047   1.00 112.36 ? 64  DG  C H21    1 
ATOM   1146 H  H22    . DG  C 3 9  ? 8.061   6.016   2.205   1.00 112.36 ? 64  DG  C H22    1 
ATOM   1147 P  P      . DG  D 4 1  ? -15.859 -12.608 -8.608  1.00 125.34 ? 72  DG  D P      1 
ATOM   1148 O  OP1    . DG  D 4 1  ? -14.854 -12.839 -9.667  1.00 129.35 ? 72  DG  D OP1    1 
ATOM   1149 O  OP2    . DG  D 4 1  ? -16.926 -13.606 -8.372  1.00 104.99 ? 72  DG  D OP2    1 
ATOM   1150 O  "O5'"  . DG  D 4 1  ? -15.064 -12.381 -7.240  1.00 90.24  ? 72  DG  D "O5'"  1 
ATOM   1151 C  "C5'"  . DG  D 4 1  ? -15.678 -12.673 -5.992  1.00 98.35  ? 72  DG  D "C5'"  1 
ATOM   1152 C  "C4'"  . DG  D 4 1  ? -15.805 -11.418 -5.157  1.00 93.69  ? 72  DG  D "C4'"  1 
ATOM   1153 O  "O4'"  . DG  D 4 1  ? -14.519 -10.755 -5.097  1.00 85.76  ? 72  DG  D "O4'"  1 
ATOM   1154 C  "C3'"  . DG  D 4 1  ? -16.792 -10.404 -5.708  1.00 92.67  ? 72  DG  D "C3'"  1 
ATOM   1155 O  "O3'"  . DG  D 4 1  ? -18.043 -10.530 -5.045  1.00 101.07 ? 72  DG  D "O3'"  1 
ATOM   1156 C  "C2'"  . DG  D 4 1  ? -16.130 -9.054  -5.453  1.00 100.44 ? 72  DG  D "C2'"  1 
ATOM   1157 C  "C1'"  . DG  D 4 1  ? -14.643 -9.376  -5.378  1.00 95.65  ? 72  DG  D "C1'"  1 
ATOM   1158 N  N9     . DG  D 4 1  ? -13.888 -9.085  -6.599  1.00 72.39  ? 72  DG  D N9     1 
ATOM   1159 C  C8     . DG  D 4 1  ? -13.271 -9.993  -7.427  1.00 87.78  ? 72  DG  D C8     1 
ATOM   1160 N  N7     . DG  D 4 1  ? -12.642 -9.442  -8.429  1.00 79.41  ? 72  DG  D N7     1 
ATOM   1161 C  C5     . DG  D 4 1  ? -12.845 -8.081  -8.251  1.00 62.51  ? 72  DG  D C5     1 
ATOM   1162 C  C6     . DG  D 4 1  ? -12.399 -6.985  -9.027  1.00 73.13  ? 72  DG  D C6     1 
ATOM   1163 O  O6     . DG  D 4 1  ? -11.715 -7.004  -10.060 1.00 80.55  ? 72  DG  D O6     1 
ATOM   1164 N  N1     . DG  D 4 1  ? -12.826 -5.770  -8.497  1.00 80.30  ? 72  DG  D N1     1 
ATOM   1165 C  C2     . DG  D 4 1  ? -13.588 -5.634  -7.359  1.00 86.07  ? 72  DG  D C2     1 
ATOM   1166 N  N2     . DG  D 4 1  ? -13.903 -4.380  -7.003  1.00 103.59 ? 72  DG  D N2     1 
ATOM   1167 N  N3     . DG  D 4 1  ? -14.012 -6.654  -6.623  1.00 78.63  ? 72  DG  D N3     1 
ATOM   1168 C  C4     . DG  D 4 1  ? -13.606 -7.842  -7.126  1.00 70.34  ? 72  DG  D C4     1 
ATOM   1169 H  "H5'"  . DG  D 4 1  ? -15.137 -13.321 -5.515  1.00 118.02 ? 72  DG  D "H5'"  1 
ATOM   1170 H  "H5''" . DG  D 4 1  ? -16.559 -13.044 -6.149  1.00 118.02 ? 72  DG  D "H5''" 1 
ATOM   1171 H  "H4'"  . DG  D 4 1  ? -16.077 -11.665 -4.258  1.00 112.43 ? 72  DG  D "H4'"  1 
ATOM   1172 H  "H3'"  . DG  D 4 1  ? -16.908 -10.540 -6.662  1.00 111.20 ? 72  DG  D "H3'"  1 
ATOM   1173 H  "H2'"  . DG  D 4 1  ? -16.307 -8.444  -6.186  1.00 120.53 ? 72  DG  D "H2'"  1 
ATOM   1174 H  "H2''" . DG  D 4 1  ? -16.438 -8.677  -4.614  1.00 120.53 ? 72  DG  D "H2''" 1 
ATOM   1175 H  "H1'"  . DG  D 4 1  ? -14.254 -8.874  -4.646  1.00 114.77 ? 72  DG  D "H1'"  1 
ATOM   1176 H  H8     . DG  D 4 1  ? -13.305 -10.912 -7.290  1.00 105.33 ? 72  DG  D H8     1 
ATOM   1177 H  H1     . DG  D 4 1  ? -12.596 -5.053  -8.910  1.00 96.36  ? 72  DG  D H1     1 
ATOM   1178 H  H21    . DG  D 4 1  ? -14.375 -4.239  -6.298  1.00 124.30 ? 72  DG  D H21    1 
ATOM   1179 H  H22    . DG  D 4 1  ? -13.631 -3.717  -7.479  1.00 124.30 ? 72  DG  D H22    1 
ATOM   1180 P  P      . DT  D 4 2  ? -19.415 -10.268 -5.838  1.00 129.99 ? 73  DT  D P      1 
ATOM   1181 O  OP1    . DT  D 4 2  ? -20.514 -10.835 -5.026  1.00 104.13 ? 73  DT  D OP1    1 
ATOM   1182 O  OP2    . DT  D 4 2  ? -19.230 -10.709 -7.239  1.00 111.11 ? 73  DT  D OP2    1 
ATOM   1183 O  "O5'"  . DT  D 4 2  ? -19.541 -8.679  -5.835  1.00 106.79 ? 73  DT  D "O5'"  1 
ATOM   1184 C  "C5'"  . DT  D 4 2  ? -19.301 -7.959  -4.636  1.00 100.87 ? 73  DT  D "C5'"  1 
ATOM   1185 C  "C4'"  . DT  D 4 2  ? -19.210 -6.477  -4.914  1.00 111.78 ? 73  DT  D "C4'"  1 
ATOM   1186 O  "O4'"  . DT  D 4 2  ? -18.040 -6.197  -5.738  1.00 92.00  ? 73  DT  D "O4'"  1 
ATOM   1187 C  "C3'"  . DT  D 4 2  ? -20.395 -5.907  -5.677  1.00 119.88 ? 73  DT  D "C3'"  1 
ATOM   1188 O  "O3'"  . DT  D 4 2  ? -20.700 -4.607  -5.197  1.00 119.22 ? 73  DT  D "O3'"  1 
ATOM   1189 C  "C2'"  . DT  D 4 2  ? -19.900 -5.914  -7.123  1.00 99.00  ? 73  DT  D "C2'"  1 
ATOM   1190 C  "C1'"  . DT  D 4 2  ? -18.436 -5.564  -6.943  1.00 109.23 ? 73  DT  D "C1'"  1 
ATOM   1191 N  N1     . DT  D 4 2  ? -17.525 -6.031  -8.041  1.00 89.75  ? 73  DT  D N1     1 
ATOM   1192 C  C2     . DT  D 4 2  ? -16.791 -5.104  -8.748  1.00 102.43 ? 73  DT  D C2     1 
ATOM   1193 O  O2     . DT  D 4 2  ? -16.864 -3.905  -8.553  1.00 112.89 ? 73  DT  D O2     1 
ATOM   1194 N  N3     . DT  D 4 2  ? -15.970 -5.634  -9.708  1.00 90.75  ? 73  DT  D N3     1 
ATOM   1195 C  C4     . DT  D 4 2  ? -15.802 -6.969  -10.019 1.00 85.21  ? 73  DT  D C4     1 
ATOM   1196 O  O4     . DT  D 4 2  ? -15.037 -7.346  -10.901 1.00 77.81  ? 73  DT  D O4     1 
ATOM   1197 C  C5     . DT  D 4 2  ? -16.591 -7.890  -9.235  1.00 77.58  ? 73  DT  D C5     1 
ATOM   1198 C  C7     . DT  D 4 2  ? -16.491 -9.366  -9.480  1.00 68.70  ? 73  DT  D C7     1 
ATOM   1199 C  C6     . DT  D 4 2  ? -17.403 -7.384  -8.292  1.00 82.74  ? 73  DT  D C6     1 
ATOM   1200 H  "H5'"  . DT  D 4 2  ? -18.467 -8.262  -4.244  1.00 121.04 ? 73  DT  D "H5'"  1 
ATOM   1201 H  "H5''" . DT  D 4 2  ? -20.025 -8.125  -4.014  1.00 121.04 ? 73  DT  D "H5''" 1 
ATOM   1202 H  "H4'"  . DT  D 4 2  ? -19.122 -6.003  -4.071  1.00 134.14 ? 73  DT  D "H4'"  1 
ATOM   1203 H  "H3'"  . DT  D 4 2  ? -21.165 -6.491  -5.584  1.00 143.86 ? 73  DT  D "H3'"  1 
ATOM   1204 H  "H2'"  . DT  D 4 2  ? -20.000 -6.794  -7.520  1.00 118.80 ? 73  DT  D "H2'"  1 
ATOM   1205 H  "H2''" . DT  D 4 2  ? -20.356 -5.239  -7.649  1.00 118.80 ? 73  DT  D "H2''" 1 
ATOM   1206 H  "H1'"  . DT  D 4 2  ? -18.347 -4.604  -6.843  1.00 131.07 ? 73  DT  D "H1'"  1 
ATOM   1207 H  H3     . DT  D 4 2  ? -15.505 -5.072  -10.164 1.00 108.90 ? 73  DT  D H3     1 
ATOM   1208 H  H71    . DT  D 4 2  ? -15.868 -9.532  -10.204 1.00 82.44  ? 73  DT  D H71    1 
ATOM   1209 H  H72    . DT  D 4 2  ? -16.177 -9.807  -8.674  1.00 82.44  ? 73  DT  D H72    1 
ATOM   1210 H  H73    . DT  D 4 2  ? -17.364 -9.714  -9.719  1.00 82.44  ? 73  DT  D H73    1 
ATOM   1211 H  H6     . DT  D 4 2  ? -17.910 -7.973  -7.783  1.00 99.29  ? 73  DT  D H6     1 
ATOM   1212 P  P      . DC  D 4 3  ? -22.213 -4.074  -5.164  1.00 117.93 ? 74  DC  D P      1 
ATOM   1213 O  OP1    . DC  D 4 3  ? -22.503 -3.619  -3.785  1.00 115.20 ? 74  DC  D OP1    1 
ATOM   1214 O  OP2    . DC  D 4 3  ? -23.081 -5.090  -5.801  1.00 121.42 ? 74  DC  D OP2    1 
ATOM   1215 O  "O5'"  . DC  D 4 3  ? -22.156 -2.801  -6.119  1.00 106.79 ? 74  DC  D "O5'"  1 
ATOM   1216 C  "C5'"  . DC  D 4 3  ? -21.254 -2.801  -7.209  1.00 103.53 ? 74  DC  D "C5'"  1 
ATOM   1217 C  "C4'"  . DC  D 4 3  ? -21.262 -1.471  -7.916  1.00 117.92 ? 74  DC  D "C4'"  1 
ATOM   1218 O  "O4'"  . DC  D 4 3  ? -20.257 -1.477  -8.957  1.00 107.47 ? 74  DC  D "O4'"  1 
ATOM   1219 C  "C3'"  . DC  D 4 3  ? -22.570 -1.138  -8.605  1.00 132.32 ? 74  DC  D "C3'"  1 
ATOM   1220 O  "O3'"  . DC  D 4 3  ? -22.805 0.265   -8.584  1.00 136.19 ? 74  DC  D "O3'"  1 
ATOM   1221 C  "C2'"  . DC  D 4 3  ? -22.379 -1.690  -10.018 1.00 124.61 ? 74  DC  D "C2'"  1 
ATOM   1222 C  "C1'"  . DC  D 4 3  ? -20.856 -1.697  -10.220 1.00 130.73 ? 74  DC  D "C1'"  1 
ATOM   1223 N  N1     . DC  D 4 3  ? -20.299 -2.984  -10.797 1.00 117.14 ? 74  DC  D N1     1 
ATOM   1224 C  C2     . DC  D 4 3  ? -19.222 -2.925  -11.692 1.00 99.20  ? 74  DC  D C2     1 
ATOM   1225 O  O2     . DC  D 4 3  ? -18.752 -1.825  -12.001 1.00 112.54 ? 74  DC  D O2     1 
ATOM   1226 N  N3     . DC  D 4 3  ? -18.725 -4.081  -12.200 1.00 92.77  ? 74  DC  D N3     1 
ATOM   1227 C  C4     . DC  D 4 3  ? -19.255 -5.252  -11.845 1.00 84.81  ? 74  DC  D C4     1 
ATOM   1228 N  N4     . DC  D 4 3  ? -18.729 -6.363  -12.373 1.00 77.66  ? 74  DC  D N4     1 
ATOM   1229 C  C5     . DC  D 4 3  ? -20.347 -5.336  -10.934 1.00 82.71  ? 74  DC  D C5     1 
ATOM   1230 C  C6     . DC  D 4 3  ? -20.831 -4.191  -10.437 1.00 114.68 ? 74  DC  D C6     1 
ATOM   1231 H  "H5'"  . DC  D 4 3  ? -21.512 -3.496  -7.835  1.00 124.23 ? 74  DC  D "H5'"  1 
ATOM   1232 H  "H5''" . DC  D 4 3  ? -20.359 -2.982  -6.882  1.00 124.23 ? 74  DC  D "H5''" 1 
ATOM   1233 H  "H4'"  . DC  D 4 3  ? -21.052 -0.771  -7.277  1.00 141.51 ? 74  DC  D "H4'"  1 
ATOM   1234 H  "H3'"  . DC  D 4 3  ? -23.299 -1.601  -8.166  1.00 158.79 ? 74  DC  D "H3'"  1 
ATOM   1235 H  "H2'"  . DC  D 4 3  ? -22.733 -2.591  -10.078 1.00 149.53 ? 74  DC  D "H2'"  1 
ATOM   1236 H  "H2''" . DC  D 4 3  ? -22.805 -1.112  -10.668 1.00 149.53 ? 74  DC  D "H2''" 1 
ATOM   1237 H  "H1'"  . DC  D 4 3  ? -20.619 -0.964  -10.810 1.00 156.88 ? 74  DC  D "H1'"  1 
ATOM   1238 H  H41    . DC  D 4 3  ? -19.040 -7.133  -12.151 1.00 93.19  ? 74  DC  D H41    1 
ATOM   1239 H  H42    . DC  D 4 3  ? -18.079 -6.306  -12.933 1.00 93.19  ? 74  DC  D H42    1 
ATOM   1240 H  H5     . DC  D 4 3  ? -20.712 -6.158  -10.694 1.00 99.25  ? 74  DC  D H5     1 
ATOM   1241 H  H6     . DC  D 4 3  ? -21.545 -4.217  -9.842  1.00 137.61 ? 74  DC  D H6     1 
ATOM   1242 P  P      . DA  D 4 4  ? -24.065 0.890   -9.358  1.00 146.56 ? 75  DA  D P      1 
ATOM   1243 O  OP1    . DA  D 4 4  ? -24.575 2.019   -8.549  1.00 136.28 ? 75  DA  D OP1    1 
ATOM   1244 O  OP2    . DA  D 4 4  ? -24.971 -0.221  -9.725  1.00 118.72 ? 75  DA  D OP2    1 
ATOM   1245 O  "O5'"  . DA  D 4 4  ? -23.414 1.466   -10.699 1.00 133.04 ? 75  DA  D "O5'"  1 
ATOM   1246 C  "C5'"  . DA  D 4 4  ? -22.074 1.936   -10.670 1.00 131.10 ? 75  DA  D "C5'"  1 
ATOM   1247 C  "C4'"  . DA  D 4 4  ? -21.707 2.627   -11.967 1.00 122.91 ? 75  DA  D "C4'"  1 
ATOM   1248 O  "O4'"  . DA  D 4 4  ? -21.244 1.648   -12.927 1.00 123.04 ? 75  DA  D "O4'"  1 
ATOM   1249 C  "C3'"  . DA  D 4 4  ? -22.848 3.364   -12.647 1.00 136.32 ? 75  DA  D "C3'"  1 
ATOM   1250 O  "O3'"  . DA  D 4 4  ? -22.356 4.533   -13.305 1.00 151.87 ? 75  DA  D "O3'"  1 
ATOM   1251 C  "C2'"  . DA  D 4 4  ? -23.427 2.320   -13.609 1.00 120.74 ? 75  DA  D "C2'"  1 
ATOM   1252 C  "C1'"  . DA  D 4 4  ? -22.258 1.362   -13.876 1.00 127.79 ? 75  DA  D "C1'"  1 
ATOM   1253 N  N9     . DA  D 4 4  ? -22.596 -0.061  -13.760 1.00 124.06 ? 75  DA  D N9     1 
ATOM   1254 C  C8     . DA  D 4 4  ? -23.604 -0.619  -13.021 1.00 117.27 ? 75  DA  D C8     1 
ATOM   1255 N  N7     . DA  D 4 4  ? -23.656 -1.927  -13.098 1.00 105.62 ? 75  DA  D N7     1 
ATOM   1256 C  C5     . DA  D 4 4  ? -22.613 -2.253  -13.946 1.00 101.11 ? 75  DA  D C5     1 
ATOM   1257 C  C6     . DA  D 4 4  ? -22.138 -3.485  -14.435 1.00 102.31 ? 75  DA  D C6     1 
ATOM   1258 N  N6     . DA  D 4 4  ? -22.684 -4.664  -14.114 1.00 98.61  ? 75  DA  D N6     1 
ATOM   1259 N  N1     . DA  D 4 4  ? -21.075 -3.461  -15.266 1.00 93.97  ? 75  DA  D N1     1 
ATOM   1260 C  C2     . DA  D 4 4  ? -20.531 -2.280  -15.582 1.00 100.79 ? 75  DA  D C2     1 
ATOM   1261 N  N3     . DA  D 4 4  ? -20.890 -1.058  -15.186 1.00 94.31  ? 75  DA  D N3     1 
ATOM   1262 C  C4     . DA  D 4 4  ? -21.947 -1.115  -14.361 1.00 102.95 ? 75  DA  D C4     1 
ATOM   1263 H  "H5'"  . DA  D 4 4  ? -21.477 1.184   -10.532 1.00 157.32 ? 75  DA  D "H5'"  1 
ATOM   1264 H  "H5''" . DA  D 4 4  ? -21.972 2.563   -9.937  1.00 157.32 ? 75  DA  D "H5''" 1 
ATOM   1265 H  "H4'"  . DA  D 4 4  ? -20.990 3.257   -11.793 1.00 147.49 ? 75  DA  D "H4'"  1 
ATOM   1266 H  "H3'"  . DA  D 4 4  ? -23.516 3.612   -11.989 1.00 163.59 ? 75  DA  D "H3'"  1 
ATOM   1267 H  "H2'"  . DA  D 4 4  ? -24.164 1.846   -13.191 1.00 144.89 ? 75  DA  D "H2'"  1 
ATOM   1268 H  "H2''" . DA  D 4 4  ? -23.716 2.740   -14.433 1.00 144.89 ? 75  DA  D "H2''" 1 
ATOM   1269 H  "H1'"  . DA  D 4 4  ? -21.911 1.531   -14.766 1.00 153.35 ? 75  DA  D "H1'"  1 
ATOM   1270 H  H8     . DA  D 4 4  ? -24.194 -0.117  -12.506 1.00 140.73 ? 75  DA  D H8     1 
ATOM   1271 H  H61    . DA  D 4 4  ? -22.362 -5.391  -14.441 1.00 118.33 ? 75  DA  D H61    1 
ATOM   1272 H  H62    . DA  D 4 4  ? -23.359 -4.695  -13.582 1.00 118.33 ? 75  DA  D H62    1 
ATOM   1273 H  H2     . DA  D 4 4  ? -19.801 -2.315  -16.157 1.00 120.95 ? 75  DA  D H2     1 
ATOM   1274 P  P      . DG  D 4 5  ? -23.246 5.316   -14.389 1.00 153.15 ? 76  DG  D P      1 
ATOM   1275 O  OP1    . DG  D 4 5  ? -22.899 6.751   -14.297 1.00 143.68 ? 76  DG  D OP1    1 
ATOM   1276 O  OP2    . DG  D 4 5  ? -24.656 4.893   -14.224 1.00 126.32 ? 76  DG  D OP2    1 
ATOM   1277 O  "O5'"  . DG  D 4 5  ? -22.707 4.744   -15.781 1.00 139.60 ? 76  DG  D "O5'"  1 
ATOM   1278 C  "C5'"  . DG  D 4 5  ? -21.313 4.493   -15.947 1.00 125.06 ? 76  DG  D "C5'"  1 
ATOM   1279 C  "C4'"  . DG  D 4 5  ? -21.042 3.743   -17.236 1.00 124.13 ? 76  DG  D "C4'"  1 
ATOM   1280 O  "O4'"  . DG  D 4 5  ? -21.334 2.330   -17.040 1.00 133.33 ? 76  DG  D "O4'"  1 
ATOM   1281 C  "C3'"  . DG  D 4 5  ? -21.886 4.196   -18.427 1.00 141.29 ? 76  DG  D "C3'"  1 
ATOM   1282 O  "O3'"  . DG  D 4 5  ? -21.091 4.289   -19.606 1.00 152.12 ? 76  DG  D "O3'"  1 
ATOM   1283 C  "C2'"  . DG  D 4 5  ? -22.960 3.119   -18.532 1.00 121.62 ? 76  DG  D "C2'"  1 
ATOM   1284 C  "C1'"  . DG  D 4 5  ? -22.233 1.879   -18.031 1.00 126.98 ? 76  DG  D "C1'"  1 
ATOM   1285 N  N9     . DG  D 4 5  ? -23.110 0.866   -17.444 1.00 117.55 ? 76  DG  D N9     1 
ATOM   1286 C  C8     . DG  D 4 5  ? -24.151 1.076   -16.572 1.00 121.76 ? 76  DG  D C8     1 
ATOM   1287 N  N7     . DG  D 4 5  ? -24.755 -0.021  -16.208 1.00 109.92 ? 76  DG  D N7     1 
ATOM   1288 C  C5     . DG  D 4 5  ? -24.070 -1.026  -16.877 1.00 103.85 ? 76  DG  D C5     1 
ATOM   1289 C  C6     . DG  D 4 5  ? -24.271 -2.427  -16.870 1.00 98.28  ? 76  DG  D C6     1 
ATOM   1290 O  O6     . DG  D 4 5  ? -25.126 -3.076  -16.250 1.00 97.00  ? 76  DG  D O6     1 
ATOM   1291 N  N1     . DG  D 4 5  ? -23.355 -3.084  -17.687 1.00 89.74  ? 76  DG  D N1     1 
ATOM   1292 C  C2     . DG  D 4 5  ? -22.369 -2.465  -18.419 1.00 97.03  ? 76  DG  D C2     1 
ATOM   1293 N  N2     . DG  D 4 5  ? -21.580 -3.267  -19.148 1.00 92.76  ? 76  DG  D N2     1 
ATOM   1294 N  N3     . DG  D 4 5  ? -22.168 -1.152  -18.433 1.00 95.72  ? 76  DG  D N3     1 
ATOM   1295 C  C4     . DG  D 4 5  ? -23.052 -0.497  -17.642 1.00 104.69 ? 76  DG  D C4     1 
ATOM   1296 H  "H5'"  . DG  D 4 5  ? -20.993 3.966   -15.199 1.00 150.08 ? 76  DG  D "H5'"  1 
ATOM   1297 H  "H5''" . DG  D 4 5  ? -20.838 5.339   -15.965 1.00 150.08 ? 76  DG  D "H5''" 1 
ATOM   1298 H  "H4'"  . DG  D 4 5  ? -20.104 3.840   -17.463 1.00 148.95 ? 76  DG  D "H4'"  1 
ATOM   1299 H  "H3'"  . DG  D 4 5  ? -22.297 5.053   -18.234 1.00 169.55 ? 76  DG  D "H3'"  1 
ATOM   1300 H  "HO3'" . DG  D 4 5  ? -21.304 3.853   -20.292 1.00 182.54 ? 76  DG  D "HO3'" 1 
ATOM   1301 H  "H2'"  . DG  D 4 5  ? -23.715 3.329   -17.961 1.00 145.95 ? 76  DG  D "H2'"  1 
ATOM   1302 H  "H2''" . DG  D 4 5  ? -23.242 3.003   -19.452 1.00 145.95 ? 76  DG  D "H2''" 1 
ATOM   1303 H  "H1'"  . DG  D 4 5  ? -21.732 1.485   -18.762 1.00 152.37 ? 76  DG  D "H1'"  1 
ATOM   1304 H  H8     . DG  D 4 5  ? -24.403 1.920   -16.273 1.00 146.11 ? 76  DG  D H8     1 
ATOM   1305 H  H1     . DG  D 4 5  ? -23.412 -3.940  -17.739 1.00 107.69 ? 76  DG  D H1     1 
ATOM   1306 H  H21    . DG  D 4 5  ? -20.949 -2.931  -19.625 1.00 111.31 ? 76  DG  D H21    1 
ATOM   1307 H  H22    . DG  D 4 5  ? -21.706 -4.118  -19.139 1.00 111.31 ? 76  DG  D H22    1 
HETATM 1308 AS AS     . CAC E 5 .  ? -1.171  3.260   3.354   1.00 168.18 ? 101 CAC A AS     1 
HETATM 1309 AS AS     . CAC F 5 .  ? -11.737 -10.832 -11.783 1.00 176.58 ? 101 CAC D AS     1 
# 
